data_6TRH
#
_entry.id   6TRH
#
_cell.length_a   82.295
_cell.length_b   82.720
_cell.length_c   465.317
_cell.angle_alpha   90.000
_cell.angle_beta   90.000
_cell.angle_gamma   90.000
#
_symmetry.space_group_name_H-M   'C 2 2 21'
#
loop_
_entity.id
_entity.type
_entity.pdbx_description
1 polymer 'Reducing-end xylose-releasing exo-oligoxylanase Rex8A'
2 branched alpha-L-arabinofuranose-(1-3)-[beta-D-xylopyranose-(1-4)]beta-D-xylopyranose-(1-4)-beta-D-xylopyranose-(1-4)-beta-D-xylopyranose
3 water water
#
_entity_poly.entity_id   1
_entity_poly.type   'polypeptide(L)'
_entity_poly.pdbx_seq_one_letter_code
;MNITGKGAYDTGTYANLFQRSGYREDEIKARLEQTWNDLFYGDEHTRIYYPVGDDKGYMLDTGNDDVRSAGMSYGMMMAV
QMDKKHEFDRLWNYAYTYMQHTEGRYKDYFAWHCKPDGTRLSPGPAPDGEEFFAMALFFASNRWGDGPAPYDYQAQARKI
LHACLHQGEQGEGDPMWEPSNRLIKFIPELPFSDPSYHLPHFYELFAQYANEQDRTFWKEAAEASRAYLRTACHPVTGLS
PEYANYDGTPAPVQLHGDFRHFYSDAYRVAANVALDWEWFRKDPWQVQQSNRIQAFFSDIDVSDYRRYTIEGEPFNEPAL
HPVGLLATNAMASLAADGPDADSFVKRFWNTPLRQGKRRYYDNCLYFFTMLALSGNYRVYQQAAA
;
_entity_poly.pdbx_strand_id   A,B,C,D
#
loop_
_chem_comp.id
_chem_comp.type
_chem_comp.name
_chem_comp.formula
AHR L-saccharide, alpha linking alpha-L-arabinofuranose 'C5 H10 O5'
XYP D-saccharide, beta linking beta-D-xylopyranose 'C5 H10 O5'
#
# COMPACT_ATOMS: atom_id res chain seq x y z
N GLY A 5 28.16 24.47 7.88
CA GLY A 5 27.25 24.66 6.70
C GLY A 5 27.61 23.78 5.52
N LYS A 6 26.80 23.87 4.46
CA LYS A 6 26.89 23.14 3.17
C LYS A 6 27.23 24.14 2.07
N GLY A 7 27.92 23.67 1.02
CA GLY A 7 28.44 24.51 -0.07
C GLY A 7 27.41 24.75 -1.16
N ALA A 8 27.77 25.55 -2.16
CA ALA A 8 26.90 25.86 -3.33
C ALA A 8 26.52 24.58 -4.08
N TYR A 9 27.39 23.56 -4.10
CA TYR A 9 27.10 22.26 -4.77
C TYR A 9 25.81 21.69 -4.16
N ASP A 10 25.70 21.70 -2.83
CA ASP A 10 24.55 21.14 -2.07
C ASP A 10 23.37 22.12 -2.08
N THR A 11 23.58 23.38 -1.74
CA THR A 11 22.50 24.38 -1.47
C THR A 11 21.99 25.00 -2.78
N GLY A 12 22.84 25.15 -3.79
CA GLY A 12 22.57 25.94 -5.00
C GLY A 12 22.59 27.44 -4.73
N THR A 13 23.00 27.85 -3.53
CA THR A 13 23.10 29.27 -3.11
C THR A 13 24.55 29.73 -3.34
N TYR A 14 24.71 30.81 -4.11
CA TYR A 14 26.03 31.40 -4.44
C TYR A 14 26.11 32.81 -3.83
N ALA A 15 27.13 33.03 -2.99
CA ALA A 15 27.42 34.34 -2.34
C ALA A 15 27.73 35.38 -3.41
N ASN A 16 27.09 36.55 -3.32
CA ASN A 16 27.35 37.76 -4.14
C ASN A 16 28.16 38.75 -3.29
N LEU A 17 29.49 38.61 -3.29
CA LEU A 17 30.42 39.38 -2.42
C LEU A 17 30.43 40.85 -2.83
N PHE A 18 30.14 41.16 -4.10
CA PHE A 18 30.03 42.55 -4.62
C PHE A 18 28.81 43.22 -3.96
N GLN A 19 27.69 42.48 -3.87
CA GLN A 19 26.46 42.94 -3.18
C GLN A 19 26.78 43.15 -1.70
N ARG A 20 27.43 42.17 -1.07
CA ARG A 20 27.87 42.21 0.35
C ARG A 20 28.76 43.44 0.61
N SER A 21 29.55 43.84 -0.39
CA SER A 21 30.49 44.98 -0.34
C SER A 21 29.74 46.32 -0.50
N GLY A 22 28.48 46.28 -0.95
CA GLY A 22 27.58 47.45 -1.01
C GLY A 22 27.17 47.83 -2.43
N TYR A 23 27.74 47.17 -3.45
CA TYR A 23 27.40 47.44 -4.88
C TYR A 23 25.99 46.95 -5.18
N ARG A 24 25.33 47.59 -6.16
CA ARG A 24 23.94 47.26 -6.57
C ARG A 24 23.95 46.06 -7.52
N GLU A 25 22.91 45.23 -7.44
CA GLU A 25 22.72 44.01 -8.28
C GLU A 25 22.80 44.41 -9.76
N ASP A 26 22.05 45.45 -10.13
CA ASP A 26 21.97 46.03 -11.50
C ASP A 26 23.39 46.26 -12.00
N GLU A 27 24.15 47.07 -11.26
CA GLU A 27 25.56 47.45 -11.51
C GLU A 27 26.41 46.21 -11.79
N ILE A 28 26.30 45.21 -10.91
CA ILE A 28 27.18 43.99 -10.87
C ILE A 28 27.00 43.21 -12.17
N LYS A 29 25.75 42.94 -12.57
CA LYS A 29 25.42 42.10 -13.76
C LYS A 29 25.85 42.83 -15.03
N ALA A 30 25.66 44.16 -15.08
CA ALA A 30 26.11 45.05 -16.18
C ALA A 30 27.64 44.97 -16.32
N ARG A 31 28.34 45.03 -15.18
CA ARG A 31 29.82 45.01 -15.09
C ARG A 31 30.35 43.65 -15.57
N LEU A 32 29.65 42.55 -15.25
CA LEU A 32 30.03 41.18 -15.69
C LEU A 32 29.90 41.08 -17.22
N GLU A 33 28.77 41.55 -17.76
CA GLU A 33 28.45 41.48 -19.22
C GLU A 33 29.49 42.31 -20.00
N GLN A 34 29.82 43.51 -19.51
CA GLN A 34 30.81 44.42 -20.14
C GLN A 34 32.17 43.71 -20.23
N THR A 35 32.59 43.05 -19.14
CA THR A 35 33.87 42.28 -19.05
C THR A 35 33.90 41.18 -20.12
N TRP A 36 32.79 40.44 -20.28
CA TRP A 36 32.66 39.41 -21.36
C TRP A 36 32.86 40.08 -22.72
N ASN A 37 32.11 41.17 -22.99
CA ASN A 37 32.08 41.86 -24.30
C ASN A 37 33.47 42.40 -24.66
N ASP A 38 34.21 42.91 -23.68
CA ASP A 38 35.56 43.52 -23.89
C ASP A 38 36.58 42.42 -24.20
N LEU A 39 36.57 41.33 -23.43
CA LEU A 39 37.59 40.25 -23.54
C LEU A 39 37.39 39.44 -24.81
N PHE A 40 36.14 39.34 -25.29
CA PHE A 40 35.75 38.46 -26.42
C PHE A 40 35.47 39.27 -27.69
N TYR A 41 34.97 40.51 -27.55
CA TYR A 41 34.51 41.35 -28.70
C TYR A 41 34.95 42.81 -28.53
N GLY A 42 36.08 43.03 -27.86
CA GLY A 42 36.65 44.37 -27.62
C GLY A 42 37.59 44.80 -28.73
N ASP A 43 38.38 45.86 -28.49
CA ASP A 43 39.34 46.44 -29.47
C ASP A 43 40.65 45.64 -29.43
N GLU A 44 41.63 46.03 -30.26
CA GLU A 44 42.85 45.25 -30.58
C GLU A 44 43.85 45.27 -29.41
N HIS A 45 43.60 46.09 -28.38
CA HIS A 45 44.49 46.28 -27.21
C HIS A 45 43.85 45.68 -25.95
N THR A 46 42.70 45.01 -26.09
CA THR A 46 41.86 44.52 -24.96
C THR A 46 41.47 43.06 -25.20
N ARG A 47 40.74 42.79 -26.29
CA ARG A 47 40.18 41.44 -26.62
C ARG A 47 41.31 40.41 -26.63
N ILE A 48 41.03 39.19 -26.16
CA ILE A 48 41.98 38.04 -26.19
C ILE A 48 41.36 36.86 -26.96
N TYR A 49 40.11 37.00 -27.44
CA TYR A 49 39.38 35.99 -28.25
C TYR A 49 39.31 36.44 -29.71
N TYR A 50 39.53 35.50 -30.64
CA TYR A 50 39.58 35.74 -32.10
C TYR A 50 38.84 34.62 -32.82
N PRO A 51 37.65 34.90 -33.41
CA PRO A 51 36.91 33.88 -34.18
C PRO A 51 37.59 33.62 -35.54
N VAL A 52 37.67 32.35 -35.94
CA VAL A 52 38.35 31.86 -37.17
C VAL A 52 37.34 31.06 -38.00
N GLY A 53 37.10 31.49 -39.24
CA GLY A 53 36.11 30.86 -40.15
C GLY A 53 34.71 30.98 -39.59
N ASP A 54 33.92 29.90 -39.68
CA ASP A 54 32.48 29.87 -39.29
C ASP A 54 32.27 29.00 -38.04
N ASP A 55 33.21 28.09 -37.73
CA ASP A 55 33.02 27.03 -36.69
C ASP A 55 34.25 26.94 -35.77
N LYS A 56 35.09 27.99 -35.70
CA LYS A 56 36.35 27.96 -34.91
C LYS A 56 36.66 29.32 -34.31
N GLY A 57 37.59 29.34 -33.36
CA GLY A 57 38.04 30.53 -32.61
C GLY A 57 39.02 30.13 -31.52
N TYR A 58 39.85 31.07 -31.05
CA TYR A 58 40.94 30.79 -30.07
C TYR A 58 41.13 31.96 -29.10
N MET A 59 41.78 31.65 -27.98
CA MET A 59 42.26 32.61 -26.94
C MET A 59 43.78 32.77 -27.11
N LEU A 60 44.24 33.99 -27.41
CA LEU A 60 45.66 34.30 -27.73
C LEU A 60 46.40 34.69 -26.46
N ASP A 61 47.50 33.99 -26.13
CA ASP A 61 48.52 34.50 -25.18
C ASP A 61 49.28 35.63 -25.87
N THR A 62 48.75 36.85 -25.75
CA THR A 62 49.29 38.11 -26.34
C THR A 62 50.76 38.27 -25.95
N GLY A 63 51.08 37.94 -24.70
CA GLY A 63 52.44 38.01 -24.12
C GLY A 63 53.44 37.15 -24.88
N ASN A 64 53.02 35.99 -25.38
CA ASN A 64 53.92 34.99 -26.02
C ASN A 64 53.54 34.76 -27.49
N ASP A 65 52.52 35.46 -28.00
CA ASP A 65 52.06 35.39 -29.42
C ASP A 65 51.75 33.94 -29.83
N ASP A 66 51.22 33.12 -28.91
CA ASP A 66 50.85 31.71 -29.18
C ASP A 66 49.49 31.40 -28.54
N VAL A 67 48.91 30.24 -28.88
CA VAL A 67 47.61 29.74 -28.37
C VAL A 67 47.89 28.55 -27.46
N ARG A 68 47.61 28.68 -26.17
CA ARG A 68 47.96 27.67 -25.13
C ARG A 68 46.73 26.80 -24.83
N SER A 69 46.95 25.59 -24.29
CA SER A 69 45.89 24.62 -23.92
C SER A 69 45.13 25.16 -22.70
N ALA A 70 45.87 25.68 -21.71
CA ALA A 70 45.35 26.34 -20.48
C ALA A 70 44.40 27.48 -20.87
N GLY A 71 44.79 28.30 -21.85
CA GLY A 71 44.04 29.47 -22.33
C GLY A 71 42.74 29.08 -23.03
N MET A 72 42.81 28.15 -23.98
CA MET A 72 41.66 27.62 -24.75
C MET A 72 40.64 27.02 -23.77
N SER A 73 41.12 26.31 -22.75
CA SER A 73 40.33 25.62 -21.71
C SER A 73 39.69 26.65 -20.77
N TYR A 74 40.43 27.69 -20.38
CA TYR A 74 39.90 28.87 -19.63
C TYR A 74 38.75 29.49 -20.42
N GLY A 75 38.94 29.66 -21.73
CA GLY A 75 37.95 30.27 -22.65
C GLY A 75 36.64 29.50 -22.69
N MET A 76 36.74 28.16 -22.74
CA MET A 76 35.54 27.27 -22.80
C MET A 76 34.75 27.38 -21.49
N MET A 77 35.43 27.33 -20.34
CA MET A 77 34.80 27.50 -19.01
C MET A 77 34.12 28.87 -18.95
N MET A 78 34.81 29.94 -19.35
CA MET A 78 34.23 31.31 -19.41
C MET A 78 32.92 31.28 -20.23
N ALA A 79 32.95 30.63 -21.40
CA ALA A 79 31.82 30.52 -22.36
C ALA A 79 30.62 29.83 -21.70
N VAL A 80 30.82 28.63 -21.13
CA VAL A 80 29.71 27.78 -20.58
C VAL A 80 29.15 28.41 -19.31
N GLN A 81 30.00 29.04 -18.49
CA GLN A 81 29.60 29.76 -17.24
C GLN A 81 28.72 30.97 -17.58
N MET A 82 28.90 31.55 -18.77
CA MET A 82 28.16 32.75 -19.25
C MET A 82 27.02 32.37 -20.19
N ASP A 83 26.80 31.07 -20.44
CA ASP A 83 25.75 30.54 -21.36
C ASP A 83 26.01 31.08 -22.77
N LYS A 84 27.21 30.83 -23.30
CA LYS A 84 27.69 31.33 -24.63
C LYS A 84 28.09 30.14 -25.51
N LYS A 85 27.12 29.34 -25.93
CA LYS A 85 27.33 28.06 -26.65
C LYS A 85 28.16 28.29 -27.92
N HIS A 86 27.77 29.26 -28.75
CA HIS A 86 28.39 29.56 -30.06
C HIS A 86 29.92 29.71 -29.90
N GLU A 87 30.34 30.50 -28.92
CA GLU A 87 31.77 30.78 -28.61
C GLU A 87 32.43 29.52 -28.02
N PHE A 88 31.73 28.82 -27.11
CA PHE A 88 32.23 27.58 -26.46
C PHE A 88 32.63 26.58 -27.56
N ASP A 89 31.74 26.36 -28.53
CA ASP A 89 31.86 25.35 -29.60
C ASP A 89 33.02 25.71 -30.53
N ARG A 90 33.18 26.99 -30.87
CA ARG A 90 34.28 27.51 -31.73
C ARG A 90 35.62 27.16 -31.08
N LEU A 91 35.77 27.41 -29.79
CA LEU A 91 37.01 27.16 -29.00
C LEU A 91 37.31 25.65 -29.00
N TRP A 92 36.34 24.84 -28.58
CA TRP A 92 36.48 23.37 -28.48
C TRP A 92 36.86 22.78 -29.84
N ASN A 93 36.24 23.28 -30.93
CA ASN A 93 36.50 22.81 -32.31
C ASN A 93 37.98 23.07 -32.67
N TYR A 94 38.52 24.22 -32.26
CA TYR A 94 39.93 24.62 -32.50
C TYR A 94 40.87 23.65 -31.76
N ALA A 95 40.56 23.38 -30.49
CA ALA A 95 41.36 22.49 -29.59
C ALA A 95 41.37 21.06 -30.13
N TYR A 96 40.17 20.50 -30.36
CA TYR A 96 39.93 19.12 -30.87
C TYR A 96 40.67 18.91 -32.19
N THR A 97 40.58 19.88 -33.10
CA THR A 97 41.17 19.81 -34.46
C THR A 97 42.70 19.81 -34.37
N TYR A 98 43.30 20.92 -33.94
CA TYR A 98 44.73 21.26 -34.11
C TYR A 98 45.59 20.66 -32.98
N MET A 99 45.05 20.61 -31.75
CA MET A 99 45.85 20.42 -30.51
C MET A 99 45.76 18.98 -30.00
N GLN A 100 44.59 18.33 -30.09
CA GLN A 100 44.37 16.98 -29.51
C GLN A 100 45.09 15.92 -30.35
N HIS A 101 45.98 15.14 -29.73
CA HIS A 101 46.67 13.97 -30.34
C HIS A 101 45.66 12.87 -30.67
N THR A 102 45.76 12.27 -31.85
CA THR A 102 44.96 11.09 -32.28
C THR A 102 45.84 9.83 -32.28
N GLU A 103 47.15 9.98 -32.06
CA GLU A 103 48.15 8.88 -32.08
C GLU A 103 49.32 9.24 -31.17
N GLY A 104 50.18 8.25 -30.89
CA GLY A 104 51.45 8.43 -30.15
C GLY A 104 51.26 8.30 -28.64
N ARG A 105 52.33 8.57 -27.89
CA ARG A 105 52.40 8.45 -26.40
C ARG A 105 51.45 9.46 -25.73
N TYR A 106 50.98 10.47 -26.48
CA TYR A 106 50.14 11.59 -25.96
C TYR A 106 48.71 11.46 -26.49
N LYS A 107 48.32 10.31 -27.04
CA LYS A 107 46.99 10.09 -27.65
C LYS A 107 45.90 10.59 -26.68
N ASP A 108 45.03 11.50 -27.16
CA ASP A 108 43.86 12.06 -26.45
C ASP A 108 44.26 13.25 -25.56
N TYR A 109 45.55 13.44 -25.27
CA TYR A 109 46.11 14.68 -24.65
C TYR A 109 46.12 15.79 -25.70
N PHE A 110 46.44 17.02 -25.27
CA PHE A 110 46.48 18.24 -26.12
C PHE A 110 47.90 18.81 -26.15
N ALA A 111 48.39 19.13 -27.35
CA ALA A 111 49.65 19.89 -27.59
C ALA A 111 49.55 21.25 -26.88
N TRP A 112 50.43 21.50 -25.91
CA TRP A 112 50.23 22.52 -24.84
C TRP A 112 50.20 23.95 -25.43
N HIS A 113 50.82 24.19 -26.58
CA HIS A 113 50.72 25.49 -27.31
C HIS A 113 50.98 25.30 -28.82
N CYS A 114 50.30 26.12 -29.64
CA CYS A 114 50.38 26.13 -31.11
C CYS A 114 50.30 27.58 -31.62
N LYS A 115 50.45 27.77 -32.94
CA LYS A 115 50.35 29.08 -33.63
C LYS A 115 48.88 29.41 -33.87
N PRO A 116 48.50 30.71 -34.01
CA PRO A 116 47.12 31.09 -34.31
C PRO A 116 46.47 30.34 -35.48
N ASP A 117 47.25 29.99 -36.51
CA ASP A 117 46.77 29.23 -37.69
C ASP A 117 46.48 27.78 -37.29
N GLY A 118 47.16 27.27 -36.26
CA GLY A 118 46.94 25.93 -35.69
C GLY A 118 48.19 25.05 -35.71
N THR A 119 49.31 25.57 -36.21
CA THR A 119 50.61 24.86 -36.32
C THR A 119 51.20 24.67 -34.91
N ARG A 120 51.38 23.42 -34.48
CA ARG A 120 51.88 23.06 -33.12
C ARG A 120 53.32 23.57 -32.97
N LEU A 121 53.68 23.97 -31.75
CA LEU A 121 55.02 24.53 -31.40
C LEU A 121 55.75 23.56 -30.47
N SER A 122 55.00 22.81 -29.63
CA SER A 122 55.46 21.64 -28.86
C SER A 122 54.38 20.56 -28.87
N PRO A 123 54.73 19.26 -28.96
CA PRO A 123 53.74 18.19 -28.93
C PRO A 123 53.27 17.83 -27.51
N GLY A 124 54.15 17.95 -26.52
CA GLY A 124 53.88 17.63 -25.10
C GLY A 124 52.70 18.43 -24.55
N PRO A 125 51.97 17.90 -23.54
CA PRO A 125 50.79 18.56 -22.98
C PRO A 125 50.95 19.29 -21.65
N ALA A 126 49.99 20.15 -21.28
CA ALA A 126 49.93 20.83 -19.97
C ALA A 126 48.66 20.38 -19.23
N PRO A 127 48.79 19.60 -18.14
CA PRO A 127 47.63 18.99 -17.46
C PRO A 127 46.53 19.94 -16.97
N ASP A 128 46.87 21.18 -16.61
CA ASP A 128 45.89 22.19 -16.16
C ASP A 128 44.89 22.48 -17.29
N GLY A 129 45.31 22.34 -18.55
CA GLY A 129 44.44 22.45 -19.72
C GLY A 129 43.42 21.31 -19.76
N GLU A 130 43.91 20.07 -19.77
CA GLU A 130 43.12 18.80 -19.80
C GLU A 130 41.97 18.85 -18.79
N GLU A 131 42.27 19.13 -17.51
CA GLU A 131 41.26 19.12 -16.42
C GLU A 131 40.22 20.22 -16.67
N PHE A 132 40.64 21.41 -17.10
CA PHE A 132 39.73 22.54 -17.41
C PHE A 132 38.85 22.18 -18.62
N PHE A 133 39.44 21.58 -19.65
CA PHE A 133 38.74 21.05 -20.86
C PHE A 133 37.62 20.11 -20.41
N ALA A 134 37.96 19.14 -19.55
CA ALA A 134 37.07 18.08 -19.01
C ALA A 134 35.92 18.71 -18.23
N MET A 135 36.22 19.60 -17.28
CA MET A 135 35.21 20.25 -16.40
C MET A 135 34.26 21.08 -17.25
N ALA A 136 34.80 21.88 -18.18
CA ALA A 136 34.05 22.77 -19.10
C ALA A 136 33.07 21.94 -19.95
N LEU A 137 33.55 20.81 -20.46
CA LEU A 137 32.80 19.90 -21.39
C LEU A 137 31.61 19.29 -20.64
N PHE A 138 31.82 18.79 -19.42
CA PHE A 138 30.76 18.23 -18.54
C PHE A 138 29.68 19.28 -18.29
N PHE A 139 30.07 20.52 -18.01
CA PHE A 139 29.13 21.66 -17.78
C PHE A 139 28.33 21.95 -19.05
N ALA A 140 28.98 21.88 -20.23
CA ALA A 140 28.35 22.04 -21.56
C ALA A 140 27.29 20.94 -21.75
N SER A 141 27.63 19.69 -21.45
CA SER A 141 26.69 18.54 -21.52
C SER A 141 25.48 18.81 -20.61
N ASN A 142 25.76 19.14 -19.34
CA ASN A 142 24.75 19.35 -18.26
C ASN A 142 23.86 20.57 -18.57
N ARG A 143 24.41 21.61 -19.19
CA ARG A 143 23.68 22.89 -19.49
C ARG A 143 22.91 22.80 -20.81
N TRP A 144 23.56 22.32 -21.87
CA TRP A 144 23.05 22.38 -23.27
C TRP A 144 22.60 21.01 -23.77
N GLY A 145 23.15 19.93 -23.21
CA GLY A 145 22.97 18.56 -23.71
C GLY A 145 24.00 18.22 -24.79
N ASP A 146 24.41 16.95 -24.86
CA ASP A 146 25.39 16.46 -25.86
C ASP A 146 24.83 16.69 -27.27
N GLY A 147 25.59 17.36 -28.12
CA GLY A 147 25.33 17.48 -29.57
C GLY A 147 25.98 16.33 -30.33
N PRO A 148 25.91 16.30 -31.68
CA PRO A 148 26.64 15.31 -32.47
C PRO A 148 28.15 15.57 -32.41
N ALA A 149 28.96 14.51 -32.45
CA ALA A 149 30.44 14.56 -32.40
C ALA A 149 30.95 15.59 -33.40
N PRO A 150 32.00 16.38 -33.09
CA PRO A 150 32.75 16.25 -31.84
C PRO A 150 32.13 16.94 -30.61
N TYR A 151 30.88 17.38 -30.72
CA TYR A 151 30.16 18.17 -29.67
C TYR A 151 29.32 17.24 -28.77
N ASP A 152 29.71 15.96 -28.68
CA ASP A 152 29.20 15.00 -27.65
C ASP A 152 30.01 15.22 -26.37
N TYR A 153 29.67 16.29 -25.63
CA TYR A 153 30.54 16.96 -24.62
C TYR A 153 30.98 15.98 -23.53
N GLN A 154 30.04 15.34 -22.83
CA GLN A 154 30.36 14.45 -21.67
C GLN A 154 31.25 13.28 -22.13
N ALA A 155 31.06 12.80 -23.36
CA ALA A 155 31.82 11.66 -23.94
C ALA A 155 33.28 12.08 -24.20
N GLN A 156 33.47 13.28 -24.77
CA GLN A 156 34.80 13.87 -25.02
C GLN A 156 35.54 14.04 -23.68
N ALA A 157 34.84 14.52 -22.65
CA ALA A 157 35.37 14.70 -21.27
C ALA A 157 35.89 13.36 -20.72
N ARG A 158 35.04 12.32 -20.74
CA ARG A 158 35.37 10.99 -20.15
C ARG A 158 36.60 10.41 -20.87
N LYS A 159 36.71 10.62 -22.19
CA LYS A 159 37.85 10.11 -23.02
C LYS A 159 39.15 10.76 -22.55
N ILE A 160 39.11 12.07 -22.25
CA ILE A 160 40.28 12.87 -21.78
C ILE A 160 40.72 12.37 -20.40
N LEU A 161 39.78 12.23 -19.45
CA LEU A 161 40.08 11.83 -18.05
C LEU A 161 40.51 10.36 -17.97
N HIS A 162 40.11 9.54 -18.93
CA HIS A 162 40.56 8.14 -19.09
C HIS A 162 42.07 8.13 -19.39
N ALA A 163 42.48 8.86 -20.43
CA ALA A 163 43.89 9.11 -20.82
C ALA A 163 44.68 9.59 -19.59
N CYS A 164 44.18 10.63 -18.92
CA CYS A 164 44.82 11.29 -17.74
C CYS A 164 45.27 10.26 -16.70
N LEU A 165 44.47 9.22 -16.45
CA LEU A 165 44.75 8.21 -15.39
C LEU A 165 45.40 6.95 -15.96
N HIS A 166 45.17 6.62 -17.23
CA HIS A 166 45.48 5.29 -17.83
C HIS A 166 46.46 5.37 -19.01
N GLN A 167 47.09 6.53 -19.29
CA GLN A 167 47.86 6.75 -20.55
C GLN A 167 49.01 5.74 -20.76
N GLY A 168 49.57 5.10 -19.73
CA GLY A 168 50.77 4.24 -19.85
C GLY A 168 50.46 2.76 -20.11
N GLU A 169 49.21 2.37 -19.89
CA GLU A 169 48.70 0.98 -19.93
C GLU A 169 48.63 0.48 -21.38
N GLN A 170 48.55 1.39 -22.36
CA GLN A 170 48.32 1.06 -23.80
C GLN A 170 49.65 0.98 -24.57
N GLY A 171 50.73 0.58 -23.89
CA GLY A 171 52.09 0.53 -24.44
C GLY A 171 52.98 1.61 -23.84
N GLU A 172 53.01 2.80 -24.48
CA GLU A 172 53.93 3.90 -24.08
C GLU A 172 53.14 5.21 -23.93
N GLY A 173 53.65 6.09 -23.05
CA GLY A 173 52.95 7.27 -22.52
C GLY A 173 52.98 7.25 -21.00
N ASP A 174 52.63 8.36 -20.34
CA ASP A 174 52.65 8.49 -18.87
C ASP A 174 51.33 9.14 -18.42
N PRO A 175 50.79 8.80 -17.23
CA PRO A 175 49.55 9.40 -16.76
C PRO A 175 49.80 10.79 -16.16
N MET A 176 48.78 11.65 -16.18
CA MET A 176 48.86 13.04 -15.65
C MET A 176 48.66 13.03 -14.12
N TRP A 177 48.13 11.93 -13.57
CA TRP A 177 48.05 11.70 -12.10
C TRP A 177 49.02 10.56 -11.73
N GLU A 178 49.85 10.80 -10.72
CA GLU A 178 50.76 9.77 -10.14
C GLU A 178 49.89 8.79 -9.33
N PRO A 179 49.77 7.51 -9.76
CA PRO A 179 48.91 6.54 -9.07
C PRO A 179 49.11 6.45 -7.55
N SER A 180 50.37 6.52 -7.09
CA SER A 180 50.78 6.26 -5.69
C SER A 180 50.18 7.31 -4.73
N ASN A 181 50.14 8.59 -5.12
CA ASN A 181 49.76 9.72 -4.23
C ASN A 181 48.46 10.41 -4.69
N ARG A 182 47.95 10.09 -5.89
CA ARG A 182 46.67 10.62 -6.45
C ARG A 182 46.79 12.13 -6.71
N LEU A 183 48.00 12.62 -7.01
CA LEU A 183 48.30 14.06 -7.25
C LEU A 183 48.51 14.29 -8.75
N ILE A 184 47.85 15.29 -9.33
CA ILE A 184 48.13 15.78 -10.71
C ILE A 184 49.62 16.08 -10.80
N LYS A 185 50.22 15.92 -11.98
CA LYS A 185 51.67 16.11 -12.24
C LYS A 185 51.88 17.43 -13.00
N PHE A 186 53.11 17.96 -12.98
CA PHE A 186 53.50 19.15 -13.80
C PHE A 186 53.36 18.77 -15.28
N ILE A 187 54.02 17.69 -15.69
CA ILE A 187 53.84 17.04 -17.02
C ILE A 187 53.90 15.53 -16.81
N PRO A 188 53.44 14.71 -17.78
CA PRO A 188 53.41 13.25 -17.61
C PRO A 188 54.74 12.64 -17.15
N GLU A 189 55.87 13.18 -17.65
CA GLU A 189 57.22 12.57 -17.54
C GLU A 189 57.83 12.81 -16.14
N LEU A 190 57.69 14.03 -15.59
CA LEU A 190 58.46 14.47 -14.39
C LEU A 190 57.71 14.13 -13.11
N PRO A 191 58.38 13.59 -12.07
CA PRO A 191 57.71 13.20 -10.82
C PRO A 191 57.60 14.34 -9.79
N PHE A 192 57.17 15.52 -10.23
CA PHE A 192 56.80 16.67 -9.36
C PHE A 192 55.55 17.35 -9.94
N SER A 193 55.03 18.37 -9.26
CA SER A 193 53.71 18.97 -9.51
C SER A 193 53.77 20.50 -9.54
N ASP A 194 52.59 21.11 -9.64
CA ASP A 194 52.34 22.58 -9.68
C ASP A 194 51.15 22.86 -8.77
N PRO A 195 51.32 23.55 -7.61
CA PRO A 195 50.20 23.81 -6.70
C PRO A 195 48.95 24.36 -7.40
N SER A 196 49.15 25.28 -8.36
CA SER A 196 48.09 25.98 -9.12
C SER A 196 47.26 25.00 -9.98
N TYR A 197 47.76 23.79 -10.23
CA TYR A 197 47.09 22.77 -11.07
C TYR A 197 46.03 22.02 -10.24
N HIS A 198 46.08 22.12 -8.92
CA HIS A 198 45.21 21.32 -8.01
C HIS A 198 43.82 21.93 -7.87
N LEU A 199 42.84 21.28 -8.48
CA LEU A 199 41.41 21.67 -8.48
C LEU A 199 40.59 20.57 -7.79
N PRO A 200 40.67 20.42 -6.46
CA PRO A 200 39.96 19.35 -5.76
C PRO A 200 38.44 19.43 -6.00
N HIS A 201 37.91 20.66 -6.09
CA HIS A 201 36.50 20.97 -6.43
C HIS A 201 36.12 20.33 -7.78
N PHE A 202 36.95 20.47 -8.81
CA PHE A 202 36.75 19.86 -10.17
C PHE A 202 36.72 18.33 -10.06
N TYR A 203 37.50 17.75 -9.14
CA TYR A 203 37.71 16.28 -9.02
C TYR A 203 36.49 15.64 -8.35
N GLU A 204 35.84 16.38 -7.43
CA GLU A 204 34.53 16.02 -6.83
C GLU A 204 33.51 15.76 -7.94
N LEU A 205 33.52 16.60 -8.97
CA LEU A 205 32.55 16.59 -10.10
C LEU A 205 32.97 15.55 -11.15
N PHE A 206 34.25 15.29 -11.29
CA PHE A 206 34.78 14.15 -12.09
C PHE A 206 34.31 12.84 -11.44
N ALA A 207 34.31 12.78 -10.11
CA ALA A 207 33.85 11.61 -9.33
C ALA A 207 32.38 11.32 -9.61
N GLN A 208 31.67 12.28 -10.21
CA GLN A 208 30.23 12.16 -10.54
C GLN A 208 30.07 11.81 -12.03
N TYR A 209 30.95 12.29 -12.90
CA TYR A 209 30.70 12.24 -14.36
C TYR A 209 31.76 11.44 -15.14
N ALA A 210 32.84 11.03 -14.49
CA ALA A 210 33.94 10.27 -15.13
C ALA A 210 33.47 8.83 -15.39
N ASN A 211 34.17 8.09 -16.24
CA ASN A 211 34.02 6.62 -16.41
C ASN A 211 33.92 5.98 -15.02
N GLU A 212 33.02 4.99 -14.86
CA GLU A 212 32.62 4.43 -13.55
C GLU A 212 33.83 3.87 -12.79
N GLN A 213 34.75 3.20 -13.49
CA GLN A 213 35.95 2.56 -12.88
C GLN A 213 36.83 3.60 -12.16
N ASP A 214 36.80 4.87 -12.58
CA ASP A 214 37.73 5.93 -12.12
C ASP A 214 37.15 6.79 -10.99
N ARG A 215 35.86 6.63 -10.66
CA ARG A 215 35.14 7.58 -9.77
C ARG A 215 35.76 7.56 -8.36
N THR A 216 36.13 6.39 -7.86
CA THR A 216 36.84 6.21 -6.56
C THR A 216 38.12 7.05 -6.59
N PHE A 217 38.93 6.90 -7.64
CA PHE A 217 40.22 7.63 -7.80
C PHE A 217 39.97 9.13 -7.62
N TRP A 218 39.01 9.69 -8.36
CA TRP A 218 38.74 11.16 -8.40
C TRP A 218 38.35 11.68 -7.02
N LYS A 219 37.54 10.92 -6.28
CA LYS A 219 37.08 11.24 -4.90
C LYS A 219 38.28 11.26 -3.94
N GLU A 220 39.15 10.25 -4.05
CA GLU A 220 40.42 10.14 -3.28
C GLU A 220 41.33 11.33 -3.65
N ALA A 221 41.41 11.67 -4.93
CA ALA A 221 42.25 12.75 -5.51
C ALA A 221 41.78 14.11 -5.01
N ALA A 222 40.46 14.31 -4.86
CA ALA A 222 39.86 15.52 -4.26
C ALA A 222 40.46 15.75 -2.88
N GLU A 223 40.50 14.71 -2.03
CA GLU A 223 41.02 14.80 -0.64
C GLU A 223 42.56 14.89 -0.65
N ALA A 224 43.22 14.21 -1.60
CA ALA A 224 44.69 14.21 -1.76
C ALA A 224 45.18 15.62 -2.09
N SER A 225 44.50 16.31 -3.00
CA SER A 225 44.84 17.67 -3.48
C SER A 225 44.61 18.72 -2.38
N ARG A 226 43.51 18.60 -1.62
CA ARG A 226 43.23 19.44 -0.43
C ARG A 226 44.39 19.29 0.56
N ALA A 227 44.85 18.06 0.80
CA ALA A 227 45.97 17.72 1.71
C ALA A 227 47.29 18.31 1.19
N TYR A 228 47.53 18.20 -0.12
CA TYR A 228 48.75 18.69 -0.81
C TYR A 228 48.88 20.21 -0.68
N LEU A 229 47.76 20.93 -0.85
CA LEU A 229 47.73 22.42 -0.86
C LEU A 229 48.01 22.95 0.56
N ARG A 230 47.72 22.15 1.60
CA ARG A 230 48.06 22.50 3.01
C ARG A 230 49.59 22.41 3.19
N THR A 231 50.26 21.56 2.42
CA THR A 231 51.74 21.33 2.48
C THR A 231 52.47 22.28 1.51
N ALA A 232 51.76 22.83 0.51
CA ALA A 232 52.34 23.67 -0.56
C ALA A 232 52.39 25.14 -0.12
N CYS A 233 51.37 25.60 0.63
CA CYS A 233 51.22 27.00 1.10
C CYS A 233 52.01 27.22 2.39
N HIS A 234 52.88 28.23 2.42
CA HIS A 234 53.63 28.66 3.63
C HIS A 234 52.63 28.94 4.76
N PRO A 235 52.86 28.42 5.99
CA PRO A 235 51.87 28.52 7.07
C PRO A 235 51.72 29.92 7.70
N VAL A 236 52.57 30.87 7.33
CA VAL A 236 52.49 32.29 7.83
C VAL A 236 51.87 33.17 6.74
N THR A 237 52.52 33.24 5.57
CA THR A 237 52.21 34.18 4.47
C THR A 237 51.07 33.65 3.60
N GLY A 238 50.93 32.32 3.50
CA GLY A 238 49.97 31.66 2.59
C GLY A 238 50.39 31.78 1.13
N LEU A 239 51.68 32.04 0.89
CA LEU A 239 52.30 32.03 -0.47
C LEU A 239 52.71 30.60 -0.79
N SER A 240 52.90 30.29 -2.07
CA SER A 240 53.22 28.93 -2.59
C SER A 240 54.16 29.04 -3.78
N PRO A 241 55.01 28.02 -4.04
CA PRO A 241 55.91 28.04 -5.19
C PRO A 241 55.15 27.77 -6.49
N GLU A 242 55.74 28.08 -7.64
CA GLU A 242 55.16 27.82 -8.98
C GLU A 242 55.24 26.31 -9.27
N TYR A 243 56.41 25.69 -9.10
CA TYR A 243 56.60 24.22 -9.17
C TYR A 243 56.94 23.69 -7.77
N ALA A 244 56.32 22.58 -7.36
CA ALA A 244 56.53 21.93 -6.05
C ALA A 244 56.72 20.42 -6.22
N ASN A 245 57.56 19.83 -5.35
CA ASN A 245 57.69 18.36 -5.18
C ASN A 245 56.41 17.85 -4.50
N TYR A 246 56.17 16.53 -4.54
CA TYR A 246 54.93 15.90 -4.01
C TYR A 246 54.76 16.19 -2.51
N ASP A 247 55.87 16.47 -1.80
CA ASP A 247 55.89 16.80 -0.35
C ASP A 247 55.48 18.26 -0.12
N GLY A 248 55.22 19.02 -1.20
CA GLY A 248 54.74 20.41 -1.15
C GLY A 248 55.86 21.43 -1.21
N THR A 249 57.11 21.00 -0.99
CA THR A 249 58.32 21.88 -0.98
C THR A 249 58.59 22.36 -2.40
N PRO A 250 59.13 23.59 -2.59
CA PRO A 250 59.54 24.05 -3.91
C PRO A 250 60.43 23.02 -4.61
N ALA A 251 60.17 22.75 -5.89
CA ALA A 251 60.94 21.81 -6.74
C ALA A 251 62.33 22.40 -7.00
N PRO A 252 63.32 21.58 -7.41
CA PRO A 252 64.60 22.13 -7.88
C PRO A 252 64.42 23.02 -9.11
N VAL A 253 65.33 23.98 -9.32
CA VAL A 253 65.37 24.86 -10.52
C VAL A 253 65.39 23.98 -11.76
N GLN A 254 64.55 24.30 -12.76
CA GLN A 254 64.46 23.57 -14.05
C GLN A 254 65.39 24.25 -15.06
N LEU A 255 65.45 23.71 -16.29
CA LEU A 255 66.36 24.20 -17.36
C LEU A 255 65.74 25.39 -18.08
N HIS A 256 64.42 25.58 -17.94
CA HIS A 256 63.63 26.64 -18.64
C HIS A 256 63.27 27.78 -17.66
N GLY A 257 63.69 27.68 -16.39
CA GLY A 257 63.56 28.77 -15.41
C GLY A 257 63.60 28.28 -13.96
N ASP A 258 63.53 29.23 -13.03
CA ASP A 258 63.49 29.03 -11.55
C ASP A 258 62.04 29.26 -11.09
N PHE A 259 61.39 28.20 -10.58
CA PHE A 259 59.92 28.17 -10.31
C PHE A 259 59.64 27.92 -8.82
N ARG A 260 60.64 28.13 -7.95
CA ARG A 260 60.53 27.88 -6.49
C ARG A 260 59.75 29.00 -5.79
N HIS A 261 59.50 30.12 -6.48
CA HIS A 261 59.05 31.40 -5.87
C HIS A 261 57.57 31.64 -6.18
N PHE A 262 56.94 32.57 -5.46
CA PHE A 262 55.55 33.04 -5.69
C PHE A 262 55.53 34.03 -6.87
N TYR A 263 55.19 33.50 -8.05
CA TYR A 263 55.14 34.21 -9.35
C TYR A 263 53.85 33.75 -10.06
N SER A 264 53.74 33.97 -11.38
CA SER A 264 52.49 33.94 -12.19
C SER A 264 51.61 32.72 -11.86
N ASP A 265 52.16 31.51 -11.95
CA ASP A 265 51.40 30.23 -11.80
C ASP A 265 50.72 30.20 -10.42
N ALA A 266 51.49 30.50 -9.37
CA ALA A 266 51.13 30.39 -7.94
C ALA A 266 49.89 31.23 -7.59
N TYR A 267 49.61 32.29 -8.36
CA TYR A 267 48.53 33.27 -8.06
C TYR A 267 47.18 32.55 -7.99
N ARG A 268 46.98 31.51 -8.83
CA ARG A 268 45.68 30.80 -9.01
C ARG A 268 45.36 29.94 -7.79
N VAL A 269 46.35 29.58 -6.96
CA VAL A 269 46.18 28.71 -5.75
C VAL A 269 45.10 29.32 -4.85
N ALA A 270 45.21 30.61 -4.52
CA ALA A 270 44.31 31.33 -3.58
C ALA A 270 42.87 31.39 -4.13
N ALA A 271 42.72 31.48 -5.47
CA ALA A 271 41.42 31.47 -6.18
C ALA A 271 40.83 30.06 -6.19
N ASN A 272 41.67 29.05 -6.52
CA ASN A 272 41.30 27.61 -6.57
C ASN A 272 40.78 27.18 -5.18
N VAL A 273 41.59 27.42 -4.13
CA VAL A 273 41.27 27.17 -2.68
C VAL A 273 39.91 27.78 -2.33
N ALA A 274 39.67 29.02 -2.76
CA ALA A 274 38.45 29.80 -2.43
C ALA A 274 37.23 29.22 -3.14
N LEU A 275 37.37 28.79 -4.40
CA LEU A 275 36.24 28.25 -5.19
C LEU A 275 35.81 26.90 -4.59
N ASP A 276 36.78 26.07 -4.19
CA ASP A 276 36.54 24.75 -3.52
C ASP A 276 35.70 24.98 -2.26
N TRP A 277 36.09 25.96 -1.42
CA TRP A 277 35.36 26.33 -0.19
C TRP A 277 33.91 26.71 -0.52
N GLU A 278 33.71 27.61 -1.49
CA GLU A 278 32.37 28.08 -1.94
C GLU A 278 31.52 26.88 -2.37
N TRP A 279 32.07 25.99 -3.20
CA TRP A 279 31.33 24.85 -3.80
C TRP A 279 31.04 23.76 -2.76
N PHE A 280 32.01 23.43 -1.90
CA PHE A 280 32.00 22.16 -1.10
C PHE A 280 32.15 22.39 0.41
N ARG A 281 32.80 23.46 0.87
CA ARG A 281 32.91 23.81 2.32
C ARG A 281 33.52 22.67 3.12
N LYS A 282 34.49 21.93 2.58
CA LYS A 282 34.99 20.67 3.19
C LYS A 282 36.14 20.97 4.16
N ASP A 283 37.08 21.85 3.79
CA ASP A 283 38.36 22.06 4.52
C ASP A 283 38.35 23.44 5.20
N PRO A 284 38.13 23.51 6.53
CA PRO A 284 38.15 24.80 7.25
C PRO A 284 39.50 25.55 7.18
N TRP A 285 40.60 24.86 6.84
CA TRP A 285 41.95 25.44 6.63
C TRP A 285 41.92 26.48 5.49
N GLN A 286 41.05 26.27 4.49
CA GLN A 286 40.91 27.12 3.28
C GLN A 286 40.56 28.55 3.68
N VAL A 287 39.70 28.71 4.69
CA VAL A 287 39.32 30.03 5.29
C VAL A 287 40.60 30.70 5.83
N GLN A 288 41.43 29.95 6.57
CA GLN A 288 42.66 30.47 7.22
C GLN A 288 43.68 30.85 6.14
N GLN A 289 43.78 30.04 5.08
CA GLN A 289 44.75 30.30 3.99
C GLN A 289 44.35 31.58 3.25
N SER A 290 43.06 31.78 3.01
CA SER A 290 42.49 33.00 2.40
C SER A 290 42.80 34.23 3.26
N ASN A 291 42.65 34.10 4.58
CA ASN A 291 42.95 35.17 5.58
C ASN A 291 44.44 35.55 5.50
N ARG A 292 45.32 34.55 5.40
CA ARG A 292 46.81 34.70 5.48
C ARG A 292 47.33 35.45 4.25
N ILE A 293 46.97 35.02 3.05
CA ILE A 293 47.49 35.62 1.78
C ILE A 293 46.97 37.06 1.66
N GLN A 294 45.69 37.28 2.00
CA GLN A 294 45.05 38.63 2.00
C GLN A 294 45.82 39.54 2.96
N ALA A 295 46.20 39.03 4.14
CA ALA A 295 46.92 39.75 5.21
C ALA A 295 48.36 40.09 4.78
N PHE A 296 48.98 39.24 3.96
CA PHE A 296 50.34 39.48 3.40
C PHE A 296 50.29 40.65 2.40
N PHE A 297 49.15 40.83 1.71
CA PHE A 297 49.00 41.84 0.62
C PHE A 297 48.09 42.98 1.05
N SER A 298 47.57 42.97 2.29
CA SER A 298 46.61 43.99 2.79
C SER A 298 47.22 45.39 2.65
N ASP A 299 48.55 45.49 2.88
CA ASP A 299 49.35 46.74 3.01
C ASP A 299 50.04 47.13 1.69
N ILE A 300 49.98 46.30 0.65
CA ILE A 300 50.82 46.42 -0.58
C ILE A 300 49.94 46.90 -1.74
N ASP A 301 50.38 47.94 -2.46
CA ASP A 301 49.70 48.45 -3.68
C ASP A 301 50.03 47.53 -4.86
N VAL A 302 49.10 47.40 -5.82
CA VAL A 302 49.24 46.59 -7.07
C VAL A 302 50.50 47.03 -7.83
N SER A 303 50.81 48.34 -7.81
CA SER A 303 52.01 48.91 -8.50
C SER A 303 53.29 48.47 -7.78
N ASP A 304 53.20 48.04 -6.52
CA ASP A 304 54.35 47.62 -5.67
C ASP A 304 54.49 46.09 -5.65
N TYR A 305 53.62 45.36 -6.37
CA TYR A 305 53.65 43.88 -6.43
C TYR A 305 54.99 43.42 -7.04
N ARG A 306 55.62 42.44 -6.39
CA ARG A 306 56.95 41.88 -6.75
C ARG A 306 56.83 40.38 -7.07
N ARG A 307 57.96 39.74 -7.38
CA ARG A 307 58.19 38.30 -7.10
C ARG A 307 58.57 38.19 -5.62
N TYR A 308 58.00 37.23 -4.90
CA TYR A 308 58.30 36.95 -3.47
C TYR A 308 58.72 35.49 -3.32
N THR A 309 59.71 35.24 -2.45
CA THR A 309 59.98 33.89 -1.89
C THR A 309 58.77 33.54 -1.03
N ILE A 310 58.43 32.25 -0.92
CA ILE A 310 57.21 31.77 -0.21
C ILE A 310 57.26 32.25 1.26
N GLU A 311 58.49 32.47 1.78
CA GLU A 311 58.75 33.01 3.15
C GLU A 311 58.32 34.49 3.24
N GLY A 312 58.17 35.16 2.09
CA GLY A 312 57.65 36.54 1.99
C GLY A 312 58.72 37.57 1.72
N GLU A 313 59.92 37.15 1.28
CA GLU A 313 61.05 38.06 0.92
C GLU A 313 60.82 38.62 -0.47
N PRO A 314 60.63 39.96 -0.62
CA PRO A 314 60.44 40.57 -1.93
C PRO A 314 61.74 40.72 -2.75
N PHE A 315 61.75 40.16 -3.96
CA PHE A 315 62.75 40.46 -5.02
C PHE A 315 62.55 41.91 -5.49
N ASN A 316 63.59 42.55 -6.03
CA ASN A 316 63.49 43.89 -6.66
C ASN A 316 62.54 43.78 -7.88
N GLU A 317 62.67 42.67 -8.61
CA GLU A 317 61.84 42.30 -9.80
C GLU A 317 60.37 42.53 -9.51
N PRO A 318 59.60 43.17 -10.44
CA PRO A 318 58.15 43.30 -10.27
C PRO A 318 57.44 42.02 -10.71
N ALA A 319 56.23 41.81 -10.21
CA ALA A 319 55.27 40.82 -10.76
C ALA A 319 55.06 41.14 -12.24
N LEU A 320 55.05 40.12 -13.11
CA LEU A 320 54.72 40.29 -14.55
C LEU A 320 53.22 40.53 -14.71
N HIS A 321 52.40 40.01 -13.80
CA HIS A 321 50.91 40.03 -13.88
C HIS A 321 50.29 40.54 -12.59
N PRO A 322 50.49 41.81 -12.21
CA PRO A 322 50.00 42.33 -10.93
C PRO A 322 48.47 42.43 -10.85
N VAL A 323 47.79 42.70 -11.97
CA VAL A 323 46.30 42.73 -12.06
C VAL A 323 45.79 41.30 -11.84
N GLY A 324 46.38 40.32 -12.53
CA GLY A 324 46.18 38.88 -12.27
C GLY A 324 46.27 38.56 -10.79
N LEU A 325 47.34 39.02 -10.12
CA LEU A 325 47.63 38.75 -8.69
C LEU A 325 46.52 39.35 -7.82
N LEU A 326 46.14 40.61 -8.10
CA LEU A 326 45.06 41.31 -7.37
C LEU A 326 43.75 40.52 -7.50
N ALA A 327 43.42 40.08 -8.73
CA ALA A 327 42.19 39.32 -9.06
C ALA A 327 42.10 38.06 -8.20
N THR A 328 43.19 37.28 -8.11
CA THR A 328 43.22 36.01 -7.33
C THR A 328 43.15 36.33 -5.82
N ASN A 329 43.89 37.33 -5.37
CA ASN A 329 43.85 37.82 -3.96
C ASN A 329 42.42 38.24 -3.61
N ALA A 330 41.71 38.85 -4.57
CA ALA A 330 40.30 39.29 -4.44
C ALA A 330 39.36 38.09 -4.41
N MET A 331 39.67 37.06 -5.21
CA MET A 331 38.82 35.84 -5.38
C MET A 331 38.81 35.08 -4.05
N ALA A 332 39.86 35.22 -3.25
CA ALA A 332 40.04 34.62 -1.90
C ALA A 332 38.96 35.09 -0.93
N SER A 333 38.31 36.23 -1.21
CA SER A 333 37.20 36.81 -0.39
C SER A 333 35.98 35.86 -0.37
N LEU A 334 35.86 34.96 -1.35
CA LEU A 334 34.85 33.86 -1.34
C LEU A 334 34.94 33.06 -0.03
N ALA A 335 36.14 32.96 0.54
CA ALA A 335 36.46 32.10 1.70
C ALA A 335 36.97 32.91 2.90
N ALA A 336 37.70 34.01 2.66
CA ALA A 336 38.25 34.89 3.72
C ALA A 336 37.08 35.49 4.53
N ASP A 337 37.17 35.41 5.86
CA ASP A 337 36.24 36.10 6.80
C ASP A 337 37.01 37.20 7.54
N GLY A 338 38.30 37.38 7.22
CA GLY A 338 39.23 38.31 7.90
C GLY A 338 38.90 39.78 7.63
N PRO A 339 39.66 40.72 8.24
CA PRO A 339 39.39 42.16 8.08
C PRO A 339 39.84 42.76 6.75
N ASP A 340 40.40 41.94 5.84
CA ASP A 340 40.94 42.39 4.53
C ASP A 340 39.99 42.02 3.38
N ALA A 341 38.99 41.17 3.63
CA ALA A 341 38.09 40.60 2.60
C ALA A 341 37.35 41.72 1.86
N ASP A 342 36.69 42.62 2.60
CA ASP A 342 35.89 43.75 2.04
C ASP A 342 36.81 44.64 1.20
N SER A 343 37.96 44.99 1.75
CA SER A 343 39.02 45.83 1.13
C SER A 343 39.37 45.31 -0.27
N PHE A 344 39.63 44.00 -0.38
CA PHE A 344 40.09 43.35 -1.64
C PHE A 344 38.98 43.38 -2.70
N VAL A 345 37.72 43.24 -2.31
CA VAL A 345 36.57 43.19 -3.26
C VAL A 345 36.44 44.56 -3.93
N LYS A 346 36.43 45.64 -3.13
CA LYS A 346 36.39 47.05 -3.61
C LYS A 346 37.61 47.35 -4.49
N ARG A 347 38.80 46.94 -4.05
CA ARG A 347 40.08 47.15 -4.78
C ARG A 347 39.96 46.57 -6.21
N PHE A 348 39.39 45.37 -6.33
CA PHE A 348 39.21 44.68 -7.64
C PHE A 348 38.17 45.42 -8.48
N TRP A 349 37.02 45.78 -7.88
CA TRP A 349 35.91 46.52 -8.56
C TRP A 349 36.46 47.78 -9.23
N ASN A 350 37.33 48.51 -8.52
CA ASN A 350 37.93 49.79 -8.99
C ASN A 350 39.16 49.52 -9.87
N THR A 351 39.49 48.27 -10.16
CA THR A 351 40.58 47.89 -11.11
C THR A 351 39.96 47.50 -12.45
N PRO A 352 40.31 48.19 -13.57
CA PRO A 352 39.84 47.79 -14.89
C PRO A 352 40.71 46.66 -15.48
N LEU A 353 40.26 46.07 -16.59
CA LEU A 353 41.01 45.03 -17.36
C LEU A 353 42.38 45.59 -17.75
N ARG A 354 43.39 44.73 -17.87
CA ARG A 354 44.76 45.14 -18.30
C ARG A 354 44.73 45.45 -19.81
N GLN A 355 45.64 46.31 -20.27
CA GLN A 355 45.86 46.58 -21.71
C GLN A 355 47.35 46.41 -22.02
N GLY A 356 47.71 46.34 -23.30
CA GLY A 356 49.08 46.07 -23.76
C GLY A 356 49.32 44.59 -24.00
N LYS A 357 50.55 44.25 -24.41
CA LYS A 357 50.92 42.94 -24.99
C LYS A 357 50.88 41.83 -23.92
N ARG A 358 50.96 42.18 -22.64
CA ARG A 358 51.09 41.21 -21.51
C ARG A 358 49.73 40.96 -20.84
N ARG A 359 48.62 41.41 -21.44
CA ARG A 359 47.29 41.52 -20.77
C ARG A 359 46.63 40.15 -20.55
N TYR A 360 46.95 39.16 -21.39
CA TYR A 360 46.21 37.87 -21.51
C TYR A 360 46.01 37.24 -20.12
N TYR A 361 47.09 36.88 -19.42
CA TYR A 361 47.01 36.12 -18.14
C TYR A 361 46.27 36.93 -17.07
N ASP A 362 46.53 38.23 -17.01
CA ASP A 362 45.86 39.17 -16.06
C ASP A 362 44.35 39.09 -16.28
N ASN A 363 43.89 39.24 -17.53
CA ASN A 363 42.46 39.35 -17.87
C ASN A 363 41.75 37.99 -17.65
N CYS A 364 42.45 36.86 -17.84
CA CYS A 364 41.88 35.50 -17.61
C CYS A 364 41.53 35.35 -16.10
N LEU A 365 42.45 35.76 -15.23
CA LEU A 365 42.28 35.72 -13.74
C LEU A 365 41.23 36.76 -13.34
N TYR A 366 41.26 37.95 -13.97
CA TYR A 366 40.28 39.05 -13.80
C TYR A 366 38.85 38.52 -13.99
N PHE A 367 38.60 37.85 -15.12
CA PHE A 367 37.24 37.43 -15.54
C PHE A 367 36.70 36.35 -14.59
N PHE A 368 37.54 35.39 -14.19
CA PHE A 368 37.15 34.32 -13.23
C PHE A 368 36.74 34.96 -11.89
N THR A 369 37.47 36.00 -11.44
CA THR A 369 37.20 36.76 -10.19
C THR A 369 35.88 37.52 -10.32
N MET A 370 35.63 38.17 -11.46
CA MET A 370 34.37 38.89 -11.77
C MET A 370 33.19 37.92 -11.70
N LEU A 371 33.34 36.73 -12.30
CA LEU A 371 32.33 35.64 -12.26
C LEU A 371 32.07 35.24 -10.80
N ALA A 372 33.13 34.86 -10.08
CA ALA A 372 33.12 34.31 -8.70
C ALA A 372 32.51 35.33 -7.72
N LEU A 373 32.98 36.57 -7.73
CA LEU A 373 32.58 37.60 -6.73
C LEU A 373 31.17 38.13 -7.00
N SER A 374 30.64 37.96 -8.23
CA SER A 374 29.25 38.34 -8.59
C SER A 374 28.29 37.17 -8.27
N GLY A 375 28.84 35.99 -7.95
CA GLY A 375 28.07 34.77 -7.62
C GLY A 375 27.64 34.02 -8.86
N ASN A 376 28.46 34.04 -9.92
CA ASN A 376 28.13 33.51 -11.26
C ASN A 376 29.14 32.43 -11.71
N TYR A 377 30.03 31.98 -10.83
CA TYR A 377 30.96 30.83 -11.08
C TYR A 377 30.35 29.61 -10.38
N ARG A 378 29.56 28.85 -11.14
CA ARG A 378 28.55 27.91 -10.59
C ARG A 378 28.80 26.51 -11.12
N VAL A 379 28.26 25.53 -10.40
CA VAL A 379 28.25 24.09 -10.79
C VAL A 379 26.97 23.86 -11.61
N TYR A 380 27.10 23.21 -12.77
CA TYR A 380 25.96 22.84 -13.64
C TYR A 380 25.82 21.32 -13.62
N GLN A 381 24.84 20.84 -12.85
CA GLN A 381 24.65 19.41 -12.52
C GLN A 381 23.65 18.80 -13.49
N GLN A 382 23.47 17.49 -13.36
CA GLN A 382 22.32 16.74 -13.95
C GLN A 382 21.08 17.13 -13.14
N ALA A 383 20.44 18.24 -13.49
CA ALA A 383 19.38 18.81 -12.64
C ALA A 383 18.02 18.51 -13.24
N ALA A 384 17.01 19.34 -12.94
CA ALA A 384 15.70 19.38 -13.61
C ALA A 384 15.54 20.74 -14.28
N ALA A 385 16.02 20.87 -15.52
CA ALA A 385 15.97 22.10 -16.34
C ALA A 385 14.52 22.42 -16.70
N LYS B 6 35.29 -10.68 -6.99
CA LYS B 6 34.69 -9.51 -7.71
C LYS B 6 33.64 -10.05 -8.70
N GLY B 7 32.54 -9.32 -8.87
CA GLY B 7 31.38 -9.73 -9.68
C GLY B 7 31.54 -9.36 -11.13
N ALA B 8 30.56 -9.69 -11.96
CA ALA B 8 30.53 -9.37 -13.41
C ALA B 8 30.59 -7.85 -13.63
N TYR B 9 30.04 -7.04 -12.71
CA TYR B 9 30.10 -5.55 -12.82
C TYR B 9 31.57 -5.13 -12.91
N ASP B 10 32.43 -5.69 -12.06
CA ASP B 10 33.88 -5.35 -11.96
C ASP B 10 34.67 -6.08 -13.05
N THR B 11 34.50 -7.39 -13.20
CA THR B 11 35.36 -8.26 -14.06
C THR B 11 34.94 -8.19 -15.53
N GLY B 12 33.64 -8.01 -15.80
CA GLY B 12 33.06 -8.16 -17.15
C GLY B 12 32.93 -9.63 -17.55
N THR B 13 33.23 -10.56 -16.64
CA THR B 13 33.16 -12.03 -16.87
C THR B 13 31.79 -12.53 -16.39
N TYR B 14 31.05 -13.20 -17.26
CA TYR B 14 29.70 -13.77 -16.98
C TYR B 14 29.76 -15.29 -17.08
N ALA B 15 29.42 -15.98 -16.00
CA ALA B 15 29.33 -17.46 -15.91
C ALA B 15 28.29 -17.97 -16.91
N ASN B 16 28.68 -18.97 -17.70
CA ASN B 16 27.80 -19.72 -18.64
C ASN B 16 27.50 -21.08 -18.00
N LEU B 17 26.47 -21.15 -17.16
CA LEU B 17 26.11 -22.34 -16.34
C LEU B 17 25.66 -23.49 -17.25
N PHE B 18 25.10 -23.18 -18.42
CA PHE B 18 24.68 -24.18 -19.44
C PHE B 18 25.93 -24.88 -19.99
N GLN B 19 26.98 -24.09 -20.27
CA GLN B 19 28.30 -24.61 -20.73
C GLN B 19 28.89 -25.48 -19.62
N ARG B 20 28.88 -24.97 -18.39
CA ARG B 20 29.39 -25.67 -17.17
C ARG B 20 28.65 -26.99 -16.97
N SER B 21 27.37 -27.05 -17.36
CA SER B 21 26.47 -28.24 -17.25
C SER B 21 26.78 -29.26 -18.34
N GLY B 22 27.51 -28.85 -19.39
CA GLY B 22 28.01 -29.74 -20.46
C GLY B 22 27.45 -29.41 -21.84
N TYR B 23 26.51 -28.48 -21.94
CA TYR B 23 25.90 -28.06 -23.23
C TYR B 23 26.92 -27.29 -24.07
N ARG B 24 26.78 -27.35 -25.39
CA ARG B 24 27.69 -26.71 -26.38
C ARG B 24 27.32 -25.22 -26.51
N GLU B 25 28.32 -24.36 -26.72
CA GLU B 25 28.16 -22.89 -26.86
C GLU B 25 27.19 -22.61 -28.01
N ASP B 26 27.43 -23.26 -29.16
CA ASP B 26 26.61 -23.06 -30.39
C ASP B 26 25.15 -23.35 -30.04
N GLU B 27 24.87 -24.52 -29.46
CA GLU B 27 23.53 -24.96 -28.97
C GLU B 27 22.87 -23.87 -28.11
N ILE B 28 23.61 -23.35 -27.13
CA ILE B 28 23.11 -22.43 -26.07
C ILE B 28 22.60 -21.14 -26.72
N LYS B 29 23.40 -20.54 -27.61
CA LYS B 29 23.09 -19.24 -28.25
C LYS B 29 21.90 -19.40 -29.21
N ALA B 30 21.85 -20.52 -29.93
CA ALA B 30 20.71 -20.91 -30.80
C ALA B 30 19.42 -21.04 -29.97
N ARG B 31 19.52 -21.68 -28.81
CA ARG B 31 18.38 -21.93 -27.87
C ARG B 31 17.89 -20.59 -27.31
N LEU B 32 18.80 -19.64 -27.03
CA LEU B 32 18.43 -18.28 -26.53
C LEU B 32 17.66 -17.54 -27.62
N GLU B 33 18.17 -17.55 -28.85
CA GLU B 33 17.57 -16.85 -30.02
C GLU B 33 16.18 -17.42 -30.31
N GLN B 34 16.02 -18.74 -30.28
CA GLN B 34 14.73 -19.45 -30.51
C GLN B 34 13.70 -18.96 -29.47
N THR B 35 14.10 -18.89 -28.19
CA THR B 35 13.26 -18.42 -27.06
C THR B 35 12.78 -16.99 -27.32
N TRP B 36 13.67 -16.10 -27.78
CA TRP B 36 13.31 -14.71 -28.18
C TRP B 36 12.26 -14.75 -29.29
N ASN B 37 12.53 -15.52 -30.36
CA ASN B 37 11.68 -15.58 -31.59
C ASN B 37 10.28 -16.11 -31.24
N ASP B 38 10.18 -17.08 -30.32
CA ASP B 38 8.90 -17.72 -29.92
C ASP B 38 8.08 -16.74 -29.08
N LEU B 39 8.70 -16.08 -28.10
CA LEU B 39 8.01 -15.20 -27.13
C LEU B 39 7.55 -13.91 -27.81
N PHE B 40 8.28 -13.46 -28.84
CA PHE B 40 8.07 -12.14 -29.48
C PHE B 40 7.42 -12.31 -30.87
N TYR B 41 7.71 -13.42 -31.58
CA TYR B 41 7.26 -13.63 -32.99
C TYR B 41 6.77 -15.06 -33.21
N GLY B 42 6.23 -15.70 -32.17
CA GLY B 42 5.72 -17.08 -32.22
C GLY B 42 4.24 -17.14 -32.58
N ASP B 43 3.62 -18.30 -32.35
CA ASP B 43 2.19 -18.57 -32.72
C ASP B 43 1.28 -18.06 -31.59
N GLU B 44 -0.03 -18.27 -31.74
CA GLU B 44 -1.10 -17.64 -30.93
C GLU B 44 -1.19 -18.28 -29.54
N HIS B 45 -0.48 -19.37 -29.29
CA HIS B 45 -0.50 -20.15 -28.03
C HIS B 45 0.82 -19.99 -27.28
N THR B 46 1.74 -19.15 -27.79
CA THR B 46 3.14 -19.03 -27.31
C THR B 46 3.52 -17.56 -27.12
N ARG B 47 3.49 -16.77 -28.20
CA ARG B 47 3.95 -15.35 -28.22
C ARG B 47 3.22 -14.56 -27.12
N ILE B 48 3.90 -13.62 -26.48
CA ILE B 48 3.32 -12.69 -25.46
C ILE B 48 3.55 -11.23 -25.88
N TYR B 49 4.24 -11.00 -27.01
CA TYR B 49 4.51 -9.66 -27.58
C TYR B 49 3.64 -9.44 -28.83
N TYR B 50 3.08 -8.24 -28.95
CA TYR B 50 2.16 -7.84 -30.05
C TYR B 50 2.51 -6.43 -30.53
N PRO B 51 3.07 -6.29 -31.75
CA PRO B 51 3.36 -4.96 -32.31
C PRO B 51 2.08 -4.23 -32.75
N VAL B 52 2.00 -2.93 -32.45
CA VAL B 52 0.82 -2.05 -32.71
C VAL B 52 1.27 -0.86 -33.56
N GLY B 53 0.68 -0.69 -34.74
CA GLY B 53 1.05 0.37 -35.70
C GLY B 53 2.48 0.20 -36.19
N ASP B 54 3.23 1.30 -36.28
CA ASP B 54 4.61 1.35 -36.83
C ASP B 54 5.64 1.64 -35.73
N ASP B 55 5.22 2.21 -34.59
CA ASP B 55 6.13 2.73 -33.54
C ASP B 55 5.69 2.28 -32.14
N LYS B 56 4.89 1.21 -32.03
CA LYS B 56 4.35 0.75 -30.73
C LYS B 56 4.24 -0.78 -30.67
N GLY B 57 4.05 -1.31 -29.47
CA GLY B 57 3.90 -2.75 -29.18
C GLY B 57 3.81 -2.98 -27.68
N TYR B 58 3.28 -4.12 -27.24
CA TYR B 58 3.03 -4.42 -25.81
C TYR B 58 3.25 -5.90 -25.49
N MET B 59 3.44 -6.18 -24.20
CA MET B 59 3.51 -7.53 -23.59
C MET B 59 2.18 -7.81 -22.88
N LEU B 60 1.45 -8.84 -23.32
CA LEU B 60 0.08 -9.15 -22.84
C LEU B 60 0.15 -10.15 -21.68
N ASP B 61 -0.44 -9.80 -20.52
CA ASP B 61 -0.78 -10.79 -19.47
C ASP B 61 -1.96 -11.61 -19.99
N THR B 62 -1.65 -12.69 -20.72
CA THR B 62 -2.63 -13.64 -21.34
C THR B 62 -3.61 -14.12 -20.26
N GLY B 63 -3.10 -14.40 -19.06
CA GLY B 63 -3.85 -14.88 -17.89
C GLY B 63 -4.97 -13.93 -17.49
N ASN B 64 -4.74 -12.61 -17.61
CA ASN B 64 -5.66 -11.56 -17.09
C ASN B 64 -6.17 -10.68 -18.25
N ASP B 65 -5.77 -10.95 -19.50
CA ASP B 65 -6.19 -10.22 -20.72
C ASP B 65 -5.96 -8.72 -20.57
N ASP B 66 -4.87 -8.31 -19.91
CA ASP B 66 -4.50 -6.89 -19.72
C ASP B 66 -2.99 -6.71 -19.94
N VAL B 67 -2.55 -5.45 -20.05
CA VAL B 67 -1.13 -5.05 -20.26
C VAL B 67 -0.63 -4.39 -18.97
N ARG B 68 0.31 -5.03 -18.27
CA ARG B 68 0.80 -4.61 -16.93
C ARG B 68 2.08 -3.79 -17.10
N SER B 69 2.41 -2.97 -16.08
CA SER B 69 3.64 -2.13 -16.04
C SER B 69 4.86 -3.03 -15.88
N ALA B 70 4.76 -4.01 -14.97
CA ALA B 70 5.79 -5.05 -14.71
C ALA B 70 6.14 -5.78 -16.01
N GLY B 71 5.12 -6.14 -16.80
CA GLY B 71 5.26 -6.90 -18.07
C GLY B 71 5.94 -6.08 -19.15
N MET B 72 5.49 -4.85 -19.38
CA MET B 72 6.05 -3.90 -20.37
C MET B 72 7.53 -3.65 -20.05
N SER B 73 7.84 -3.51 -18.75
CA SER B 73 9.20 -3.21 -18.23
C SER B 73 10.09 -4.45 -18.37
N TYR B 74 9.55 -5.66 -18.09
CA TYR B 74 10.22 -6.95 -18.37
C TYR B 74 10.59 -7.03 -19.85
N GLY B 75 9.66 -6.66 -20.72
CA GLY B 75 9.80 -6.70 -22.20
C GLY B 75 10.95 -5.82 -22.67
N MET B 76 11.06 -4.62 -22.11
CA MET B 76 12.11 -3.63 -22.49
C MET B 76 13.48 -4.18 -22.08
N MET B 77 13.62 -4.70 -20.86
CA MET B 77 14.86 -5.34 -20.37
C MET B 77 15.24 -6.50 -21.29
N MET B 78 14.29 -7.38 -21.60
CA MET B 78 14.51 -8.52 -22.56
C MET B 78 15.08 -7.96 -23.88
N ALA B 79 14.48 -6.89 -24.40
CA ALA B 79 14.84 -6.25 -25.69
C ALA B 79 16.29 -5.74 -25.66
N VAL B 80 16.65 -4.94 -24.65
CA VAL B 80 17.98 -4.25 -24.58
C VAL B 80 19.08 -5.28 -24.27
N GLN B 81 18.77 -6.30 -23.47
CA GLN B 81 19.71 -7.41 -23.13
C GLN B 81 20.02 -8.23 -24.38
N MET B 82 19.09 -8.29 -25.34
CA MET B 82 19.22 -9.07 -26.60
C MET B 82 19.65 -8.17 -27.77
N ASP B 83 19.88 -6.87 -27.54
CA ASP B 83 20.28 -5.88 -28.59
C ASP B 83 19.16 -5.81 -29.64
N LYS B 84 17.93 -5.52 -29.20
CA LYS B 84 16.69 -5.49 -30.03
C LYS B 84 16.04 -4.11 -29.93
N LYS B 85 16.71 -3.09 -30.46
CA LYS B 85 16.31 -1.66 -30.34
C LYS B 85 14.88 -1.45 -30.83
N HIS B 86 14.57 -1.95 -32.04
CA HIS B 86 13.27 -1.78 -32.73
C HIS B 86 12.12 -2.13 -31.76
N GLU B 87 12.22 -3.30 -31.12
CA GLU B 87 11.19 -3.84 -30.20
C GLU B 87 11.23 -3.05 -28.89
N PHE B 88 12.42 -2.72 -28.38
CA PHE B 88 12.60 -1.92 -27.12
C PHE B 88 11.80 -0.63 -27.23
N ASP B 89 11.98 0.08 -28.34
CA ASP B 89 11.42 1.44 -28.61
C ASP B 89 9.89 1.35 -28.70
N ARG B 90 9.37 0.32 -29.38
CA ARG B 90 7.91 0.07 -29.54
C ARG B 90 7.27 -0.04 -28.16
N LEU B 91 7.87 -0.85 -27.27
CA LEU B 91 7.37 -1.11 -25.89
C LEU B 91 7.37 0.19 -25.09
N TRP B 92 8.52 0.85 -25.02
CA TRP B 92 8.70 2.12 -24.27
C TRP B 92 7.69 3.17 -24.76
N ASN B 93 7.48 3.26 -26.07
CA ASN B 93 6.53 4.23 -26.69
C ASN B 93 5.11 3.96 -26.19
N TYR B 94 4.73 2.69 -26.06
CA TYR B 94 3.40 2.25 -25.55
C TYR B 94 3.24 2.68 -24.09
N ALA B 95 4.26 2.44 -23.26
CA ALA B 95 4.27 2.74 -21.80
C ALA B 95 4.18 4.25 -21.58
N TYR B 96 5.10 5.01 -22.21
CA TYR B 96 5.21 6.49 -22.14
C TYR B 96 3.89 7.15 -22.54
N THR B 97 3.27 6.67 -23.63
CA THR B 97 2.03 7.22 -24.21
C THR B 97 0.85 7.00 -23.24
N TYR B 98 0.46 5.73 -23.05
CA TYR B 98 -0.85 5.33 -22.45
C TYR B 98 -0.78 5.29 -20.92
N MET B 99 0.37 4.89 -20.36
CA MET B 99 0.47 4.43 -18.95
C MET B 99 1.08 5.51 -18.05
N GLN B 100 2.05 6.28 -18.52
CA GLN B 100 2.77 7.28 -17.68
C GLN B 100 1.88 8.49 -17.41
N HIS B 101 1.65 8.80 -16.13
CA HIS B 101 0.90 10.00 -15.66
C HIS B 101 1.68 11.27 -16.03
N THR B 102 0.98 12.28 -16.55
CA THR B 102 1.53 13.64 -16.84
C THR B 102 1.00 14.64 -15.80
N GLU B 103 0.06 14.22 -14.95
CA GLU B 103 -0.59 15.07 -13.92
C GLU B 103 -1.01 14.22 -12.72
N GLY B 104 -1.38 14.87 -11.61
CA GLY B 104 -1.97 14.23 -10.42
C GLY B 104 -0.93 13.76 -9.43
N ARG B 105 -1.37 13.05 -8.39
CA ARG B 105 -0.53 12.53 -7.28
C ARG B 105 0.47 11.48 -7.76
N TYR B 106 0.27 10.95 -8.97
CA TYR B 106 1.06 9.85 -9.57
C TYR B 106 1.91 10.37 -10.74
N LYS B 107 2.08 11.69 -10.87
CA LYS B 107 2.80 12.33 -12.00
C LYS B 107 4.16 11.62 -12.17
N ASP B 108 4.42 11.13 -13.39
CA ASP B 108 5.70 10.49 -13.83
C ASP B 108 5.73 8.99 -13.45
N TYR B 109 4.83 8.53 -12.58
CA TYR B 109 4.57 7.08 -12.33
C TYR B 109 3.78 6.52 -13.52
N PHE B 110 3.59 5.19 -13.54
CA PHE B 110 2.87 4.45 -14.61
C PHE B 110 1.63 3.76 -14.02
N ALA B 111 0.48 3.91 -14.70
CA ALA B 111 -0.77 3.17 -14.42
C ALA B 111 -0.48 1.67 -14.55
N TRP B 112 -0.65 0.91 -13.46
CA TRP B 112 -0.04 -0.43 -13.26
C TRP B 112 -0.57 -1.44 -14.29
N HIS B 113 -1.78 -1.26 -14.81
CA HIS B 113 -2.33 -2.09 -15.92
C HIS B 113 -3.38 -1.32 -16.74
N CYS B 114 -3.43 -1.62 -18.04
CA CYS B 114 -4.36 -1.01 -19.03
C CYS B 114 -4.83 -2.09 -20.02
N LYS B 115 -5.76 -1.73 -20.93
CA LYS B 115 -6.28 -2.61 -22.01
C LYS B 115 -5.31 -2.61 -23.18
N PRO B 116 -5.29 -3.66 -24.02
CA PRO B 116 -4.43 -3.71 -25.20
C PRO B 116 -4.47 -2.47 -26.11
N ASP B 117 -5.63 -1.81 -26.21
CA ASP B 117 -5.82 -0.57 -27.01
C ASP B 117 -5.11 0.60 -26.30
N GLY B 118 -4.98 0.54 -24.98
CA GLY B 118 -4.26 1.52 -24.15
C GLY B 118 -5.13 2.16 -23.08
N THR B 119 -6.40 1.76 -22.97
CA THR B 119 -7.38 2.28 -21.97
C THR B 119 -7.00 1.78 -20.58
N ARG B 120 -6.69 2.69 -19.66
CA ARG B 120 -6.26 2.37 -18.27
C ARG B 120 -7.39 1.67 -17.52
N LEU B 121 -7.04 0.74 -16.62
CA LEU B 121 -7.99 -0.07 -15.82
C LEU B 121 -7.87 0.30 -14.34
N SER B 122 -6.67 0.70 -13.91
CA SER B 122 -6.41 1.36 -12.59
C SER B 122 -5.39 2.47 -12.79
N PRO B 123 -5.52 3.62 -12.10
CA PRO B 123 -4.54 4.71 -12.21
C PRO B 123 -3.28 4.49 -11.37
N GLY B 124 -3.41 3.83 -10.21
CA GLY B 124 -2.31 3.57 -9.26
C GLY B 124 -1.15 2.81 -9.89
N PRO B 125 0.10 2.96 -9.38
CA PRO B 125 1.25 2.27 -10.01
C PRO B 125 1.72 0.99 -9.30
N ALA B 126 2.59 0.20 -9.96
CA ALA B 126 3.30 -0.94 -9.34
C ALA B 126 4.80 -0.65 -9.40
N PRO B 127 5.47 -0.42 -8.23
CA PRO B 127 6.87 -0.02 -8.20
C PRO B 127 7.89 -0.92 -8.91
N ASP B 128 7.63 -2.23 -8.96
CA ASP B 128 8.52 -3.22 -9.63
C ASP B 128 8.60 -2.87 -11.13
N GLY B 129 7.56 -2.27 -11.70
CA GLY B 129 7.56 -1.77 -13.09
C GLY B 129 8.52 -0.59 -13.26
N GLU B 130 8.31 0.46 -12.46
CA GLU B 130 9.12 1.72 -12.44
C GLU B 130 10.62 1.40 -12.43
N GLU B 131 11.08 0.58 -11.48
CA GLU B 131 12.53 0.27 -11.31
C GLU B 131 13.05 -0.48 -12.55
N PHE B 132 12.28 -1.42 -13.09
CA PHE B 132 12.64 -2.20 -14.31
C PHE B 132 12.70 -1.26 -15.52
N PHE B 133 11.72 -0.36 -15.65
CA PHE B 133 11.66 0.71 -16.69
C PHE B 133 12.97 1.52 -16.65
N ALA B 134 13.34 1.98 -15.45
CA ALA B 134 14.53 2.82 -15.16
C ALA B 134 15.82 2.09 -15.55
N MET B 135 15.98 0.84 -15.08
CA MET B 135 17.20 0.03 -15.33
C MET B 135 17.34 -0.24 -16.83
N ALA B 136 16.25 -0.64 -17.49
CA ALA B 136 16.17 -0.95 -18.93
C ALA B 136 16.59 0.27 -19.75
N LEU B 137 16.07 1.45 -19.38
CA LEU B 137 16.29 2.74 -20.08
C LEU B 137 17.77 3.13 -20.02
N PHE B 138 18.38 3.05 -18.83
CA PHE B 138 19.83 3.34 -18.61
C PHE B 138 20.68 2.42 -19.51
N PHE B 139 20.33 1.13 -19.60
CA PHE B 139 21.04 0.14 -20.46
C PHE B 139 20.90 0.51 -21.94
N ALA B 140 19.71 0.99 -22.34
CA ALA B 140 19.41 1.49 -23.70
C ALA B 140 20.31 2.69 -24.02
N SER B 141 20.41 3.64 -23.08
CA SER B 141 21.30 4.84 -23.22
C SER B 141 22.74 4.38 -23.40
N ASN B 142 23.21 3.51 -22.51
CA ASN B 142 24.61 3.02 -22.42
C ASN B 142 24.95 2.17 -23.65
N ARG B 143 24.00 1.41 -24.20
CA ARG B 143 24.23 0.48 -25.35
C ARG B 143 24.08 1.22 -26.69
N TRP B 144 23.01 2.00 -26.87
CA TRP B 144 22.59 2.60 -28.17
C TRP B 144 22.87 4.10 -28.21
N GLY B 145 22.91 4.76 -27.05
CA GLY B 145 22.98 6.24 -26.96
C GLY B 145 21.59 6.85 -26.95
N ASP B 146 21.43 7.96 -26.23
CA ASP B 146 20.14 8.70 -26.15
C ASP B 146 19.72 9.16 -27.56
N GLY B 147 18.51 8.81 -27.98
CA GLY B 147 17.86 9.35 -29.18
C GLY B 147 17.08 10.62 -28.85
N PRO B 148 16.36 11.23 -29.81
CA PRO B 148 15.46 12.36 -29.52
C PRO B 148 14.26 11.89 -28.70
N ALA B 149 13.74 12.76 -27.81
CA ALA B 149 12.58 12.47 -26.93
C ALA B 149 11.44 11.91 -27.77
N PRO B 150 10.66 10.92 -27.26
CA PRO B 150 10.81 10.40 -25.89
C PRO B 150 11.92 9.35 -25.69
N TYR B 151 12.79 9.17 -26.68
CA TYR B 151 13.86 8.13 -26.70
C TYR B 151 15.18 8.69 -26.18
N ASP B 152 15.13 9.75 -25.36
CA ASP B 152 16.26 10.25 -24.54
C ASP B 152 16.33 9.41 -23.27
N TYR B 153 16.88 8.20 -23.39
CA TYR B 153 16.66 7.04 -22.46
C TYR B 153 17.09 7.40 -21.03
N GLN B 154 18.35 7.82 -20.83
CA GLN B 154 18.90 8.07 -19.48
C GLN B 154 18.10 9.20 -18.79
N ALA B 155 17.60 10.18 -19.56
CA ALA B 155 16.83 11.35 -19.05
C ALA B 155 15.46 10.87 -18.55
N GLN B 156 14.79 10.02 -19.32
CA GLN B 156 13.48 9.40 -18.97
C GLN B 156 13.64 8.60 -17.67
N ALA B 157 14.74 7.82 -17.55
CA ALA B 157 15.08 7.02 -16.36
C ALA B 157 15.20 7.93 -15.13
N ARG B 158 16.03 8.98 -15.20
CA ARG B 158 16.29 9.90 -14.06
C ARG B 158 14.99 10.56 -13.60
N LYS B 159 14.09 10.90 -14.54
CA LYS B 159 12.77 11.55 -14.24
C LYS B 159 11.92 10.60 -13.39
N ILE B 160 11.93 9.31 -13.74
CA ILE B 160 11.16 8.23 -13.06
C ILE B 160 11.69 8.05 -11.63
N LEU B 161 13.01 7.93 -11.46
CA LEU B 161 13.66 7.64 -10.15
C LEU B 161 13.59 8.87 -9.24
N HIS B 162 13.46 10.07 -9.82
CA HIS B 162 13.22 11.34 -9.08
C HIS B 162 11.85 11.26 -8.40
N ALA B 163 10.80 10.97 -9.17
CA ALA B 163 9.42 10.72 -8.71
C ALA B 163 9.44 9.67 -7.60
N CYS B 164 10.07 8.52 -7.85
CA CYS B 164 10.16 7.36 -6.92
C CYS B 164 10.56 7.80 -5.49
N LEU B 165 11.50 8.74 -5.37
CA LEU B 165 12.06 9.16 -4.06
C LEU B 165 11.40 10.45 -3.55
N HIS B 166 10.88 11.29 -4.46
CA HIS B 166 10.43 12.69 -4.16
C HIS B 166 8.95 12.90 -4.50
N GLN B 167 8.14 11.85 -4.63
CA GLN B 167 6.71 12.05 -5.02
C GLN B 167 5.94 12.52 -3.81
N GLY B 168 6.02 13.81 -3.49
CA GLY B 168 5.36 14.41 -2.31
C GLY B 168 5.87 15.82 -2.05
N GLU B 169 7.12 16.07 -2.43
CA GLU B 169 7.78 17.40 -2.29
C GLU B 169 6.84 18.52 -2.75
N GLN B 170 6.58 18.56 -4.06
CA GLN B 170 5.94 19.72 -4.73
C GLN B 170 4.54 19.34 -5.19
N GLY B 171 3.85 18.53 -4.41
CA GLY B 171 2.51 18.07 -4.80
C GLY B 171 2.14 16.81 -4.09
N GLU B 172 0.86 16.69 -3.75
CA GLU B 172 0.36 15.48 -3.04
C GLU B 172 0.75 14.24 -3.85
N GLY B 173 0.98 13.15 -3.13
CA GLY B 173 1.48 11.87 -3.67
C GLY B 173 2.37 11.26 -2.62
N ASP B 174 2.84 10.03 -2.84
CA ASP B 174 3.72 9.32 -1.88
C ASP B 174 4.91 8.73 -2.64
N PRO B 175 6.10 8.63 -2.01
CA PRO B 175 7.28 8.05 -2.66
C PRO B 175 7.20 6.52 -2.65
N MET B 176 7.86 5.87 -3.61
CA MET B 176 7.87 4.39 -3.75
C MET B 176 8.92 3.80 -2.80
N TRP B 177 9.84 4.62 -2.29
CA TRP B 177 10.80 4.24 -1.22
C TRP B 177 10.43 4.98 0.07
N GLU B 178 10.33 4.24 1.18
CA GLU B 178 10.10 4.80 2.54
C GLU B 178 11.41 5.45 2.99
N PRO B 179 11.46 6.80 3.14
CA PRO B 179 12.70 7.49 3.52
C PRO B 179 13.43 6.91 4.74
N SER B 180 12.69 6.49 5.76
CA SER B 180 13.22 6.07 7.08
C SER B 180 14.10 4.81 6.97
N ASN B 181 13.70 3.84 6.14
CA ASN B 181 14.35 2.50 6.08
C ASN B 181 15.00 2.24 4.71
N ARG B 182 14.75 3.09 3.70
CA ARG B 182 15.37 3.01 2.34
C ARG B 182 14.88 1.75 1.61
N LEU B 183 13.68 1.27 1.91
CA LEU B 183 13.07 0.05 1.33
C LEU B 183 12.00 0.44 0.32
N ILE B 184 12.03 -0.15 -0.89
CA ILE B 184 10.92 -0.02 -1.89
C ILE B 184 9.64 -0.46 -1.18
N LYS B 185 8.49 0.11 -1.57
CA LYS B 185 7.16 -0.15 -0.97
C LYS B 185 6.33 -1.02 -1.90
N PHE B 186 5.28 -1.66 -1.39
CA PHE B 186 4.30 -2.43 -2.21
C PHE B 186 3.62 -1.46 -3.18
N ILE B 187 3.02 -0.38 -2.62
CA ILE B 187 2.48 0.77 -3.39
C ILE B 187 2.80 2.04 -2.60
N PRO B 188 2.71 3.24 -3.20
CA PRO B 188 3.07 4.47 -2.51
C PRO B 188 2.39 4.65 -1.14
N GLU B 189 1.12 4.24 -1.02
CA GLU B 189 0.23 4.59 0.13
C GLU B 189 0.51 3.69 1.34
N LEU B 190 0.75 2.39 1.13
CA LEU B 190 0.75 1.38 2.23
C LEU B 190 2.15 1.24 2.82
N PRO B 191 2.30 1.18 4.16
CA PRO B 191 3.62 1.09 4.81
C PRO B 191 4.14 -0.35 4.99
N PHE B 192 4.03 -1.17 3.94
CA PHE B 192 4.65 -2.51 3.85
C PHE B 192 5.22 -2.71 2.43
N SER B 193 5.85 -3.85 2.17
CA SER B 193 6.66 -4.11 0.96
C SER B 193 6.36 -5.48 0.34
N ASP B 194 7.14 -5.82 -0.69
CA ASP B 194 7.07 -7.09 -1.47
C ASP B 194 8.50 -7.58 -1.67
N PRO B 195 8.93 -8.70 -1.05
CA PRO B 195 10.31 -9.18 -1.18
C PRO B 195 10.81 -9.21 -2.63
N SER B 196 9.95 -9.66 -3.55
CA SER B 196 10.23 -9.84 -5.01
C SER B 196 10.56 -8.49 -5.69
N TYR B 197 10.20 -7.36 -5.07
CA TYR B 197 10.43 -6.00 -5.63
C TYR B 197 11.86 -5.54 -5.37
N HIS B 198 12.59 -6.20 -4.47
CA HIS B 198 13.93 -5.75 -4.02
C HIS B 198 15.03 -6.17 -5.00
N LEU B 199 15.55 -5.19 -5.73
CA LEU B 199 16.64 -5.35 -6.73
C LEU B 199 17.86 -4.55 -6.28
N PRO B 200 18.60 -4.99 -5.25
CA PRO B 200 19.74 -4.22 -4.75
C PRO B 200 20.80 -3.99 -5.84
N HIS B 201 20.97 -4.99 -6.71
CA HIS B 201 21.84 -4.94 -7.92
C HIS B 201 21.46 -3.75 -8.82
N PHE B 202 20.17 -3.55 -9.10
CA PHE B 202 19.65 -2.42 -9.91
C PHE B 202 19.97 -1.07 -9.23
N TYR B 203 19.96 -1.04 -7.88
CA TYR B 203 20.11 0.20 -7.06
C TYR B 203 21.57 0.65 -7.07
N GLU B 204 22.50 -0.30 -7.12
CA GLU B 204 23.96 -0.07 -7.34
C GLU B 204 24.16 0.77 -8.60
N LEU B 205 23.42 0.45 -9.66
CA LEU B 205 23.55 1.06 -11.01
C LEU B 205 22.77 2.38 -11.07
N PHE B 206 21.69 2.50 -10.30
CA PHE B 206 20.98 3.78 -10.07
C PHE B 206 21.94 4.76 -9.38
N ALA B 207 22.74 4.26 -8.43
CA ALA B 207 23.74 5.04 -7.67
C ALA B 207 24.78 5.62 -8.62
N GLN B 208 24.85 5.10 -9.84
CA GLN B 208 25.81 5.53 -10.89
C GLN B 208 25.14 6.49 -11.86
N TYR B 209 23.86 6.31 -12.16
CA TYR B 209 23.21 7.01 -13.30
C TYR B 209 22.05 7.91 -12.87
N ALA B 210 21.62 7.86 -11.61
CA ALA B 210 20.50 8.69 -11.09
C ALA B 210 20.95 10.15 -10.97
N ASN B 211 19.99 11.07 -10.84
CA ASN B 211 20.25 12.49 -10.48
C ASN B 211 21.24 12.50 -9.30
N GLU B 212 22.18 13.45 -9.30
CA GLU B 212 23.37 13.45 -8.40
C GLU B 212 22.93 13.45 -6.93
N GLN B 213 21.89 14.23 -6.59
CA GLN B 213 21.38 14.39 -5.20
C GLN B 213 20.95 13.03 -4.61
N ASP B 214 20.53 12.06 -5.44
CA ASP B 214 19.89 10.80 -5.01
C ASP B 214 20.88 9.63 -4.91
N ARG B 215 22.12 9.81 -5.38
CA ARG B 215 23.08 8.68 -5.56
C ARG B 215 23.42 8.02 -4.21
N THR B 216 23.59 8.83 -3.16
CA THR B 216 23.81 8.36 -1.76
C THR B 216 22.65 7.43 -1.37
N PHE B 217 21.41 7.88 -1.57
CA PHE B 217 20.18 7.11 -1.23
C PHE B 217 20.26 5.72 -1.85
N TRP B 218 20.50 5.66 -3.17
CA TRP B 218 20.46 4.39 -3.95
C TRP B 218 21.50 3.40 -3.43
N LYS B 219 22.70 3.88 -3.07
CA LYS B 219 23.82 3.08 -2.51
C LYS B 219 23.42 2.49 -1.15
N GLU B 220 22.81 3.32 -0.30
CA GLU B 220 22.28 2.93 1.03
C GLU B 220 21.16 1.90 0.84
N ALA B 221 20.29 2.13 -0.16
CA ALA B 221 19.11 1.30 -0.50
C ALA B 221 19.56 -0.08 -0.99
N ALA B 222 20.66 -0.15 -1.74
CA ALA B 222 21.31 -1.41 -2.19
C ALA B 222 21.60 -2.28 -0.96
N GLU B 223 22.22 -1.71 0.08
CA GLU B 223 22.61 -2.45 1.30
C GLU B 223 21.37 -2.72 2.18
N ALA B 224 20.40 -1.81 2.18
CA ALA B 224 19.13 -1.92 2.95
C ALA B 224 18.33 -3.13 2.42
N SER B 225 18.23 -3.27 1.10
CA SER B 225 17.45 -4.34 0.42
C SER B 225 18.12 -5.71 0.62
N ARG B 226 19.46 -5.77 0.55
CA ARG B 226 20.24 -7.00 0.85
C ARG B 226 19.92 -7.44 2.29
N ALA B 227 19.88 -6.49 3.23
CA ALA B 227 19.58 -6.72 4.67
C ALA B 227 18.13 -7.21 4.83
N TYR B 228 17.21 -6.58 4.11
CA TYR B 228 15.74 -6.88 4.15
C TYR B 228 15.48 -8.33 3.69
N LEU B 229 16.16 -8.75 2.62
CA LEU B 229 15.93 -10.09 1.98
C LEU B 229 16.45 -11.20 2.90
N ARG B 230 17.41 -10.90 3.78
CA ARG B 230 17.90 -11.85 4.82
C ARG B 230 16.80 -12.05 5.88
N THR B 231 15.96 -11.03 6.10
CA THR B 231 14.85 -11.04 7.10
C THR B 231 13.56 -11.59 6.46
N ALA B 232 13.45 -11.56 5.13
CA ALA B 232 12.23 -11.94 4.38
C ALA B 232 12.21 -13.44 4.11
N CYS B 233 13.38 -14.04 3.83
CA CYS B 233 13.54 -15.48 3.49
C CYS B 233 13.62 -16.33 4.78
N HIS B 234 12.78 -17.35 4.90
CA HIS B 234 12.81 -18.34 6.02
C HIS B 234 14.22 -18.95 6.09
N PRO B 235 14.82 -19.03 7.30
CA PRO B 235 16.22 -19.45 7.42
C PRO B 235 16.50 -20.95 7.20
N VAL B 236 15.46 -21.77 7.04
CA VAL B 236 15.58 -23.23 6.77
C VAL B 236 15.30 -23.48 5.29
N THR B 237 14.08 -23.15 4.83
CA THR B 237 13.53 -23.49 3.49
C THR B 237 14.03 -22.51 2.43
N GLY B 238 14.29 -21.25 2.82
CA GLY B 238 14.64 -20.16 1.89
C GLY B 238 13.43 -19.71 1.09
N LEU B 239 12.22 -19.98 1.59
CA LEU B 239 10.94 -19.49 1.01
C LEU B 239 10.66 -18.10 1.61
N SER B 240 9.81 -17.32 0.96
CA SER B 240 9.48 -15.92 1.35
C SER B 240 8.02 -15.64 1.03
N PRO B 241 7.36 -14.72 1.77
CA PRO B 241 5.96 -14.38 1.51
C PRO B 241 5.87 -13.46 0.27
N GLU B 242 4.67 -13.33 -0.29
CA GLU B 242 4.39 -12.45 -1.46
C GLU B 242 4.42 -10.99 -1.00
N TYR B 243 3.69 -10.66 0.07
CA TYR B 243 3.73 -9.34 0.75
C TYR B 243 4.35 -9.51 2.14
N ALA B 244 5.26 -8.60 2.51
CA ALA B 244 5.99 -8.60 3.80
C ALA B 244 5.96 -7.19 4.43
N ASN B 245 5.91 -7.14 5.76
CA ASN B 245 6.13 -5.91 6.57
C ASN B 245 7.62 -5.57 6.49
N TYR B 246 8.00 -4.34 6.85
CA TYR B 246 9.40 -3.83 6.75
C TYR B 246 10.35 -4.71 7.57
N ASP B 247 9.85 -5.41 8.59
CA ASP B 247 10.63 -6.31 9.47
C ASP B 247 10.86 -7.67 8.78
N GLY B 248 10.31 -7.86 7.57
CA GLY B 248 10.51 -9.06 6.75
C GLY B 248 9.41 -10.11 6.95
N THR B 249 8.62 -9.98 8.02
CA THR B 249 7.53 -10.93 8.38
C THR B 249 6.40 -10.79 7.36
N PRO B 250 5.67 -11.88 7.06
CA PRO B 250 4.49 -11.80 6.19
C PRO B 250 3.53 -10.69 6.66
N ALA B 251 3.04 -9.88 5.73
CA ALA B 251 2.08 -8.78 6.00
C ALA B 251 0.74 -9.37 6.41
N PRO B 252 -0.17 -8.58 7.05
CA PRO B 252 -1.54 -9.04 7.26
C PRO B 252 -2.25 -9.29 5.92
N VAL B 253 -3.25 -10.18 5.94
CA VAL B 253 -4.13 -10.49 4.76
C VAL B 253 -4.74 -9.17 4.28
N GLN B 254 -4.70 -8.92 2.97
CA GLN B 254 -5.26 -7.71 2.32
C GLN B 254 -6.70 -8.01 1.89
N LEU B 255 -7.39 -7.02 1.31
CA LEU B 255 -8.81 -7.11 0.91
C LEU B 255 -8.94 -7.79 -0.46
N HIS B 256 -7.85 -7.85 -1.23
CA HIS B 256 -7.80 -8.40 -2.60
C HIS B 256 -7.13 -9.78 -2.62
N GLY B 257 -6.70 -10.30 -1.45
CA GLY B 257 -6.19 -11.68 -1.31
C GLY B 257 -5.30 -11.86 -0.08
N ASP B 258 -4.85 -13.10 0.13
CA ASP B 258 -3.92 -13.54 1.21
C ASP B 258 -2.54 -13.76 0.59
N PHE B 259 -1.55 -12.94 0.97
CA PHE B 259 -0.23 -12.83 0.32
C PHE B 259 0.91 -13.20 1.28
N ARG B 260 0.59 -13.89 2.38
CA ARG B 260 1.57 -14.28 3.43
C ARG B 260 2.41 -15.49 2.98
N HIS B 261 2.00 -16.16 1.90
CA HIS B 261 2.50 -17.51 1.51
C HIS B 261 3.47 -17.40 0.32
N PHE B 262 4.23 -18.46 0.06
CA PHE B 262 5.13 -18.59 -1.11
C PHE B 262 4.31 -18.98 -2.34
N TYR B 263 3.98 -17.96 -3.14
CA TYR B 263 3.16 -18.04 -4.38
C TYR B 263 3.85 -17.16 -5.44
N SER B 264 3.14 -16.78 -6.51
CA SER B 264 3.67 -16.24 -7.80
C SER B 264 4.76 -15.18 -7.59
N ASP B 265 4.47 -14.12 -6.82
CA ASP B 265 5.37 -12.94 -6.65
C ASP B 265 6.71 -13.40 -6.07
N ALA B 266 6.66 -14.22 -5.01
CA ALA B 266 7.79 -14.69 -4.17
C ALA B 266 8.85 -15.43 -5.01
N TYR B 267 8.46 -16.03 -6.15
CA TYR B 267 9.33 -16.90 -6.98
C TYR B 267 10.57 -16.09 -7.43
N ARG B 268 10.41 -14.80 -7.71
CA ARG B 268 11.45 -13.92 -8.31
C ARG B 268 12.55 -13.59 -7.30
N VAL B 269 12.30 -13.76 -5.99
CA VAL B 269 13.28 -13.47 -4.91
C VAL B 269 14.58 -14.24 -5.17
N ALA B 270 14.49 -15.55 -5.41
CA ALA B 270 15.63 -16.47 -5.59
C ALA B 270 16.44 -16.10 -6.86
N ALA B 271 15.76 -15.60 -7.90
CA ALA B 271 16.37 -15.13 -9.16
C ALA B 271 17.06 -13.77 -8.95
N ASN B 272 16.36 -12.85 -8.27
CA ASN B 272 16.85 -11.49 -7.93
C ASN B 272 18.14 -11.62 -7.09
N VAL B 273 18.09 -12.37 -5.99
CA VAL B 273 19.22 -12.71 -5.06
C VAL B 273 20.41 -13.24 -5.89
N ALA B 274 20.16 -14.13 -6.84
CA ALA B 274 21.21 -14.82 -7.63
C ALA B 274 21.85 -13.84 -8.62
N LEU B 275 21.07 -12.95 -9.23
CA LEU B 275 21.61 -11.97 -10.22
C LEU B 275 22.51 -10.96 -9.49
N ASP B 276 22.10 -10.50 -8.30
CA ASP B 276 22.89 -9.58 -7.43
C ASP B 276 24.25 -10.22 -7.16
N TRP B 277 24.27 -11.50 -6.76
CA TRP B 277 25.52 -12.27 -6.48
C TRP B 277 26.42 -12.28 -7.72
N GLU B 278 25.87 -12.64 -8.89
CA GLU B 278 26.60 -12.69 -10.18
C GLU B 278 27.23 -11.31 -10.47
N TRP B 279 26.46 -10.24 -10.36
CA TRP B 279 26.87 -8.86 -10.73
C TRP B 279 27.87 -8.29 -9.72
N PHE B 280 27.65 -8.49 -8.41
CA PHE B 280 28.31 -7.69 -7.35
C PHE B 280 29.05 -8.56 -6.30
N ARG B 281 28.62 -9.81 -6.06
CA ARG B 281 29.32 -10.77 -5.14
C ARG B 281 29.50 -10.16 -3.75
N LYS B 282 28.52 -9.39 -3.26
CA LYS B 282 28.68 -8.59 -2.01
C LYS B 282 28.28 -9.43 -0.78
N ASP B 283 27.17 -10.18 -0.86
CA ASP B 283 26.55 -10.86 0.30
C ASP B 283 26.73 -12.37 0.20
N PRO B 284 27.66 -12.99 0.97
CA PRO B 284 27.85 -14.44 0.93
C PRO B 284 26.63 -15.26 1.38
N TRP B 285 25.68 -14.64 2.09
CA TRP B 285 24.37 -15.24 2.49
C TRP B 285 23.57 -15.68 1.26
N GLN B 286 23.71 -14.96 0.15
CA GLN B 286 22.98 -15.19 -1.14
C GLN B 286 23.26 -16.60 -1.66
N VAL B 287 24.51 -17.07 -1.52
CA VAL B 287 24.94 -18.46 -1.86
C VAL B 287 24.13 -19.46 -1.01
N GLN B 288 24.03 -19.20 0.30
CA GLN B 288 23.34 -20.09 1.27
C GLN B 288 21.84 -20.10 0.96
N GLN B 289 21.27 -18.94 0.62
CA GLN B 289 19.82 -18.79 0.29
C GLN B 289 19.52 -19.64 -0.94
N SER B 290 20.37 -19.56 -1.96
CA SER B 290 20.25 -20.31 -3.23
C SER B 290 20.31 -21.82 -2.94
N ASN B 291 21.23 -22.25 -2.06
CA ASN B 291 21.39 -23.67 -1.63
C ASN B 291 20.11 -24.17 -0.96
N ARG B 292 19.50 -23.35 -0.09
CA ARG B 292 18.35 -23.72 0.78
C ARG B 292 17.09 -23.94 -0.08
N ILE B 293 16.74 -22.98 -0.95
CA ILE B 293 15.50 -23.06 -1.77
C ILE B 293 15.62 -24.21 -2.77
N GLN B 294 16.80 -24.40 -3.37
CA GLN B 294 17.09 -25.50 -4.33
C GLN B 294 16.89 -26.84 -3.60
N ALA B 295 17.36 -26.93 -2.35
CA ALA B 295 17.30 -28.15 -1.49
C ALA B 295 15.86 -28.45 -1.08
N PHE B 296 15.01 -27.43 -0.91
CA PHE B 296 13.57 -27.58 -0.60
C PHE B 296 12.84 -28.19 -1.79
N PHE B 297 13.32 -27.95 -3.01
CA PHE B 297 12.65 -28.36 -4.27
C PHE B 297 13.47 -29.41 -5.02
N SER B 298 14.61 -29.86 -4.49
CA SER B 298 15.58 -30.75 -5.19
C SER B 298 14.89 -31.94 -5.86
N ASP B 299 13.99 -32.65 -5.22
CA ASP B 299 13.35 -33.75 -6.01
C ASP B 299 11.85 -33.65 -5.81
N ILE B 300 11.35 -32.42 -5.91
CA ILE B 300 9.90 -32.14 -6.12
C ILE B 300 9.75 -31.92 -7.62
N ASP B 301 8.79 -32.61 -8.26
CA ASP B 301 8.49 -32.45 -9.70
C ASP B 301 7.68 -31.16 -9.90
N VAL B 302 7.87 -30.51 -11.06
CA VAL B 302 7.16 -29.26 -11.47
C VAL B 302 5.65 -29.49 -11.41
N SER B 303 5.18 -30.69 -11.74
CA SER B 303 3.74 -31.05 -11.72
C SER B 303 3.24 -31.16 -10.28
N ASP B 304 4.14 -31.33 -9.30
CA ASP B 304 3.82 -31.48 -7.86
C ASP B 304 4.00 -30.15 -7.10
N TYR B 305 4.38 -29.07 -7.80
CA TYR B 305 4.54 -27.72 -7.20
C TYR B 305 3.19 -27.24 -6.65
N ARG B 306 3.22 -26.74 -5.41
CA ARG B 306 2.03 -26.26 -4.64
CA ARG B 306 2.03 -26.26 -4.65
C ARG B 306 2.17 -24.77 -4.32
N ARG B 307 1.19 -24.22 -3.60
CA ARG B 307 1.38 -23.07 -2.68
C ARG B 307 1.96 -23.64 -1.39
N TYR B 308 2.99 -23.00 -0.83
CA TYR B 308 3.62 -23.41 0.45
C TYR B 308 3.60 -22.22 1.42
N THR B 309 3.36 -22.48 2.71
CA THR B 309 3.69 -21.54 3.81
C THR B 309 5.21 -21.42 3.83
N ILE B 310 5.76 -20.27 4.23
CA ILE B 310 7.23 -19.99 4.21
C ILE B 310 7.95 -21.04 5.06
N GLU B 311 7.26 -21.63 6.05
CA GLU B 311 7.76 -22.73 6.93
C GLU B 311 7.92 -24.03 6.12
N GLY B 312 7.26 -24.13 4.97
CA GLY B 312 7.41 -25.26 4.01
C GLY B 312 6.22 -26.21 4.03
N GLU B 313 5.09 -25.80 4.62
CA GLU B 313 3.84 -26.60 4.68
C GLU B 313 3.11 -26.50 3.34
N PRO B 314 2.96 -27.62 2.59
CA PRO B 314 2.26 -27.57 1.30
C PRO B 314 0.73 -27.54 1.44
N PHE B 315 0.09 -26.53 0.83
CA PHE B 315 -1.37 -26.47 0.56
C PHE B 315 -1.71 -27.56 -0.48
N ASN B 316 -2.95 -28.03 -0.50
CA ASN B 316 -3.46 -28.96 -1.56
C ASN B 316 -3.41 -28.23 -2.89
N GLU B 317 -3.74 -26.93 -2.90
CA GLU B 317 -3.72 -26.01 -4.06
C GLU B 317 -2.40 -26.15 -4.82
N PRO B 318 -2.42 -26.26 -6.17
CA PRO B 318 -1.20 -26.23 -6.97
C PRO B 318 -0.70 -24.79 -7.18
N ALA B 319 0.60 -24.63 -7.45
CA ALA B 319 1.18 -23.39 -7.99
C ALA B 319 0.44 -23.02 -9.29
N LEU B 320 0.11 -21.74 -9.48
CA LEU B 320 -0.49 -21.23 -10.74
C LEU B 320 0.58 -21.18 -11.84
N HIS B 321 1.85 -20.99 -11.47
CA HIS B 321 2.98 -20.77 -12.43
C HIS B 321 4.16 -21.67 -12.09
N PRO B 322 4.01 -23.01 -12.24
CA PRO B 322 5.07 -23.95 -11.86
C PRO B 322 6.32 -23.87 -12.74
N VAL B 323 6.16 -23.57 -14.04
CA VAL B 323 7.30 -23.37 -15.00
C VAL B 323 8.08 -22.11 -14.57
N GLY B 324 7.36 -21.02 -14.29
CA GLY B 324 7.91 -19.81 -13.65
C GLY B 324 8.74 -20.16 -12.42
N LEU B 325 8.20 -20.99 -11.53
CA LEU B 325 8.84 -21.39 -10.24
C LEU B 325 10.13 -22.16 -10.54
N LEU B 326 10.07 -23.11 -11.48
CA LEU B 326 11.25 -23.92 -11.90
C LEU B 326 12.33 -22.98 -12.44
N ALA B 327 11.97 -22.04 -13.30
CA ALA B 327 12.87 -21.05 -13.96
C ALA B 327 13.64 -20.25 -12.88
N THR B 328 12.94 -19.74 -11.85
CA THR B 328 13.58 -18.94 -10.76
C THR B 328 14.46 -19.85 -9.91
N ASN B 329 13.98 -21.05 -9.56
CA ASN B 329 14.75 -22.08 -8.81
C ASN B 329 16.03 -22.41 -9.59
N ALA B 330 15.94 -22.46 -10.93
CA ALA B 330 17.05 -22.73 -11.87
C ALA B 330 18.01 -21.53 -11.91
N MET B 331 17.47 -20.31 -11.85
CA MET B 331 18.24 -19.05 -11.95
C MET B 331 19.15 -18.92 -10.72
N ALA B 332 18.74 -19.52 -9.60
CA ALA B 332 19.48 -19.58 -8.31
C ALA B 332 20.82 -20.30 -8.47
N SER B 333 21.00 -21.12 -9.52
CA SER B 333 22.26 -21.84 -9.84
C SER B 333 23.40 -20.87 -10.15
N LEU B 334 23.08 -19.61 -10.52
CA LEU B 334 24.08 -18.52 -10.65
C LEU B 334 24.89 -18.38 -9.37
N ALA B 335 24.27 -18.69 -8.21
CA ALA B 335 24.82 -18.43 -6.86
C ALA B 335 24.98 -19.74 -6.07
N ALA B 336 24.08 -20.71 -6.26
CA ALA B 336 24.11 -22.02 -5.57
C ALA B 336 25.40 -22.75 -5.94
N ASP B 337 26.12 -23.25 -4.92
CA ASP B 337 27.29 -24.17 -5.09
C ASP B 337 26.91 -25.57 -4.58
N GLY B 338 25.66 -25.75 -4.14
CA GLY B 338 25.14 -26.99 -3.52
C GLY B 338 25.04 -28.16 -4.51
N PRO B 339 24.63 -29.36 -4.05
CA PRO B 339 24.55 -30.53 -4.91
C PRO B 339 23.34 -30.58 -5.85
N ASP B 340 22.49 -29.53 -5.83
CA ASP B 340 21.22 -29.44 -6.60
C ASP B 340 21.39 -28.49 -7.80
N ALA B 341 22.47 -27.71 -7.85
CA ALA B 341 22.68 -26.63 -8.84
C ALA B 341 22.68 -27.21 -10.26
N ASP B 342 23.50 -28.24 -10.52
CA ASP B 342 23.65 -28.88 -11.85
C ASP B 342 22.29 -29.44 -12.28
N SER B 343 21.62 -30.17 -11.37
CA SER B 343 20.29 -30.79 -11.55
C SER B 343 19.29 -29.77 -12.10
N PHE B 344 19.21 -28.59 -11.47
CA PHE B 344 18.20 -27.53 -11.80
C PHE B 344 18.48 -26.96 -13.21
N VAL B 345 19.75 -26.81 -13.60
CA VAL B 345 20.14 -26.21 -14.90
C VAL B 345 19.65 -27.14 -16.03
N LYS B 346 19.96 -28.43 -15.94
CA LYS B 346 19.52 -29.49 -16.90
C LYS B 346 17.99 -29.56 -16.95
N ARG B 347 17.36 -29.57 -15.78
CA ARG B 347 15.88 -29.61 -15.67
C ARG B 347 15.24 -28.46 -16.45
N PHE B 348 15.79 -27.25 -16.34
CA PHE B 348 15.28 -26.05 -17.05
C PHE B 348 15.52 -26.20 -18.56
N TRP B 349 16.73 -26.62 -18.96
CA TRP B 349 17.11 -26.83 -20.39
C TRP B 349 16.09 -27.75 -21.06
N ASN B 350 15.69 -28.83 -20.38
CA ASN B 350 14.75 -29.86 -20.89
C ASN B 350 13.30 -29.44 -20.64
N THR B 351 13.05 -28.24 -20.13
CA THR B 351 11.69 -27.66 -19.97
C THR B 351 11.44 -26.68 -21.09
N PRO B 352 10.40 -26.88 -21.94
CA PRO B 352 10.05 -25.90 -22.96
C PRO B 352 9.21 -24.76 -22.36
N LEU B 353 9.00 -23.70 -23.14
CA LEU B 353 8.10 -22.56 -22.78
C LEU B 353 6.69 -23.09 -22.47
N ARG B 354 5.95 -22.40 -21.59
CA ARG B 354 4.56 -22.76 -21.23
C ARG B 354 3.65 -22.42 -22.42
N GLN B 355 2.52 -23.13 -22.52
CA GLN B 355 1.45 -22.79 -23.51
C GLN B 355 0.12 -22.68 -22.77
N GLY B 356 -0.89 -22.14 -23.44
CA GLY B 356 -2.22 -21.88 -22.85
C GLY B 356 -2.31 -20.46 -22.30
N LYS B 357 -3.49 -20.12 -21.76
CA LYS B 357 -3.89 -18.73 -21.42
C LYS B 357 -3.09 -18.20 -20.22
N ARG B 358 -2.48 -19.07 -19.42
CA ARG B 358 -1.76 -18.69 -18.16
C ARG B 358 -0.25 -18.58 -18.38
N ARG B 359 0.23 -18.60 -19.62
CA ARG B 359 1.67 -18.80 -19.97
C ARG B 359 2.53 -17.58 -19.66
N TYR B 360 1.94 -16.37 -19.65
CA TYR B 360 2.65 -15.06 -19.64
C TYR B 360 3.73 -15.05 -18.53
N TYR B 361 3.34 -15.16 -17.26
CA TYR B 361 4.26 -14.99 -16.10
C TYR B 361 5.35 -16.07 -16.12
N ASP B 362 4.97 -17.31 -16.46
CA ASP B 362 5.90 -18.46 -16.59
C ASP B 362 7.00 -18.10 -17.61
N ASN B 363 6.60 -17.66 -18.79
CA ASN B 363 7.54 -17.42 -19.92
C ASN B 363 8.43 -16.20 -19.64
N CYS B 364 7.95 -15.20 -18.90
CA CYS B 364 8.75 -14.00 -18.50
C CYS B 364 9.92 -14.44 -17.61
N LEU B 365 9.64 -15.30 -16.62
CA LEU B 365 10.65 -15.87 -15.68
C LEU B 365 11.56 -16.84 -16.45
N TYR B 366 10.98 -17.64 -17.35
CA TYR B 366 11.68 -18.57 -18.28
C TYR B 366 12.79 -17.82 -19.04
N PHE B 367 12.43 -16.71 -19.70
CA PHE B 367 13.35 -15.98 -20.61
C PHE B 367 14.50 -15.34 -19.83
N PHE B 368 14.21 -14.75 -18.66
CA PHE B 368 15.24 -14.15 -17.77
C PHE B 368 16.25 -15.23 -17.34
N THR B 369 15.77 -16.44 -17.03
CA THR B 369 16.59 -17.62 -16.64
C THR B 369 17.46 -18.06 -17.83
N MET B 370 16.88 -18.13 -19.04
CA MET B 370 17.59 -18.48 -20.30
C MET B 370 18.73 -17.47 -20.54
N LEU B 371 18.44 -16.17 -20.38
CA LEU B 371 19.45 -15.07 -20.49
C LEU B 371 20.57 -15.29 -19.47
N ALA B 372 20.20 -15.41 -18.18
CA ALA B 372 21.10 -15.50 -17.01
C ALA B 372 21.99 -16.74 -17.11
N LEU B 373 21.40 -17.92 -17.37
CA LEU B 373 22.15 -19.21 -17.32
C LEU B 373 23.03 -19.38 -18.57
N SER B 374 22.76 -18.64 -19.65
CA SER B 374 23.61 -18.62 -20.88
C SER B 374 24.73 -17.59 -20.73
N GLY B 375 24.68 -16.75 -19.69
CA GLY B 375 25.68 -15.70 -19.39
C GLY B 375 25.43 -14.44 -20.22
N ASN B 376 24.15 -14.12 -20.47
CA ASN B 376 23.73 -13.02 -21.37
C ASN B 376 22.83 -12.01 -20.66
N TYR B 377 22.71 -12.09 -19.32
CA TYR B 377 22.02 -11.09 -18.46
C TYR B 377 23.11 -10.22 -17.85
N ARG B 378 23.43 -9.11 -18.52
CA ARG B 378 24.70 -8.37 -18.34
C ARG B 378 24.41 -6.91 -18.00
N VAL B 379 25.42 -6.26 -17.42
CA VAL B 379 25.44 -4.80 -17.10
C VAL B 379 26.01 -4.08 -18.33
N TYR B 380 25.35 -3.03 -18.79
CA TYR B 380 25.81 -2.17 -19.92
C TYR B 380 26.17 -0.80 -19.34
N GLN B 381 27.48 -0.56 -19.23
CA GLN B 381 28.06 0.61 -18.51
C GLN B 381 28.36 1.73 -19.51
N GLN B 382 28.74 2.90 -19.00
CA GLN B 382 29.42 3.98 -19.77
C GLN B 382 30.83 3.48 -20.07
N ALA B 383 30.98 2.74 -21.16
CA ALA B 383 32.18 1.94 -21.48
C ALA B 383 33.17 2.78 -22.29
N ALA B 384 34.14 2.11 -22.93
CA ALA B 384 35.17 2.73 -23.80
C ALA B 384 35.02 2.25 -25.25
N ALA B 385 34.39 3.08 -26.09
CA ALA B 385 34.07 2.84 -27.51
C ALA B 385 35.23 3.28 -28.39
N MET C 1 -7.01 -17.98 4.38
CA MET C 1 -6.83 -19.46 4.57
C MET C 1 -5.38 -19.73 4.99
N ASN C 2 -5.17 -20.73 5.85
CA ASN C 2 -3.82 -21.09 6.35
C ASN C 2 -3.69 -22.62 6.48
N ILE C 3 -3.85 -23.34 5.37
CA ILE C 3 -3.74 -24.83 5.19
C ILE C 3 -4.66 -25.62 6.14
N THR C 4 -4.97 -25.14 7.35
CA THR C 4 -6.01 -25.74 8.23
C THR C 4 -7.29 -24.93 8.02
N GLY C 5 -7.97 -25.09 6.89
CA GLY C 5 -8.85 -24.00 6.43
C GLY C 5 -10.33 -24.31 6.46
N LYS C 6 -11.10 -23.36 7.03
CA LYS C 6 -12.58 -23.16 6.92
C LYS C 6 -13.38 -24.21 7.70
N GLY C 7 -14.16 -23.74 8.69
CA GLY C 7 -14.96 -24.60 9.56
C GLY C 7 -16.35 -24.81 8.99
N ALA C 8 -17.17 -25.60 9.67
CA ALA C 8 -18.56 -25.90 9.28
C ALA C 8 -19.39 -24.60 9.19
N TYR C 9 -19.10 -23.59 10.01
CA TYR C 9 -19.81 -22.29 9.95
C TYR C 9 -19.68 -21.71 8.52
N ASP C 10 -18.47 -21.74 7.96
CA ASP C 10 -18.17 -21.18 6.60
C ASP C 10 -18.60 -22.17 5.50
N THR C 11 -18.18 -23.44 5.59
CA THR C 11 -18.32 -24.44 4.49
C THR C 11 -19.73 -25.05 4.46
N GLY C 12 -20.37 -25.19 5.61
CA GLY C 12 -21.63 -25.96 5.77
C GLY C 12 -21.37 -27.46 5.72
N THR C 13 -20.11 -27.88 5.70
CA THR C 13 -19.69 -29.31 5.66
C THR C 13 -19.41 -29.76 7.10
N TYR C 14 -20.08 -30.83 7.54
CA TYR C 14 -19.95 -31.41 8.89
C TYR C 14 -19.38 -32.83 8.76
N ALA C 15 -18.25 -33.07 9.43
CA ALA C 15 -17.56 -34.38 9.52
C ALA C 15 -18.49 -35.40 10.17
N ASN C 16 -18.61 -36.58 9.55
CA ASN C 16 -19.34 -37.76 10.07
C ASN C 16 -18.29 -38.76 10.56
N LEU C 17 -17.87 -38.65 11.81
CA LEU C 17 -16.76 -39.48 12.37
C LEU C 17 -17.17 -40.94 12.50
N PHE C 18 -18.47 -41.21 12.66
CA PHE C 18 -19.04 -42.58 12.72
C PHE C 18 -18.85 -43.25 11.35
N GLN C 19 -19.12 -42.51 10.28
CA GLN C 19 -18.90 -42.95 8.88
C GLN C 19 -17.42 -43.21 8.67
N ARG C 20 -16.58 -42.25 9.06
CA ARG C 20 -15.08 -42.32 8.98
C ARG C 20 -14.57 -43.56 9.71
N SER C 21 -15.24 -43.95 10.80
CA SER C 21 -14.90 -45.12 11.66
C SER C 21 -15.34 -46.44 11.01
N GLY C 22 -16.19 -46.38 9.99
CA GLY C 22 -16.58 -47.55 9.17
C GLY C 22 -18.07 -47.87 9.25
N TYR C 23 -18.83 -47.21 10.12
CA TYR C 23 -20.28 -47.46 10.32
C TYR C 23 -21.06 -46.94 9.10
N ARG C 24 -22.20 -47.55 8.81
CA ARG C 24 -23.07 -47.20 7.65
C ARG C 24 -23.93 -45.98 7.98
N GLU C 25 -24.20 -45.14 6.99
CA GLU C 25 -25.05 -43.92 7.12
C GLU C 25 -26.42 -44.33 7.70
N ASP C 26 -27.04 -45.36 7.12
CA ASP C 26 -28.36 -45.91 7.54
C ASP C 26 -28.33 -46.14 9.05
N GLU C 27 -27.37 -46.96 9.49
CA GLU C 27 -27.11 -47.34 10.90
C GLU C 27 -27.04 -46.11 11.79
N ILE C 28 -26.25 -45.11 11.38
CA ILE C 28 -25.90 -43.91 12.18
C ILE C 28 -27.17 -43.11 12.47
N LYS C 29 -27.98 -42.83 11.44
CA LYS C 29 -29.21 -41.99 11.54
C LYS C 29 -30.24 -42.71 12.42
N ALA C 30 -30.37 -44.03 12.26
CA ALA C 30 -31.25 -44.91 13.07
C ALA C 30 -30.82 -44.84 14.54
N ARG C 31 -29.51 -44.91 14.78
CA ARG C 31 -28.90 -44.89 16.15
C ARG C 31 -29.16 -43.53 16.80
N LEU C 32 -29.09 -42.43 16.04
CA LEU C 32 -29.35 -41.06 16.55
C LEU C 32 -30.82 -40.96 16.98
N GLU C 33 -31.74 -41.41 16.11
CA GLU C 33 -33.21 -41.34 16.33
C GLU C 33 -33.58 -42.17 17.57
N GLN C 34 -33.02 -43.38 17.70
CA GLN C 34 -33.27 -44.29 18.85
C GLN C 34 -32.87 -43.59 20.16
N THR C 35 -31.70 -42.94 20.17
CA THR C 35 -31.16 -42.18 21.33
C THR C 35 -32.14 -41.07 21.73
N TRP C 36 -32.68 -40.32 20.75
CA TRP C 36 -33.72 -39.28 20.99
C TRP C 36 -34.94 -39.93 21.66
N ASN C 37 -35.46 -41.01 21.06
CA ASN C 37 -36.72 -41.69 21.49
C ASN C 37 -36.57 -42.23 22.93
N ASP C 38 -35.39 -42.76 23.27
CA ASP C 38 -35.13 -43.36 24.61
C ASP C 38 -35.03 -42.25 25.66
N LEU C 39 -34.30 -41.17 25.38
CA LEU C 39 -34.02 -40.09 26.36
C LEU C 39 -35.28 -39.26 26.62
N PHE C 40 -36.16 -39.15 25.61
CA PHE C 40 -37.34 -38.25 25.65
C PHE C 40 -38.64 -39.05 25.84
N TYR C 41 -38.72 -40.29 25.34
CA TYR C 41 -39.97 -41.10 25.32
C TYR C 41 -39.68 -42.56 25.70
N GLY C 42 -38.64 -42.80 26.51
CA GLY C 42 -38.23 -44.15 26.95
C GLY C 42 -38.93 -44.57 28.25
N ASP C 43 -38.42 -45.62 28.90
CA ASP C 43 -39.00 -46.22 30.13
C ASP C 43 -38.50 -45.45 31.36
N GLU C 44 -38.90 -45.88 32.57
CA GLU C 44 -38.77 -45.11 33.84
C GLU C 44 -37.31 -45.14 34.34
N HIS C 45 -36.44 -45.94 33.71
CA HIS C 45 -35.03 -46.14 34.11
C HIS C 45 -34.08 -45.52 33.08
N THR C 46 -34.63 -44.84 32.06
CA THR C 46 -33.88 -44.35 30.87
C THR C 46 -34.23 -42.89 30.59
N ARG C 47 -35.51 -42.60 30.29
CA ARG C 47 -36.00 -41.25 29.88
C ARG C 47 -35.59 -40.21 30.93
N ILE C 48 -35.24 -39.00 30.50
CA ILE C 48 -34.92 -37.84 31.39
C ILE C 48 -35.84 -36.66 31.07
N TYR C 49 -36.72 -36.79 30.08
CA TYR C 49 -37.72 -35.76 29.67
C TYR C 49 -39.12 -36.18 30.12
N TYR C 50 -39.89 -35.22 30.65
CA TYR C 50 -41.26 -35.44 31.20
C TYR C 50 -42.16 -34.31 30.75
N PRO C 51 -43.13 -34.57 29.84
CA PRO C 51 -44.10 -33.54 29.41
C PRO C 51 -45.13 -33.26 30.52
N VAL C 52 -45.46 -31.98 30.72
CA VAL C 52 -46.37 -31.48 31.78
C VAL C 52 -47.49 -30.66 31.13
N GLY C 53 -48.74 -31.07 31.33
CA GLY C 53 -49.92 -30.43 30.71
C GLY C 53 -49.89 -30.55 29.20
N ASP C 54 -50.23 -29.48 28.48
CA ASP C 54 -50.36 -29.45 27.00
C ASP C 54 -49.24 -28.60 26.37
N ASP C 55 -48.63 -27.69 27.13
CA ASP C 55 -47.69 -26.66 26.60
C ASP C 55 -46.40 -26.58 27.44
N LYS C 56 -46.07 -27.63 28.20
CA LYS C 56 -44.89 -27.60 29.11
C LYS C 56 -44.23 -28.99 29.20
N GLY C 57 -43.01 -29.02 29.73
CA GLY C 57 -42.18 -30.22 29.91
C GLY C 57 -40.81 -29.84 30.44
N TYR C 58 -40.09 -30.79 31.06
CA TYR C 58 -38.80 -30.52 31.74
C TYR C 58 -37.84 -31.71 31.58
N MET C 59 -36.55 -31.42 31.81
CA MET C 59 -35.44 -32.40 31.89
C MET C 59 -35.07 -32.57 33.38
N LEU C 60 -35.22 -33.78 33.91
CA LEU C 60 -35.04 -34.07 35.37
C LEU C 60 -33.59 -34.50 35.62
N ASP C 61 -32.89 -33.82 36.53
CA ASP C 61 -31.64 -34.32 37.14
C ASP C 61 -32.05 -35.45 38.11
N THR C 62 -32.14 -36.67 37.57
CA THR C 62 -32.53 -37.91 38.30
C THR C 62 -31.64 -38.07 39.54
N GLY C 63 -30.35 -37.76 39.39
CA GLY C 63 -29.33 -37.85 40.46
C GLY C 63 -29.66 -36.98 41.65
N ASN C 64 -30.26 -35.82 41.43
CA ASN C 64 -30.50 -34.80 42.49
C ASN C 64 -32.00 -34.52 42.66
N ASP C 65 -32.87 -35.21 41.89
CA ASP C 65 -34.36 -35.11 41.98
C ASP C 65 -34.81 -33.65 41.83
N ASP C 66 -34.13 -32.87 40.99
CA ASP C 66 -34.48 -31.44 40.72
C ASP C 66 -34.35 -31.16 39.22
N VAL C 67 -34.85 -29.99 38.79
CA VAL C 67 -34.82 -29.51 37.38
C VAL C 67 -33.85 -28.33 37.32
N ARG C 68 -32.73 -28.48 36.61
CA ARG C 68 -31.63 -27.49 36.56
C ARG C 68 -31.77 -26.62 35.30
N SER C 69 -31.16 -25.42 35.32
CA SER C 69 -31.17 -24.46 34.19
C SER C 69 -30.30 -25.02 33.06
N ALA C 70 -29.13 -25.56 33.40
CA ALA C 70 -28.18 -26.25 32.49
C ALA C 70 -28.90 -27.37 31.74
N GLY C 71 -29.71 -28.16 32.45
CA GLY C 71 -30.44 -29.32 31.91
C GLY C 71 -31.55 -28.92 30.96
N MET C 72 -32.38 -27.97 31.35
CA MET C 72 -33.51 -27.42 30.54
C MET C 72 -32.94 -26.83 29.24
N SER C 73 -31.79 -26.15 29.34
CA SER C 73 -31.09 -25.46 28.22
C SER C 73 -30.45 -26.51 27.30
N TYR C 74 -29.85 -27.56 27.86
CA TYR C 74 -29.36 -28.76 27.11
C TYR C 74 -30.52 -29.35 26.30
N GLY C 75 -31.69 -29.50 26.94
CA GLY C 75 -32.90 -30.10 26.35
C GLY C 75 -33.37 -29.33 25.13
N MET C 76 -33.36 -28.00 25.23
CA MET C 76 -33.82 -27.09 24.13
C MET C 76 -32.88 -27.22 22.94
N MET C 77 -31.56 -27.19 23.18
CA MET C 77 -30.53 -27.38 22.12
C MET C 77 -30.73 -28.75 21.46
N MET C 78 -30.88 -29.81 22.24
CA MET C 78 -31.17 -31.18 21.72
C MET C 78 -32.38 -31.13 20.79
N ALA C 79 -33.45 -30.47 21.21
CA ALA C 79 -34.74 -30.34 20.49
C ALA C 79 -34.54 -29.65 19.14
N VAL C 80 -33.92 -28.47 19.12
CA VAL C 80 -33.79 -27.61 17.89
C VAL C 80 -32.80 -28.27 16.93
N GLN C 81 -31.73 -28.91 17.44
CA GLN C 81 -30.72 -29.63 16.63
C GLN C 81 -31.37 -30.84 15.93
N MET C 82 -32.43 -31.41 16.51
CA MET C 82 -33.14 -32.61 15.99
C MET C 82 -34.42 -32.20 15.24
N ASP C 83 -34.72 -30.89 15.12
CA ASP C 83 -35.94 -30.35 14.45
C ASP C 83 -37.18 -30.88 15.20
N LYS C 84 -37.24 -30.63 16.51
CA LYS C 84 -38.31 -31.11 17.44
C LYS C 84 -38.97 -29.92 18.12
N LYS C 85 -39.68 -29.10 17.34
CA LYS C 85 -40.29 -27.82 17.80
C LYS C 85 -41.20 -28.07 19.01
N HIS C 86 -42.08 -29.06 18.92
CA HIS C 86 -43.07 -29.40 19.97
C HIS C 86 -42.39 -29.51 21.34
N GLU C 87 -41.32 -30.30 21.41
CA GLU C 87 -40.54 -30.53 22.65
C GLU C 87 -39.79 -29.26 23.05
N PHE C 88 -39.19 -28.57 22.08
CA PHE C 88 -38.40 -27.32 22.30
C PHE C 88 -39.28 -26.32 23.06
N ASP C 89 -40.50 -26.11 22.56
CA ASP C 89 -41.46 -25.07 23.05
C ASP C 89 -41.92 -25.41 24.46
N ARG C 90 -42.21 -26.69 24.73
CA ARG C 90 -42.63 -27.20 26.07
C ARG C 90 -41.55 -26.86 27.10
N LEU C 91 -40.28 -27.13 26.78
CA LEU C 91 -39.12 -26.90 27.68
C LEU C 91 -38.98 -25.40 27.95
N TRP C 92 -38.91 -24.59 26.89
CA TRP C 92 -38.74 -23.11 26.97
C TRP C 92 -39.87 -22.51 27.81
N ASN C 93 -41.11 -22.99 27.62
CA ASN C 93 -42.32 -22.51 28.36
C ASN C 93 -42.14 -22.76 29.86
N TYR C 94 -41.58 -23.92 30.22
CA TYR C 94 -41.30 -24.32 31.63
C TYR C 94 -40.26 -23.36 32.24
N ALA C 95 -39.18 -23.10 31.51
CA ALA C 95 -38.03 -22.24 31.94
C ALA C 95 -38.52 -20.80 32.13
N TYR C 96 -39.14 -20.23 31.09
CA TYR C 96 -39.66 -18.84 31.03
C TYR C 96 -40.65 -18.60 32.19
N THR C 97 -41.54 -19.56 32.43
CA THR C 97 -42.61 -19.48 33.47
C THR C 97 -41.98 -19.48 34.87
N TYR C 98 -41.39 -20.61 35.27
CA TYR C 98 -41.04 -20.93 36.68
C TYR C 98 -39.67 -20.36 37.07
N MET C 99 -38.71 -20.33 36.14
CA MET C 99 -37.26 -20.16 36.45
C MET C 99 -36.78 -18.72 36.18
N GLN C 100 -37.27 -18.06 35.13
CA GLN C 100 -36.79 -16.72 34.72
C GLN C 100 -37.31 -15.65 35.70
N HIS C 101 -36.39 -14.89 36.30
CA HIS C 101 -36.70 -13.71 37.18
C HIS C 101 -37.35 -12.61 36.34
N THR C 102 -38.41 -11.99 36.87
CA THR C 102 -39.08 -10.79 36.28
C THR C 102 -38.73 -9.55 37.11
N GLU C 103 -38.09 -9.73 38.27
CA GLU C 103 -37.73 -8.65 39.22
C GLU C 103 -36.45 -9.01 39.98
N GLY C 104 -35.87 -8.05 40.69
CA GLY C 104 -34.73 -8.25 41.60
C GLY C 104 -33.38 -8.12 40.90
N ARG C 105 -32.30 -8.40 41.62
CA ARG C 105 -30.89 -8.30 41.16
C ARG C 105 -30.61 -9.31 40.03
N TYR C 106 -31.48 -10.30 39.85
CA TYR C 106 -31.33 -11.42 38.88
C TYR C 106 -32.32 -11.29 37.73
N LYS C 107 -32.95 -10.12 37.57
CA LYS C 107 -34.00 -9.87 36.54
C LYS C 107 -33.50 -10.38 35.18
N ASP C 108 -34.27 -11.27 34.54
CA ASP C 108 -34.03 -11.84 33.18
C ASP C 108 -33.07 -13.04 33.24
N TYR C 109 -32.34 -13.24 34.34
CA TYR C 109 -31.59 -14.49 34.62
C TYR C 109 -32.59 -15.59 35.01
N PHE C 110 -32.09 -16.82 35.16
CA PHE C 110 -32.89 -18.03 35.50
C PHE C 110 -32.42 -18.61 36.85
N ALA C 111 -33.38 -18.91 37.73
CA ALA C 111 -33.16 -19.67 38.99
C ALA C 111 -32.56 -21.04 38.64
N TRP C 112 -31.34 -21.31 39.12
CA TRP C 112 -30.44 -22.35 38.57
C TRP C 112 -31.03 -23.76 38.75
N HIS C 113 -31.90 -23.99 39.74
CA HIS C 113 -32.65 -25.27 39.90
C HIS C 113 -33.95 -25.06 40.67
N CYS C 114 -34.97 -25.86 40.33
CA CYS C 114 -36.33 -25.85 40.93
C CYS C 114 -36.86 -27.29 41.04
N LYS C 115 -38.04 -27.46 41.65
CA LYS C 115 -38.73 -28.77 41.80
C LYS C 115 -39.50 -29.08 40.51
N PRO C 116 -39.77 -30.38 40.22
CA PRO C 116 -40.54 -30.76 39.04
C PRO C 116 -41.86 -30.00 38.83
N ASP C 117 -42.54 -29.61 39.92
CA ASP C 117 -43.81 -28.84 39.89
C ASP C 117 -43.51 -27.40 39.47
N GLY C 118 -42.29 -26.90 39.74
CA GLY C 118 -41.80 -25.57 39.33
C GLY C 118 -41.38 -24.70 40.50
N THR C 119 -41.46 -25.22 41.74
CA THR C 119 -41.09 -24.50 42.99
C THR C 119 -39.56 -24.35 43.05
N ARG C 120 -39.07 -23.11 43.06
CA ARG C 120 -37.62 -22.77 43.06
C ARG C 120 -36.97 -23.30 44.34
N LEU C 121 -35.70 -23.71 44.25
CA LEU C 121 -34.91 -24.28 45.38
C LEU C 121 -33.77 -23.32 45.72
N SER C 122 -33.25 -22.59 44.73
CA SER C 122 -32.34 -21.44 44.89
C SER C 122 -32.71 -20.36 43.88
N PRO C 123 -32.64 -19.05 44.23
CA PRO C 123 -32.95 -17.97 43.30
C PRO C 123 -31.79 -17.65 42.35
N GLY C 124 -30.54 -17.79 42.82
CA GLY C 124 -29.31 -17.48 42.07
C GLY C 124 -29.22 -18.26 40.76
N PRO C 125 -28.51 -17.73 39.73
CA PRO C 125 -28.42 -18.40 38.43
C PRO C 125 -27.12 -19.18 38.16
N ALA C 126 -27.14 -20.03 37.14
CA ALA C 126 -25.95 -20.73 36.60
C ALA C 126 -25.71 -20.26 35.16
N PRO C 127 -24.63 -19.50 34.89
CA PRO C 127 -24.40 -18.89 33.57
C PRO C 127 -24.36 -19.85 32.36
N ASP C 128 -23.91 -21.09 32.57
CA ASP C 128 -23.84 -22.11 31.48
C ASP C 128 -25.26 -22.38 30.95
N GLY C 129 -26.29 -22.23 31.78
CA GLY C 129 -27.71 -22.35 31.37
C GLY C 129 -28.09 -21.21 30.44
N GLU C 130 -27.91 -19.96 30.91
CA GLU C 130 -28.20 -18.70 30.18
C GLU C 130 -27.67 -18.76 28.74
N GLU C 131 -26.37 -19.05 28.56
CA GLU C 131 -25.71 -19.04 27.23
C GLU C 131 -26.32 -20.14 26.35
N PHE C 132 -26.59 -21.33 26.91
CA PHE C 132 -27.22 -22.46 26.17
C PHE C 132 -28.64 -22.09 25.76
N PHE C 133 -29.40 -21.46 26.67
CA PHE C 133 -30.77 -20.91 26.43
C PHE C 133 -30.74 -19.97 25.22
N ALA C 134 -29.80 -19.02 25.25
CA ALA C 134 -29.59 -17.96 24.23
C ALA C 134 -29.27 -18.59 22.86
N MET C 135 -28.28 -19.49 22.83
CA MET C 135 -27.82 -20.15 21.56
C MET C 135 -28.97 -20.97 20.97
N ALA C 136 -29.66 -21.77 21.80
CA ALA C 136 -30.79 -22.63 21.42
C ALA C 136 -31.93 -21.79 20.81
N LEU C 137 -32.23 -20.65 21.43
CA LEU C 137 -33.34 -19.73 21.05
C LEU C 137 -33.05 -19.12 19.67
N PHE C 138 -31.82 -18.64 19.44
CA PHE C 138 -31.37 -18.07 18.14
C PHE C 138 -31.54 -19.13 17.04
N PHE C 139 -31.16 -20.40 17.31
CA PHE C 139 -31.29 -21.53 16.36
C PHE C 139 -32.76 -21.80 16.06
N ALA C 140 -33.63 -21.71 17.08
CA ALA C 140 -35.10 -21.85 16.95
C ALA C 140 -35.65 -20.76 16.04
N SER C 141 -35.22 -19.51 16.23
CA SER C 141 -35.60 -18.36 15.37
C SER C 141 -35.18 -18.64 13.92
N ASN C 142 -33.91 -18.99 13.74
CA ASN C 142 -33.25 -19.21 12.43
C ASN C 142 -33.87 -20.41 11.70
N ARG C 143 -34.27 -21.47 12.43
CA ARG C 143 -34.82 -22.72 11.85
C ARG C 143 -36.34 -22.61 11.60
N TRP C 144 -37.10 -22.13 12.58
CA TRP C 144 -38.58 -22.17 12.60
C TRP C 144 -39.19 -20.79 12.34
N GLY C 145 -38.46 -19.72 12.66
CA GLY C 145 -38.97 -18.33 12.65
C GLY C 145 -39.59 -17.97 13.99
N ASP C 146 -39.49 -16.71 14.39
CA ASP C 146 -40.08 -16.19 15.66
C ASP C 146 -41.59 -16.38 15.63
N GLY C 147 -42.14 -17.05 16.66
CA GLY C 147 -43.58 -17.13 16.92
C GLY C 147 -44.03 -15.95 17.79
N PRO C 148 -45.32 -15.90 18.20
CA PRO C 148 -45.78 -14.90 19.16
C PRO C 148 -45.20 -15.18 20.55
N ALA C 149 -44.93 -14.13 21.33
CA ALA C 149 -44.36 -14.21 22.70
C ALA C 149 -45.15 -15.22 23.52
N PRO C 150 -44.50 -16.03 24.40
CA PRO C 150 -43.06 -15.93 24.66
C PRO C 150 -42.15 -16.64 23.64
N TYR C 151 -42.70 -17.07 22.50
CA TYR C 151 -41.99 -17.86 21.46
C TYR C 151 -41.42 -16.94 20.36
N ASP C 152 -41.18 -15.67 20.70
CA ASP C 152 -40.38 -14.71 19.87
C ASP C 152 -38.89 -14.96 20.18
N TYR C 153 -38.34 -16.03 19.60
CA TYR C 153 -37.11 -16.73 20.07
C TYR C 153 -35.91 -15.76 20.10
N GLN C 154 -35.58 -15.13 18.97
CA GLN C 154 -34.36 -14.27 18.85
C GLN C 154 -34.46 -13.09 19.84
N ALA C 155 -35.67 -12.59 20.10
CA ALA C 155 -35.93 -11.46 21.01
C ALA C 155 -35.66 -11.87 22.46
N GLN C 156 -36.16 -13.05 22.85
CA GLN C 156 -35.93 -13.65 24.18
C GLN C 156 -34.42 -13.82 24.41
N ALA C 157 -33.70 -14.33 23.40
CA ALA C 157 -32.23 -14.53 23.41
C ALA C 157 -31.51 -13.19 23.69
N ARG C 158 -31.81 -12.15 22.90
CA ARG C 158 -31.13 -10.83 23.01
C ARG C 158 -31.36 -10.24 24.41
N LYS C 159 -32.56 -10.42 24.97
CA LYS C 159 -32.93 -9.92 26.32
C LYS C 159 -32.03 -10.58 27.38
N ILE C 160 -31.79 -11.89 27.24
CA ILE C 160 -30.95 -12.70 28.17
C ILE C 160 -29.49 -12.23 28.10
N LEU C 161 -28.94 -12.07 26.89
CA LEU C 161 -27.51 -11.72 26.67
C LEU C 161 -27.26 -10.26 27.04
N HIS C 162 -28.30 -9.42 27.01
CA HIS C 162 -28.26 -8.00 27.49
C HIS C 162 -28.01 -8.01 29.01
N ALA C 163 -28.86 -8.73 29.76
CA ALA C 163 -28.72 -8.98 31.21
C ALA C 163 -27.30 -9.49 31.51
N CYS C 164 -26.86 -10.53 30.81
CA CYS C 164 -25.54 -11.21 30.99
C CYS C 164 -24.39 -10.19 31.06
N LEU C 165 -24.43 -9.14 30.22
CA LEU C 165 -23.31 -8.15 30.11
C LEU C 165 -23.61 -6.88 30.92
N HIS C 166 -24.89 -6.54 31.15
CA HIS C 166 -25.34 -5.22 31.65
C HIS C 166 -26.13 -5.30 32.97
N GLN C 167 -26.15 -6.45 33.64
CA GLN C 167 -26.95 -6.64 34.89
CA GLN C 167 -26.95 -6.64 34.89
C GLN C 167 -26.31 -5.76 36.00
N GLY C 168 -27.13 -4.90 36.61
CA GLY C 168 -26.68 -4.01 37.70
C GLY C 168 -26.41 -2.59 37.25
N GLU C 169 -26.51 -2.30 35.94
CA GLU C 169 -26.36 -0.91 35.42
C GLU C 169 -27.59 -0.06 35.80
N GLN C 170 -28.74 -0.68 36.04
CA GLN C 170 -30.02 0.04 36.30
C GLN C 170 -30.47 -0.21 37.75
N GLY C 171 -29.52 -0.37 38.66
CA GLY C 171 -29.77 -0.54 40.10
C GLY C 171 -28.77 -1.49 40.73
N GLU C 172 -29.18 -2.74 40.94
CA GLU C 172 -28.38 -3.79 41.65
C GLU C 172 -28.37 -5.08 40.83
N GLY C 173 -27.35 -5.91 41.07
CA GLY C 173 -27.06 -7.14 40.31
C GLY C 173 -25.64 -7.11 39.77
N ASP C 174 -25.14 -8.23 39.24
CA ASP C 174 -23.77 -8.35 38.68
C ASP C 174 -23.85 -9.02 37.31
N PRO C 175 -22.94 -8.68 36.37
CA PRO C 175 -22.93 -9.30 35.05
C PRO C 175 -22.29 -10.69 35.09
N MET C 176 -22.67 -11.57 34.16
CA MET C 176 -22.16 -12.96 34.07
C MET C 176 -20.81 -12.96 33.35
N TRP C 177 -20.47 -11.88 32.65
CA TRP C 177 -19.11 -11.66 32.07
C TRP C 177 -18.41 -10.53 32.82
N GLU C 178 -17.16 -10.78 33.25
CA GLU C 178 -16.29 -9.76 33.89
C GLU C 178 -15.82 -8.80 32.79
N PRO C 179 -16.25 -7.52 32.82
CA PRO C 179 -15.88 -6.57 31.77
C PRO C 179 -14.38 -6.49 31.43
N SER C 180 -13.51 -6.56 32.44
CA SER C 180 -12.04 -6.33 32.32
C SER C 180 -11.38 -7.40 31.44
N ASN C 181 -11.79 -8.67 31.55
CA ASN C 181 -11.10 -9.81 30.88
C ASN C 181 -12.00 -10.49 29.83
N ARG C 182 -13.29 -10.16 29.78
CA ARG C 182 -14.28 -10.68 28.79
C ARG C 182 -14.51 -12.18 28.99
N LEU C 183 -14.38 -12.66 30.24
CA LEU C 183 -14.52 -14.10 30.60
C LEU C 183 -15.86 -14.30 31.32
N ILE C 184 -16.64 -15.30 30.91
CA ILE C 184 -17.85 -15.76 31.67
C ILE C 184 -17.41 -16.07 33.09
N LYS C 185 -18.29 -15.88 34.06
CA LYS C 185 -18.03 -16.07 35.52
C LYS C 185 -18.69 -17.37 36.00
N PHE C 186 -18.26 -17.90 37.14
CA PHE C 186 -18.91 -19.06 37.80
C PHE C 186 -20.33 -18.66 38.19
N ILE C 187 -20.46 -17.56 38.94
CA ILE C 187 -21.76 -16.89 39.25
C ILE C 187 -21.52 -15.38 39.21
N PRO C 188 -22.59 -14.54 39.13
CA PRO C 188 -22.40 -13.10 39.02
C PRO C 188 -21.48 -12.49 40.09
N GLU C 189 -21.54 -13.00 41.33
CA GLU C 189 -20.93 -12.35 42.53
C GLU C 189 -19.43 -12.64 42.61
N LEU C 190 -18.99 -13.87 42.30
CA LEU C 190 -17.61 -14.34 42.60
C LEU C 190 -16.67 -14.04 41.44
N PRO C 191 -15.44 -13.54 41.71
CA PRO C 191 -14.49 -13.19 40.65
C PRO C 191 -13.59 -14.35 40.19
N PHE C 192 -14.19 -15.52 39.94
CA PHE C 192 -13.52 -16.68 39.30
C PHE C 192 -14.53 -17.35 38.34
N SER C 193 -14.10 -18.39 37.63
CA SER C 193 -14.83 -18.99 36.49
C SER C 193 -14.86 -20.52 36.57
N ASP C 194 -15.39 -21.13 35.50
CA ASP C 194 -15.53 -22.60 35.28
C ASP C 194 -15.11 -22.90 33.84
N PRO C 195 -13.99 -23.60 33.61
CA PRO C 195 -13.52 -23.88 32.24
C PRO C 195 -14.63 -24.41 31.32
N SER C 196 -15.47 -25.32 31.83
CA SER C 196 -16.58 -26.00 31.11
C SER C 196 -17.64 -25.00 30.63
N TYR C 197 -17.68 -23.79 31.19
CA TYR C 197 -18.69 -22.74 30.84
C TYR C 197 -18.27 -22.00 29.58
N HIS C 198 -17.01 -22.13 29.15
CA HIS C 198 -16.46 -21.34 28.01
C HIS C 198 -16.84 -21.97 26.67
N LEU C 199 -17.74 -21.29 25.96
CA LEU C 199 -18.24 -21.67 24.62
C LEU C 199 -17.87 -20.57 23.62
N PRO C 200 -16.59 -20.44 23.23
CA PRO C 200 -16.17 -19.38 22.31
C PRO C 200 -16.93 -19.45 20.97
N HIS C 201 -17.22 -20.68 20.52
CA HIS C 201 -18.05 -20.99 19.31
C HIS C 201 -19.43 -20.34 19.43
N PHE C 202 -20.12 -20.46 20.57
CA PHE C 202 -21.44 -19.84 20.85
C PHE C 202 -21.33 -18.30 20.79
N TYR C 203 -20.19 -17.73 21.20
CA TYR C 203 -19.97 -16.26 21.34
C TYR C 203 -19.77 -15.64 19.95
N GLU C 204 -19.16 -16.38 19.03
CA GLU C 204 -19.06 -16.03 17.58
C GLU C 204 -20.46 -15.76 17.02
N LEU C 205 -21.43 -16.59 17.40
CA LEU C 205 -22.83 -16.55 16.86
C LEU C 205 -23.65 -15.50 17.61
N PHE C 206 -23.32 -15.25 18.88
CA PHE C 206 -23.86 -14.10 19.66
C PHE C 206 -23.41 -12.80 18.99
N ALA C 207 -22.16 -12.76 18.51
CA ALA C 207 -21.54 -11.60 17.82
C ALA C 207 -22.32 -11.27 16.55
N GLN C 208 -23.17 -12.21 16.11
CA GLN C 208 -23.98 -12.05 14.87
C GLN C 208 -25.41 -11.69 15.23
N TYR C 209 -25.95 -12.18 16.35
CA TYR C 209 -27.40 -12.14 16.63
C TYR C 209 -27.73 -11.30 17.87
N ALA C 210 -26.74 -10.92 18.68
CA ALA C 210 -26.93 -10.12 19.92
C ALA C 210 -27.31 -8.69 19.55
N ASN C 211 -27.85 -7.93 20.51
CA ASN C 211 -28.04 -6.46 20.42
C ASN C 211 -26.75 -5.83 19.86
N GLU C 212 -26.89 -4.85 18.98
CA GLU C 212 -25.81 -4.29 18.13
C GLU C 212 -24.65 -3.78 19.00
N GLN C 213 -24.94 -3.11 20.13
CA GLN C 213 -23.91 -2.48 21.00
C GLN C 213 -22.96 -3.54 21.56
N ASP C 214 -23.40 -4.80 21.69
CA ASP C 214 -22.68 -5.88 22.41
C ASP C 214 -21.85 -6.76 21.45
N ARG C 215 -21.98 -6.60 20.13
CA ARG C 215 -21.42 -7.55 19.14
C ARG C 215 -19.89 -7.57 19.21
N THR C 216 -19.26 -6.40 19.38
CA THR C 216 -17.80 -6.25 19.59
C THR C 216 -17.39 -7.10 20.80
N PHE C 217 -18.09 -6.94 21.93
CA PHE C 217 -17.81 -7.67 23.20
C PHE C 217 -17.74 -9.18 22.90
N TRP C 218 -18.78 -9.72 22.27
CA TRP C 218 -18.94 -11.19 22.04
C TRP C 218 -17.78 -11.73 21.19
N LYS C 219 -17.35 -10.97 20.17
CA LYS C 219 -16.23 -11.31 19.26
C LYS C 219 -14.91 -11.35 20.05
N GLU C 220 -14.69 -10.35 20.91
CA GLU C 220 -13.52 -10.25 21.83
C GLU C 220 -13.56 -11.42 22.82
N ALA C 221 -14.76 -11.74 23.33
CA ALA C 221 -15.01 -12.81 24.33
C ALA C 221 -14.73 -14.18 23.72
N ALA C 222 -15.05 -14.38 22.44
CA ALA C 222 -14.72 -15.60 21.66
C ALA C 222 -13.21 -15.85 21.74
N GLU C 223 -12.39 -14.83 21.48
CA GLU C 223 -10.90 -14.95 21.49
C GLU C 223 -10.37 -15.02 22.93
N ALA C 224 -11.03 -14.34 23.87
CA ALA C 224 -10.65 -14.32 25.30
C ALA C 224 -10.80 -15.73 25.89
N SER C 225 -11.91 -16.41 25.58
CA SER C 225 -12.26 -17.77 26.07
C SER C 225 -11.32 -18.81 25.47
N ARG C 226 -11.00 -18.70 24.17
CA ARG C 226 -10.00 -19.57 23.49
C ARG C 226 -8.65 -19.45 24.23
N ALA C 227 -8.25 -18.22 24.58
CA ALA C 227 -7.00 -17.89 25.31
C ALA C 227 -7.04 -18.50 26.71
N TYR C 228 -8.18 -18.36 27.40
CA TYR C 228 -8.41 -18.84 28.79
C TYR C 228 -8.26 -20.37 28.86
N LEU C 229 -8.83 -21.08 27.88
CA LEU C 229 -8.88 -22.57 27.84
C LEU C 229 -7.47 -23.14 27.61
N ARG C 230 -6.58 -22.37 26.98
CA ARG C 230 -5.14 -22.73 26.81
C ARG C 230 -4.44 -22.67 28.18
N THR C 231 -4.91 -21.81 29.08
CA THR C 231 -4.34 -21.60 30.44
C THR C 231 -5.02 -22.54 31.45
N ALA C 232 -6.21 -23.05 31.14
CA ALA C 232 -7.05 -23.86 32.06
C ALA C 232 -6.67 -25.34 31.96
N CYS C 233 -6.34 -25.81 30.75
CA CYS C 233 -5.98 -27.23 30.46
C CYS C 233 -4.49 -27.48 30.75
N HIS C 234 -4.18 -28.49 31.57
CA HIS C 234 -2.80 -28.92 31.87
C HIS C 234 -2.07 -29.22 30.54
N PRO C 235 -0.84 -28.71 30.35
CA PRO C 235 -0.17 -28.83 29.05
C PRO C 235 0.35 -30.23 28.67
N VAL C 236 0.29 -31.18 29.60
CA VAL C 236 0.71 -32.60 29.37
C VAL C 236 -0.54 -33.47 29.16
N THR C 237 -1.40 -33.53 30.17
CA THR C 237 -2.56 -34.46 30.27
C THR C 237 -3.76 -33.91 29.49
N GLY C 238 -3.89 -32.59 29.39
CA GLY C 238 -5.07 -31.92 28.80
C GLY C 238 -6.29 -32.02 29.70
N LEU C 239 -6.08 -32.28 30.99
CA LEU C 239 -7.14 -32.26 32.04
C LEU C 239 -7.27 -30.81 32.53
N SER C 240 -8.42 -30.48 33.14
CA SER C 240 -8.76 -29.11 33.62
C SER C 240 -9.54 -29.21 34.92
N PRO C 241 -9.46 -28.18 35.80
CA PRO C 241 -10.22 -28.18 37.05
C PRO C 241 -11.70 -27.88 36.79
N GLU C 242 -12.57 -28.16 37.76
CA GLU C 242 -14.03 -27.86 37.70
C GLU C 242 -14.22 -26.34 37.86
N TYR C 243 -13.61 -25.73 38.89
CA TYR C 243 -13.57 -24.25 39.08
C TYR C 243 -12.13 -23.76 38.90
N ALA C 244 -11.95 -22.64 38.18
CA ALA C 244 -10.65 -22.03 37.89
C ALA C 244 -10.70 -20.51 38.13
N ASN C 245 -9.58 -19.94 38.59
CA ASN C 245 -9.35 -18.48 38.66
C ASN C 245 -9.16 -17.97 37.22
N TYR C 246 -9.24 -16.65 37.00
CA TYR C 246 -9.17 -16.02 35.66
C TYR C 246 -7.83 -16.34 34.99
N ASP C 247 -6.80 -16.64 35.77
CA ASP C 247 -5.43 -16.99 35.28
C ASP C 247 -5.39 -18.45 34.81
N GLY C 248 -6.50 -19.19 34.96
CA GLY C 248 -6.65 -20.58 34.47
C GLY C 248 -6.34 -21.61 35.56
N THR C 249 -5.69 -21.20 36.64
CA THR C 249 -5.27 -22.09 37.77
C THR C 249 -6.52 -22.54 38.52
N PRO C 250 -6.52 -23.77 39.09
CA PRO C 250 -7.62 -24.20 39.94
C PRO C 250 -7.92 -23.17 41.04
N ALA C 251 -9.21 -22.86 41.24
CA ALA C 251 -9.69 -21.90 42.26
C ALA C 251 -9.43 -22.47 43.65
N PRO C 252 -9.45 -21.63 44.73
CA PRO C 252 -9.41 -22.16 46.09
C PRO C 252 -10.66 -23.02 46.37
N VAL C 253 -10.53 -23.98 47.30
CA VAL C 253 -11.66 -24.84 47.76
C VAL C 253 -12.80 -23.92 48.23
N GLN C 254 -14.03 -24.21 47.79
CA GLN C 254 -15.25 -23.45 48.16
C GLN C 254 -15.87 -24.10 49.40
N LEU C 255 -16.97 -23.52 49.91
CA LEU C 255 -17.65 -23.97 51.15
C LEU C 255 -18.59 -25.14 50.83
N HIS C 256 -18.95 -25.33 49.56
CA HIS C 256 -19.90 -26.37 49.09
C HIS C 256 -19.17 -27.53 48.42
N GLY C 257 -17.83 -27.48 48.34
CA GLY C 257 -17.00 -28.60 47.86
C GLY C 257 -15.62 -28.17 47.36
N ASP C 258 -14.81 -29.15 46.98
CA ASP C 258 -13.43 -28.99 46.40
C ASP C 258 -13.52 -29.24 44.89
N PHE C 259 -13.28 -28.21 44.08
CA PHE C 259 -13.55 -28.19 42.61
C PHE C 259 -12.26 -27.98 41.82
N ARG C 260 -11.09 -28.20 42.44
CA ARG C 260 -9.75 -27.98 41.81
C ARG C 260 -9.42 -29.14 40.85
N HIS C 261 -10.18 -30.23 40.89
CA HIS C 261 -9.82 -31.52 40.26
C HIS C 261 -10.65 -31.75 39.00
N PHE C 262 -10.22 -32.71 38.16
CA PHE C 262 -10.93 -33.16 36.94
C PHE C 262 -12.06 -34.12 37.33
N TYR C 263 -13.27 -33.57 37.43
CA TYR C 263 -14.53 -34.25 37.82
C TYR C 263 -15.63 -33.78 36.86
N SER C 264 -16.90 -33.97 37.22
CA SER C 264 -18.10 -33.92 36.34
C SER C 264 -18.08 -32.71 35.39
N ASP C 265 -17.94 -31.49 35.93
CA ASP C 265 -18.04 -30.23 35.14
C ASP C 265 -16.97 -30.22 34.03
N ALA C 266 -15.73 -30.55 34.41
CA ALA C 266 -14.51 -30.46 33.56
C ALA C 266 -14.63 -31.31 32.28
N TYR C 267 -15.48 -32.35 32.29
CA TYR C 267 -15.60 -33.34 31.18
C TYR C 267 -15.97 -32.62 29.87
N ARG C 268 -16.80 -31.57 29.98
CA ARG C 268 -17.41 -30.85 28.82
C ARG C 268 -16.37 -29.99 28.09
N VAL C 269 -15.24 -29.67 28.74
CA VAL C 269 -14.16 -28.81 28.15
C VAL C 269 -13.69 -29.44 26.82
N ALA C 270 -13.37 -30.74 26.82
CA ALA C 270 -12.82 -31.47 25.65
C ALA C 270 -13.84 -31.49 24.49
N ALA C 271 -15.13 -31.56 24.81
CA ALA C 271 -16.25 -31.53 23.85
C ALA C 271 -16.46 -30.12 23.30
N ASN C 272 -16.45 -29.12 24.19
CA ASN C 272 -16.59 -27.66 23.87
C ASN C 272 -15.46 -27.26 22.91
N VAL C 273 -14.21 -27.52 23.28
CA VAL C 273 -12.97 -27.28 22.49
C VAL C 273 -13.11 -27.88 21.09
N ALA C 274 -13.62 -29.12 21.02
CA ALA C 274 -13.74 -29.91 19.78
C ALA C 274 -14.82 -29.31 18.87
N LEU C 275 -15.94 -28.87 19.44
CA LEU C 275 -17.06 -28.30 18.66
C LEU C 275 -16.62 -26.96 18.05
N ASP C 276 -15.91 -26.12 18.82
CA ASP C 276 -15.35 -24.82 18.36
C ASP C 276 -14.47 -25.07 17.13
N TRP C 277 -13.57 -26.05 17.21
CA TRP C 277 -12.66 -26.44 16.10
C TRP C 277 -13.48 -26.81 14.86
N GLU C 278 -14.48 -27.69 15.00
CA GLU C 278 -15.37 -28.15 13.90
C GLU C 278 -16.05 -26.94 13.26
N TRP C 279 -16.63 -26.04 14.06
CA TRP C 279 -17.44 -24.89 13.58
C TRP C 279 -16.54 -23.81 12.94
N PHE C 280 -15.39 -23.48 13.55
CA PHE C 280 -14.64 -22.23 13.27
C PHE C 280 -13.18 -22.47 12.88
N ARG C 281 -12.53 -23.56 13.34
CA ARG C 281 -11.15 -23.93 12.94
CA ARG C 281 -11.15 -23.93 12.94
C ARG C 281 -10.15 -22.80 13.23
N LYS C 282 -10.33 -22.07 14.34
CA LYS C 282 -9.53 -20.83 14.58
C LYS C 282 -8.23 -21.15 15.31
N ASP C 283 -8.26 -22.02 16.32
CA ASP C 283 -7.13 -22.27 17.24
C ASP C 283 -6.53 -23.66 16.99
N PRO C 284 -5.36 -23.77 16.33
CA PRO C 284 -4.72 -25.07 16.09
C PRO C 284 -4.31 -25.83 17.37
N TRP C 285 -4.23 -25.13 18.51
CA TRP C 285 -3.97 -25.71 19.86
C TRP C 285 -5.06 -26.73 20.24
N GLN C 286 -6.30 -26.50 19.77
CA GLN C 286 -7.50 -27.32 20.07
C GLN C 286 -7.28 -28.77 19.60
N VAL C 287 -6.63 -28.95 18.44
CA VAL C 287 -6.21 -30.28 17.90
C VAL C 287 -5.28 -30.95 18.90
N GLN C 288 -4.28 -30.22 19.41
CA GLN C 288 -3.24 -30.75 20.34
C GLN C 288 -3.92 -31.12 21.67
N GLN C 289 -4.85 -30.28 22.14
CA GLN C 289 -5.59 -30.50 23.40
C GLN C 289 -6.39 -31.81 23.30
N SER C 290 -7.08 -32.01 22.18
CA SER C 290 -7.88 -33.22 21.88
C SER C 290 -6.96 -34.46 21.87
N ASN C 291 -5.78 -34.36 21.26
CA ASN C 291 -4.75 -35.44 21.21
C ASN C 291 -4.32 -35.82 22.63
N ARG C 292 -4.09 -34.82 23.50
CA ARG C 292 -3.49 -35.00 24.85
C ARG C 292 -4.47 -35.72 25.78
N ILE C 293 -5.73 -35.26 25.86
CA ILE C 293 -6.74 -35.84 26.79
C ILE C 293 -7.06 -37.28 26.35
N GLN C 294 -7.17 -37.51 25.03
CA GLN C 294 -7.44 -38.84 24.44
C GLN C 294 -6.29 -39.79 24.84
N ALA C 295 -5.05 -39.29 24.77
CA ALA C 295 -3.81 -40.05 25.08
C ALA C 295 -3.72 -40.37 26.58
N PHE C 296 -4.26 -39.52 27.45
CA PHE C 296 -4.32 -39.75 28.92
C PHE C 296 -5.28 -40.90 29.23
N PHE C 297 -6.33 -41.06 28.41
CA PHE C 297 -7.42 -42.04 28.64
C PHE C 297 -7.36 -43.21 27.64
N SER C 298 -6.38 -43.21 26.73
CA SER C 298 -6.26 -44.24 25.66
C SER C 298 -6.20 -45.64 26.31
N ASP C 299 -5.52 -45.75 27.46
CA ASP C 299 -5.14 -47.00 28.18
C ASP C 299 -6.15 -47.37 29.28
N ILE C 300 -7.13 -46.51 29.58
CA ILE C 300 -8.01 -46.61 30.78
C ILE C 300 -9.41 -47.07 30.37
N ASP C 301 -9.95 -48.09 31.03
CA ASP C 301 -11.35 -48.57 30.81
C ASP C 301 -12.32 -47.64 31.53
N VAL C 302 -13.53 -47.48 30.98
CA VAL C 302 -14.64 -46.65 31.54
C VAL C 302 -14.94 -47.09 32.98
N SER C 303 -14.83 -48.38 33.28
CA SER C 303 -15.08 -48.95 34.64
C SER C 303 -13.96 -48.54 35.60
N ASP C 304 -12.79 -48.13 35.09
CA ASP C 304 -11.60 -47.72 35.87
C ASP C 304 -11.50 -46.20 35.98
N TYR C 305 -12.45 -45.45 35.42
CA TYR C 305 -12.47 -43.96 35.47
C TYR C 305 -12.58 -43.50 36.92
N ARG C 306 -11.73 -42.54 37.30
CA ARG C 306 -11.60 -41.97 38.67
C ARG C 306 -11.91 -40.47 38.65
N ARG C 307 -11.80 -39.82 39.81
CA ARG C 307 -11.44 -38.39 39.94
C ARG C 307 -9.91 -38.32 39.78
N TYR C 308 -9.42 -37.36 38.99
CA TYR C 308 -7.97 -37.11 38.76
C TYR C 308 -7.64 -35.66 39.10
N THR C 309 -6.49 -35.42 39.72
CA THR C 309 -5.85 -34.07 39.77
C THR C 309 -5.46 -33.74 38.32
N ILE C 310 -5.45 -32.46 37.95
CA ILE C 310 -5.19 -32.00 36.55
C ILE C 310 -3.80 -32.50 36.11
N GLU C 311 -2.90 -32.73 37.07
CA GLU C 311 -1.53 -33.29 36.86
C GLU C 311 -1.62 -34.77 36.43
N GLY C 312 -2.76 -35.42 36.69
CA GLY C 312 -3.06 -36.79 36.25
C GLY C 312 -2.97 -37.82 37.37
N GLU C 313 -2.96 -37.39 38.63
CA GLU C 313 -2.90 -38.28 39.83
C GLU C 313 -4.30 -38.83 40.10
N PRO C 314 -4.52 -40.16 39.99
CA PRO C 314 -5.84 -40.74 40.25
C PRO C 314 -6.16 -40.89 41.74
N PHE C 315 -7.29 -40.32 42.18
CA PHE C 315 -7.94 -40.59 43.48
C PHE C 315 -8.47 -42.03 43.47
N ASN C 316 -8.63 -42.65 44.64
CA ASN C 316 -9.29 -43.99 44.79
C ASN C 316 -10.75 -43.85 44.32
N GLU C 317 -11.38 -42.72 44.66
CA GLU C 317 -12.78 -42.36 44.31
C GLU C 317 -13.02 -42.60 42.82
N PRO C 318 -14.16 -43.23 42.43
CA PRO C 318 -14.51 -43.35 41.02
C PRO C 318 -15.15 -42.06 40.50
N ALA C 319 -15.10 -41.84 39.18
CA ALA C 319 -15.93 -40.84 38.48
C ALA C 319 -17.40 -41.14 38.79
N LEU C 320 -18.20 -40.11 39.08
CA LEU C 320 -19.66 -40.23 39.27
C LEU C 320 -20.33 -40.48 37.91
N HIS C 321 -19.74 -39.98 36.82
CA HIS C 321 -20.35 -40.00 35.46
C HIS C 321 -19.35 -40.52 34.43
N PRO C 322 -18.94 -41.81 34.51
CA PRO C 322 -17.92 -42.35 33.60
C PRO C 322 -18.38 -42.44 32.13
N VAL C 323 -19.67 -42.71 31.89
CA VAL C 323 -20.27 -42.74 30.52
C VAL C 323 -20.23 -41.32 29.94
N GLY C 324 -20.66 -40.32 30.74
CA GLY C 324 -20.47 -38.89 30.45
C GLY C 324 -19.05 -38.59 30.01
N LEU C 325 -18.06 -39.05 30.80
CA LEU C 325 -16.61 -38.80 30.57
C LEU C 325 -16.19 -39.42 29.23
N LEU C 326 -16.59 -40.67 28.99
CA LEU C 326 -16.28 -41.39 27.72
C LEU C 326 -16.85 -40.60 26.53
N ALA C 327 -18.11 -40.15 26.65
CA ALA C 327 -18.84 -39.36 25.61
C ALA C 327 -18.03 -38.12 25.22
N THR C 328 -17.56 -37.34 26.20
CA THR C 328 -16.79 -36.08 25.96
C THR C 328 -15.42 -36.43 25.36
N ASN C 329 -14.74 -37.45 25.91
CA ASN C 329 -13.45 -37.95 25.39
C ASN C 329 -13.62 -38.37 23.92
N ALA C 330 -14.78 -38.96 23.58
CA ALA C 330 -15.16 -39.40 22.22
C ALA C 330 -15.43 -38.19 21.33
N MET C 331 -16.05 -37.15 21.90
CA MET C 331 -16.48 -35.93 21.15
C MET C 331 -15.23 -35.18 20.68
N ALA C 332 -14.11 -35.33 21.41
CA ALA C 332 -12.77 -34.75 21.10
C ALA C 332 -12.24 -35.23 19.75
N SER C 333 -12.75 -36.37 19.24
CA SER C 333 -12.37 -36.95 17.92
C SER C 333 -12.76 -36.01 16.76
N LEU C 334 -13.69 -35.09 16.97
CA LEU C 334 -14.02 -34.00 16.03
C LEU C 334 -12.74 -33.22 15.65
N ALA C 335 -11.79 -33.14 16.58
CA ALA C 335 -10.57 -32.27 16.48
C ALA C 335 -9.29 -33.11 16.55
N ALA C 336 -9.29 -34.20 17.32
CA ALA C 336 -8.12 -35.11 17.46
C ALA C 336 -7.78 -35.72 16.09
N ASP C 337 -6.50 -35.67 15.70
CA ASP C 337 -5.94 -36.37 14.52
C ASP C 337 -5.00 -37.49 14.99
N GLY C 338 -4.87 -37.66 16.31
CA GLY C 338 -3.93 -38.62 16.95
C GLY C 338 -4.33 -40.08 16.72
N PRO C 339 -3.52 -41.04 17.22
CA PRO C 339 -3.80 -42.47 17.03
C PRO C 339 -4.91 -43.06 17.92
N ASP C 340 -5.54 -42.22 18.76
CA ASP C 340 -6.59 -42.65 19.72
C ASP C 340 -7.99 -42.25 19.24
N ALA C 341 -8.09 -41.41 18.20
CA ALA C 341 -9.36 -40.81 17.72
C ALA C 341 -10.33 -41.91 17.30
N ASP C 342 -9.90 -42.82 16.42
CA ASP C 342 -10.73 -43.92 15.86
C ASP C 342 -11.21 -44.82 17.02
N SER C 343 -10.28 -45.18 17.91
CA SER C 343 -10.50 -46.01 19.13
C SER C 343 -11.69 -45.46 19.93
N PHE C 344 -11.69 -44.16 20.22
CA PHE C 344 -12.69 -43.49 21.10
C PHE C 344 -14.07 -43.50 20.43
N VAL C 345 -14.14 -43.34 19.10
CA VAL C 345 -15.44 -43.27 18.36
C VAL C 345 -16.13 -44.64 18.47
N LYS C 346 -15.40 -45.72 18.17
CA LYS C 346 -15.90 -47.12 18.31
C LYS C 346 -16.29 -47.42 19.75
N ARG C 347 -15.46 -47.04 20.72
CA ARG C 347 -15.71 -47.24 22.17
C ARG C 347 -17.07 -46.64 22.55
N PHE C 348 -17.36 -45.42 22.07
CA PHE C 348 -18.64 -44.72 22.36
C PHE C 348 -19.80 -45.44 21.66
N TRP C 349 -19.64 -45.79 20.38
CA TRP C 349 -20.68 -46.49 19.57
C TRP C 349 -21.13 -47.75 20.31
N ASN C 350 -20.18 -48.51 20.86
CA ASN C 350 -20.43 -49.79 21.56
C ASN C 350 -20.82 -49.55 23.03
N THR C 351 -20.95 -48.30 23.46
CA THR C 351 -21.42 -47.98 24.84
C THR C 351 -22.88 -47.52 24.76
N PRO C 352 -23.86 -48.18 25.43
CA PRO C 352 -25.25 -47.74 25.45
C PRO C 352 -25.50 -46.61 26.47
N LEU C 353 -26.69 -46.00 26.43
CA LEU C 353 -27.13 -44.96 27.41
C LEU C 353 -27.03 -45.53 28.83
N ARG C 354 -26.79 -44.66 29.82
CA ARG C 354 -26.69 -45.06 31.24
C ARG C 354 -28.10 -45.36 31.76
N GLN C 355 -28.21 -46.21 32.78
CA GLN C 355 -29.47 -46.47 33.51
C GLN C 355 -29.22 -46.27 35.01
N GLY C 356 -30.30 -46.17 35.79
CA GLY C 356 -30.25 -45.92 37.24
C GLY C 356 -30.38 -44.43 37.55
N LYS C 357 -30.37 -44.08 38.84
CA LYS C 357 -30.76 -42.75 39.37
C LYS C 357 -29.75 -41.67 38.95
N ARG C 358 -28.51 -42.05 38.58
CA ARG C 358 -27.40 -41.10 38.31
C ARG C 358 -27.25 -40.85 36.79
N ARG C 359 -28.20 -41.29 35.96
CA ARG C 359 -28.04 -41.41 34.48
C ARG C 359 -28.06 -40.03 33.78
N TYR C 360 -28.72 -39.04 34.37
CA TYR C 360 -29.07 -37.75 33.72
C TYR C 360 -27.83 -37.13 33.03
N TYR C 361 -26.79 -36.78 33.79
CA TYR C 361 -25.62 -36.03 33.26
C TYR C 361 -24.88 -36.86 32.21
N ASP C 362 -24.75 -38.17 32.43
CA ASP C 362 -24.12 -39.12 31.48
C ASP C 362 -24.86 -39.04 30.14
N ASN C 363 -26.19 -39.17 30.16
CA ASN C 363 -27.02 -39.26 28.93
C ASN C 363 -27.04 -37.92 28.20
N CYS C 364 -26.95 -36.79 28.91
CA CYS C 364 -26.90 -35.43 28.29
C CYS C 364 -25.63 -35.30 27.44
N LEU C 365 -24.48 -35.71 28.00
CA LEU C 365 -23.15 -35.70 27.32
C LEU C 365 -23.15 -36.74 26.20
N TYR C 366 -23.75 -37.91 26.46
CA TYR C 366 -23.96 -39.01 25.48
C TYR C 366 -24.63 -38.48 24.21
N PHE C 367 -25.77 -37.79 24.36
CA PHE C 367 -26.62 -37.36 23.23
C PHE C 367 -25.90 -36.29 22.40
N PHE C 368 -25.22 -35.34 23.04
CA PHE C 368 -24.42 -34.29 22.34
C PHE C 368 -23.32 -34.94 21.51
N THR C 369 -22.67 -35.98 22.04
CA THR C 369 -21.60 -36.76 21.34
C THR C 369 -22.20 -37.51 20.14
N MET C 370 -23.38 -38.15 20.32
CA MET C 370 -24.13 -38.85 19.25
C MET C 370 -24.45 -37.87 18.11
N LEU C 371 -24.94 -36.67 18.46
CA LEU C 371 -25.23 -35.57 17.50
C LEU C 371 -23.95 -35.19 16.75
N ALA C 372 -22.90 -34.83 17.50
CA ALA C 372 -21.60 -34.31 17.00
C ALA C 372 -20.91 -35.33 16.09
N LEU C 373 -20.79 -36.59 16.54
CA LEU C 373 -20.00 -37.62 15.81
C LEU C 373 -20.78 -38.15 14.61
N SER C 374 -22.10 -37.96 14.53
CA SER C 374 -22.93 -38.30 13.35
C SER C 374 -22.93 -37.14 12.34
N GLY C 375 -22.41 -35.98 12.75
CA GLY C 375 -22.33 -34.76 11.91
C GLY C 375 -23.62 -33.97 11.93
N ASN C 376 -24.32 -33.97 13.07
CA ASN C 376 -25.70 -33.41 13.21
C ASN C 376 -25.77 -32.34 14.31
N TYR C 377 -24.62 -31.90 14.84
CA TYR C 377 -24.50 -30.75 15.78
C TYR C 377 -24.03 -29.55 14.96
N ARG C 378 -25.00 -28.77 14.49
CA ARG C 378 -24.83 -27.85 13.34
C ARG C 378 -25.23 -26.44 13.75
N VAL C 379 -24.73 -25.46 12.99
CA VAL C 379 -25.08 -24.02 13.09
C VAL C 379 -26.29 -23.78 12.19
N TYR C 380 -27.32 -23.12 12.70
CA TYR C 380 -28.53 -22.73 11.94
C TYR C 380 -28.53 -21.21 11.80
N GLN C 381 -28.17 -20.74 10.59
CA GLN C 381 -27.94 -19.32 10.25
C GLN C 381 -29.24 -18.73 9.67
N GLN C 382 -29.26 -17.40 9.51
CA GLN C 382 -30.51 -16.66 9.15
C GLN C 382 -30.72 -16.85 7.65
N ALA C 383 -31.39 -17.94 7.28
CA ALA C 383 -31.53 -18.41 5.88
C ALA C 383 -32.72 -17.71 5.21
N ALA C 384 -32.84 -17.90 3.91
CA ALA C 384 -33.85 -17.22 3.06
C ALA C 384 -34.61 -18.27 2.26
N ALA C 385 -35.81 -18.64 2.71
CA ALA C 385 -36.65 -19.67 2.06
C ALA C 385 -37.06 -19.22 0.65
N LYS D 6 -18.49 10.62 18.90
CA LYS D 6 -19.38 9.49 18.54
C LYS D 6 -20.63 10.05 17.86
N GLY D 7 -21.16 9.34 16.86
CA GLY D 7 -22.30 9.78 16.03
C GLY D 7 -23.63 9.41 16.65
N ALA D 8 -24.72 9.78 15.99
CA ALA D 8 -26.11 9.47 16.43
C ALA D 8 -26.32 7.95 16.54
N TYR D 9 -25.65 7.15 15.71
CA TYR D 9 -25.76 5.66 15.78
C TYR D 9 -25.36 5.20 17.20
N ASP D 10 -24.26 5.73 17.73
CA ASP D 10 -23.70 5.37 19.06
C ASP D 10 -24.46 6.08 20.18
N THR D 11 -24.65 7.41 20.09
CA THR D 11 -25.16 8.25 21.20
C THR D 11 -26.69 8.22 21.27
N GLY D 12 -27.37 8.06 20.13
CA GLY D 12 -28.82 8.24 20.01
C GLY D 12 -29.22 9.71 20.06
N THR D 13 -28.25 10.62 20.03
CA THR D 13 -28.47 12.10 20.07
C THR D 13 -28.45 12.64 18.64
N TYR D 14 -29.52 13.32 18.24
CA TYR D 14 -29.70 13.91 16.89
C TYR D 14 -29.77 15.43 17.00
N ALA D 15 -28.87 16.12 16.28
CA ALA D 15 -28.80 17.61 16.19
C ALA D 15 -30.10 18.13 15.57
N ASN D 16 -30.70 19.14 16.21
CA ASN D 16 -31.87 19.91 15.70
C ASN D 16 -31.35 21.26 15.22
N LEU D 17 -30.92 21.34 13.96
CA LEU D 17 -30.26 22.53 13.37
C LEU D 17 -31.26 23.69 13.24
N PHE D 18 -32.56 23.38 13.11
CA PHE D 18 -33.66 24.38 13.06
C PHE D 18 -33.76 25.08 14.42
N GLN D 19 -33.67 24.30 15.49
CA GLN D 19 -33.65 24.80 16.89
C GLN D 19 -32.40 25.67 17.06
N ARG D 20 -31.24 25.17 16.64
CA ARG D 20 -29.92 25.87 16.68
C ARG D 20 -30.01 27.20 15.93
N SER D 21 -30.81 27.26 14.85
CA SER D 21 -31.01 28.44 13.97
C SER D 21 -31.98 29.44 14.62
N GLY D 22 -32.70 29.05 15.67
CA GLY D 22 -33.53 29.93 16.51
C GLY D 22 -35.01 29.58 16.49
N TYR D 23 -35.43 28.65 15.64
CA TYR D 23 -36.87 28.26 15.49
C TYR D 23 -37.31 27.47 16.73
N ARG D 24 -38.60 27.51 17.06
CA ARG D 24 -39.16 26.80 18.26
C ARG D 24 -39.45 25.31 17.98
N GLU D 25 -39.45 24.40 19.01
CA GLU D 25 -39.63 22.92 18.71
C GLU D 25 -41.02 22.76 18.12
N ASP D 26 -41.99 23.41 18.79
CA ASP D 26 -43.40 23.23 18.41
C ASP D 26 -43.53 23.57 16.92
N GLU D 27 -43.04 24.75 16.52
CA GLU D 27 -42.98 25.22 15.11
C GLU D 27 -42.41 24.16 14.17
N ILE D 28 -41.26 23.61 14.54
CA ILE D 28 -40.43 22.69 13.69
C ILE D 28 -41.23 21.42 13.41
N LYS D 29 -41.81 20.80 14.45
CA LYS D 29 -42.54 19.50 14.35
C LYS D 29 -43.84 19.71 13.55
N ALA D 30 -44.52 20.84 13.73
CA ALA D 30 -45.72 21.26 12.96
C ALA D 30 -45.34 21.40 11.47
N ARG D 31 -44.20 22.04 11.19
CA ARG D 31 -43.68 22.28 9.82
C ARG D 31 -43.33 20.94 9.15
N LEU D 32 -42.77 19.98 9.91
CA LEU D 32 -42.43 18.62 9.39
C LEU D 32 -43.72 17.89 9.01
N GLU D 33 -44.73 17.92 9.89
CA GLU D 33 -46.04 17.22 9.70
C GLU D 33 -46.75 17.81 8.48
N GLN D 34 -46.76 19.15 8.34
CA GLN D 34 -47.40 19.86 7.20
C GLN D 34 -46.75 19.38 5.89
N THR D 35 -45.42 19.29 5.85
CA THR D 35 -44.62 18.83 4.68
C THR D 35 -45.04 17.41 4.29
N TRP D 36 -45.19 16.52 5.28
CA TRP D 36 -45.70 15.14 5.05
C TRP D 36 -47.09 15.19 4.42
N ASN D 37 -48.01 15.96 5.02
CA ASN D 37 -49.44 16.05 4.62
C ASN D 37 -49.57 16.59 3.19
N ASP D 38 -48.71 17.56 2.81
CA ASP D 38 -48.75 18.21 1.47
C ASP D 38 -48.23 17.23 0.41
N LEU D 39 -47.11 16.56 0.68
CA LEU D 39 -46.42 15.69 -0.30
C LEU D 39 -47.21 14.40 -0.52
N PHE D 40 -47.95 13.95 0.49
CA PHE D 40 -48.65 12.63 0.50
C PHE D 40 -50.16 12.81 0.34
N TYR D 41 -50.74 13.91 0.84
CA TYR D 41 -52.21 14.13 0.87
C TYR D 41 -52.57 15.58 0.49
N GLY D 42 -51.76 16.22 -0.35
CA GLY D 42 -51.96 17.61 -0.81
C GLY D 42 -52.79 17.66 -2.09
N ASP D 43 -52.80 18.82 -2.75
CA ASP D 43 -53.59 19.08 -4.00
C ASP D 43 -52.83 18.56 -5.22
N GLU D 44 -53.39 18.73 -6.42
CA GLU D 44 -52.95 18.07 -7.68
C GLU D 44 -51.67 18.72 -8.22
N HIS D 45 -51.23 19.84 -7.63
CA HIS D 45 -50.04 20.62 -8.07
C HIS D 45 -48.90 20.48 -7.04
N THR D 46 -49.09 19.66 -6.01
CA THR D 46 -48.18 19.55 -4.84
C THR D 46 -47.87 18.08 -4.53
N ARG D 47 -48.90 17.28 -4.21
CA ARG D 47 -48.76 15.86 -3.77
C ARG D 47 -47.98 15.07 -4.83
N ILE D 48 -47.14 14.14 -4.40
CA ILE D 48 -46.37 13.21 -5.30
C ILE D 48 -46.69 11.75 -4.96
N TYR D 49 -47.54 11.51 -3.95
CA TYR D 49 -48.01 10.17 -3.51
C TYR D 49 -49.47 9.97 -3.94
N TYR D 50 -49.77 8.76 -4.45
CA TYR D 50 -51.11 8.39 -4.98
C TYR D 50 -51.46 6.97 -4.50
N PRO D 51 -52.44 6.82 -3.58
CA PRO D 51 -52.87 5.50 -3.14
C PRO D 51 -53.71 4.79 -4.22
N VAL D 52 -53.47 3.49 -4.40
CA VAL D 52 -54.10 2.63 -5.44
C VAL D 52 -54.76 1.43 -4.76
N GLY D 53 -56.08 1.28 -4.94
CA GLY D 53 -56.87 0.21 -4.29
C GLY D 53 -56.88 0.37 -2.78
N ASP D 54 -56.74 -0.74 -2.04
CA ASP D 54 -56.81 -0.80 -0.56
C ASP D 54 -55.44 -1.11 0.06
N ASP D 55 -54.50 -1.67 -0.72
CA ASP D 55 -53.21 -2.21 -0.19
C ASP D 55 -52.03 -1.75 -1.06
N LYS D 56 -52.17 -0.68 -1.84
CA LYS D 56 -51.11 -0.22 -2.78
C LYS D 56 -51.08 1.31 -2.88
N GLY D 57 -50.00 1.84 -3.45
CA GLY D 57 -49.75 3.28 -3.65
C GLY D 57 -48.35 3.51 -4.21
N TYR D 58 -48.11 4.66 -4.84
CA TYR D 58 -46.83 4.97 -5.54
C TYR D 58 -46.45 6.44 -5.42
N MET D 59 -45.16 6.71 -5.66
CA MET D 59 -44.56 8.07 -5.78
C MET D 59 -44.31 8.36 -7.26
N LEU D 60 -44.97 9.39 -7.80
CA LEU D 60 -44.94 9.71 -9.26
C LEU D 60 -43.81 10.71 -9.56
N ASP D 61 -42.91 10.36 -10.47
CA ASP D 61 -42.00 11.36 -11.13
C ASP D 61 -42.86 12.20 -12.07
N THR D 62 -43.46 13.27 -11.54
CA THR D 62 -44.34 14.23 -12.26
C THR D 62 -43.62 14.73 -13.52
N GLY D 63 -42.31 15.00 -13.40
CA GLY D 63 -41.44 15.50 -14.48
C GLY D 63 -41.39 14.56 -15.67
N ASN D 64 -41.44 13.25 -15.43
CA ASN D 64 -41.26 12.21 -16.48
C ASN D 64 -42.52 11.33 -16.62
N ASP D 65 -43.57 11.60 -15.85
CA ASP D 65 -44.88 10.89 -15.89
C ASP D 65 -44.68 9.38 -15.73
N ASP D 66 -43.72 8.96 -14.90
CA ASP D 66 -43.44 7.51 -14.63
C ASP D 66 -43.18 7.32 -13.13
N VAL D 67 -43.15 6.06 -12.69
CA VAL D 67 -42.91 5.64 -11.28
C VAL D 67 -41.54 4.97 -11.23
N ARG D 68 -40.57 5.59 -10.55
CA ARG D 68 -39.15 5.16 -10.52
C ARG D 68 -38.90 4.32 -9.26
N SER D 69 -37.85 3.49 -9.29
CA SER D 69 -37.43 2.62 -8.15
C SER D 69 -36.87 3.51 -7.03
N ALA D 70 -36.04 4.49 -7.41
CA ALA D 70 -35.44 5.51 -6.51
C ALA D 70 -36.55 6.24 -5.74
N GLY D 71 -37.62 6.62 -6.44
CA GLY D 71 -38.77 7.38 -5.89
C GLY D 71 -39.59 6.57 -4.90
N MET D 72 -39.97 5.34 -5.27
CA MET D 72 -40.74 4.39 -4.43
C MET D 72 -39.95 4.10 -3.14
N SER D 73 -38.63 3.95 -3.27
CA SER D 73 -37.68 3.64 -2.16
C SER D 73 -37.51 4.87 -1.25
N TYR D 74 -37.42 6.07 -1.83
CA TYR D 74 -37.43 7.36 -1.10
C TYR D 74 -38.72 7.44 -0.26
N GLY D 75 -39.86 7.09 -0.88
CA GLY D 75 -41.21 7.14 -0.26
C GLY D 75 -41.30 6.26 0.97
N MET D 76 -40.74 5.05 0.88
CA MET D 76 -40.77 4.06 1.98
C MET D 76 -39.95 4.57 3.16
N MET D 77 -38.74 5.09 2.90
CA MET D 77 -37.87 5.70 3.93
C MET D 77 -38.62 6.86 4.60
N MET D 78 -39.21 7.77 3.81
CA MET D 78 -40.03 8.89 4.32
C MET D 78 -41.10 8.34 5.29
N ALA D 79 -41.81 7.28 4.87
CA ALA D 79 -42.92 6.64 5.63
C ALA D 79 -42.42 6.11 6.99
N VAL D 80 -41.36 5.30 7.00
CA VAL D 80 -40.86 4.59 8.23
C VAL D 80 -40.21 5.61 9.18
N GLN D 81 -39.54 6.64 8.64
CA GLN D 81 -38.91 7.72 9.42
C GLN D 81 -39.98 8.56 10.14
N MET D 82 -41.19 8.61 9.57
CA MET D 82 -42.33 9.41 10.10
C MET D 82 -43.31 8.52 10.88
N ASP D 83 -43.02 7.21 11.00
CA ASP D 83 -43.90 6.21 11.70
C ASP D 83 -45.26 6.16 10.98
N LYS D 84 -45.24 5.88 9.67
CA LYS D 84 -46.42 5.88 8.78
C LYS D 84 -46.56 4.51 8.11
N LYS D 85 -46.87 3.48 8.88
CA LYS D 85 -46.87 2.06 8.44
C LYS D 85 -47.80 1.86 7.24
N HIS D 86 -49.05 2.32 7.32
CA HIS D 86 -50.10 2.13 6.27
C HIS D 86 -49.53 2.54 4.91
N GLU D 87 -48.93 3.73 4.83
CA GLU D 87 -48.37 4.30 3.57
C GLU D 87 -47.11 3.50 3.18
N PHE D 88 -46.25 3.16 4.15
CA PHE D 88 -45.01 2.36 3.92
C PHE D 88 -45.38 1.06 3.18
N ASP D 89 -46.38 0.35 3.69
CA ASP D 89 -46.82 -0.99 3.23
C ASP D 89 -47.41 -0.89 1.82
N ARG D 90 -48.21 0.15 1.56
CA ARG D 90 -48.83 0.40 0.23
C ARG D 90 -47.73 0.54 -0.82
N LEU D 91 -46.69 1.33 -0.53
CA LEU D 91 -45.55 1.60 -1.44
C LEU D 91 -44.80 0.29 -1.72
N TRP D 92 -44.38 -0.40 -0.65
CA TRP D 92 -43.62 -1.68 -0.74
C TRP D 92 -44.41 -2.71 -1.55
N ASN D 93 -45.73 -2.79 -1.34
CA ASN D 93 -46.62 -3.75 -2.03
C ASN D 93 -46.60 -3.46 -3.54
N TYR D 94 -46.59 -2.18 -3.93
CA TYR D 94 -46.54 -1.72 -5.34
C TYR D 94 -45.21 -2.17 -5.98
N ALA D 95 -44.10 -1.94 -5.27
CA ALA D 95 -42.72 -2.24 -5.73
C ALA D 95 -42.55 -3.76 -5.91
N TYR D 96 -42.85 -4.52 -4.85
CA TYR D 96 -42.76 -6.01 -4.77
C TYR D 96 -43.57 -6.65 -5.90
N THR D 97 -44.80 -6.15 -6.13
CA THR D 97 -45.75 -6.69 -7.14
C THR D 97 -45.21 -6.44 -8.56
N TYR D 98 -45.14 -5.18 -8.98
CA TYR D 98 -45.00 -4.76 -10.40
C TYR D 98 -43.53 -4.71 -10.83
N MET D 99 -42.62 -4.33 -9.92
CA MET D 99 -41.25 -3.87 -10.27
C MET D 99 -40.21 -4.97 -10.01
N GLN D 100 -40.36 -5.76 -8.94
CA GLN D 100 -39.34 -6.78 -8.55
C GLN D 100 -39.40 -7.97 -9.50
N HIS D 101 -38.27 -8.29 -10.14
CA HIS D 101 -38.08 -9.48 -11.01
C HIS D 101 -38.19 -10.76 -10.18
N THR D 102 -38.91 -11.77 -10.69
CA THR D 102 -39.00 -13.13 -10.10
C THR D 102 -38.19 -14.12 -10.96
N GLU D 103 -37.70 -13.68 -12.12
CA GLU D 103 -36.95 -14.52 -13.10
C GLU D 103 -35.95 -13.67 -13.87
N GLY D 104 -35.02 -14.31 -14.59
CA GLY D 104 -34.07 -13.66 -15.52
C GLY D 104 -32.79 -13.23 -14.83
N ARG D 105 -31.92 -12.53 -15.58
CA ARG D 105 -30.59 -12.02 -15.13
C ARG D 105 -30.75 -10.98 -14.01
N TYR D 106 -31.96 -10.45 -13.81
CA TYR D 106 -32.26 -9.35 -12.85
C TYR D 106 -33.10 -9.88 -11.67
N LYS D 107 -33.18 -11.21 -11.50
CA LYS D 107 -34.02 -11.85 -10.46
C LYS D 107 -33.75 -11.18 -9.11
N ASP D 108 -34.80 -10.69 -8.45
CA ASP D 108 -34.81 -10.06 -7.10
C ASP D 108 -34.42 -8.57 -7.16
N TYR D 109 -33.87 -8.09 -8.29
CA TYR D 109 -33.72 -6.64 -8.58
C TYR D 109 -35.08 -6.05 -8.94
N PHE D 110 -35.14 -4.72 -9.10
CA PHE D 110 -36.38 -3.95 -9.42
C PHE D 110 -36.22 -3.25 -10.77
N ALA D 111 -37.24 -3.37 -11.64
CA ALA D 111 -37.37 -2.61 -12.90
C ALA D 111 -37.37 -1.11 -12.57
N TRP D 112 -36.38 -0.36 -13.08
CA TRP D 112 -35.99 0.97 -12.54
C TRP D 112 -37.11 2.01 -12.71
N HIS D 113 -38.00 1.83 -13.69
CA HIS D 113 -39.22 2.69 -13.84
C HIS D 113 -40.32 1.93 -14.58
N CYS D 114 -41.57 2.24 -14.21
CA CYS D 114 -42.82 1.65 -14.77
C CYS D 114 -43.90 2.74 -14.88
N LYS D 115 -45.05 2.38 -15.48
CA LYS D 115 -46.24 3.26 -15.61
C LYS D 115 -47.03 3.25 -14.31
N PRO D 116 -47.83 4.31 -14.01
CA PRO D 116 -48.67 4.35 -12.82
C PRO D 116 -49.53 3.10 -12.57
N ASP D 117 -50.02 2.46 -13.65
CA ASP D 117 -50.83 1.22 -13.58
C ASP D 117 -49.95 0.04 -13.16
N GLY D 118 -48.65 0.10 -13.46
CA GLY D 118 -47.64 -0.90 -13.05
C GLY D 118 -46.90 -1.53 -14.23
N THR D 119 -47.22 -1.11 -15.46
CA THR D 119 -46.59 -1.62 -16.71
C THR D 119 -45.15 -1.11 -16.80
N ARG D 120 -44.18 -2.04 -16.82
CA ARG D 120 -42.72 -1.72 -16.85
C ARG D 120 -42.38 -1.00 -18.15
N LEU D 121 -41.41 -0.08 -18.10
CA LEU D 121 -40.95 0.75 -19.25
C LEU D 121 -39.52 0.37 -19.63
N SER D 122 -38.72 -0.05 -18.64
CA SER D 122 -37.41 -0.73 -18.81
C SER D 122 -37.31 -1.85 -17.79
N PRO D 123 -36.72 -3.01 -18.16
CA PRO D 123 -36.54 -4.11 -17.21
C PRO D 123 -35.32 -3.92 -16.28
N GLY D 124 -34.26 -3.27 -16.79
CA GLY D 124 -33.00 -3.03 -16.07
C GLY D 124 -33.22 -2.27 -14.76
N PRO D 125 -32.31 -2.43 -13.76
CA PRO D 125 -32.51 -1.79 -12.45
C PRO D 125 -31.68 -0.52 -12.20
N ALA D 126 -32.02 0.24 -11.16
CA ALA D 126 -31.22 1.38 -10.68
C ALA D 126 -30.79 1.09 -9.24
N PRO D 127 -29.47 0.84 -9.00
CA PRO D 127 -28.99 0.40 -7.69
C PRO D 127 -29.32 1.30 -6.48
N ASP D 128 -29.45 2.62 -6.69
CA ASP D 128 -29.79 3.59 -5.63
C ASP D 128 -31.17 3.25 -5.05
N GLY D 129 -32.06 2.67 -5.87
CA GLY D 129 -33.39 2.18 -5.40
C GLY D 129 -33.25 0.99 -4.47
N GLU D 130 -32.57 -0.06 -4.94
CA GLU D 130 -32.30 -1.33 -4.20
C GLU D 130 -31.81 -1.03 -2.77
N GLU D 131 -30.76 -0.23 -2.63
CA GLU D 131 -30.12 0.07 -1.31
C GLU D 131 -31.12 0.81 -0.42
N PHE D 132 -31.87 1.77 -0.96
CA PHE D 132 -32.90 2.56 -0.21
C PHE D 132 -34.03 1.62 0.23
N PHE D 133 -34.48 0.73 -0.66
CA PHE D 133 -35.49 -0.33 -0.39
C PHE D 133 -35.05 -1.15 0.84
N ALA D 134 -33.80 -1.63 0.78
CA ALA D 134 -33.16 -2.50 1.81
C ALA D 134 -33.08 -1.77 3.16
N MET D 135 -32.58 -0.54 3.17
CA MET D 135 -32.40 0.26 4.41
C MET D 135 -33.77 0.55 5.04
N ALA D 136 -34.75 0.97 4.23
CA ALA D 136 -36.13 1.29 4.64
C ALA D 136 -36.79 0.07 5.29
N LEU D 137 -36.60 -1.11 4.67
CA LEU D 137 -37.22 -2.39 5.09
C LEU D 137 -36.68 -2.81 6.46
N PHE D 138 -35.36 -2.74 6.67
CA PHE D 138 -34.68 -3.05 7.96
C PHE D 138 -35.25 -2.15 9.06
N PHE D 139 -35.44 -0.85 8.77
CA PHE D 139 -36.01 0.15 9.73
C PHE D 139 -37.46 -0.22 10.07
N ALA D 140 -38.23 -0.68 9.07
CA ALA D 140 -39.62 -1.17 9.22
C ALA D 140 -39.64 -2.38 10.17
N SER D 141 -38.74 -3.34 9.96
CA SER D 141 -38.59 -4.54 10.83
C SER D 141 -38.29 -4.09 12.26
N ASN D 142 -37.27 -3.24 12.42
CA ASN D 142 -36.73 -2.76 13.71
C ASN D 142 -37.79 -1.91 14.45
N ARG D 143 -38.60 -1.13 13.73
CA ARG D 143 -39.61 -0.20 14.32
C ARG D 143 -40.94 -0.92 14.61
N TRP D 144 -41.45 -1.70 13.65
CA TRP D 144 -42.83 -2.28 13.68
C TRP D 144 -42.79 -3.80 13.95
N GLY D 145 -41.69 -4.47 13.61
CA GLY D 145 -41.58 -5.93 13.63
C GLY D 145 -42.04 -6.54 12.32
N ASP D 146 -41.43 -7.65 11.90
CA ASP D 146 -41.78 -8.38 10.65
C ASP D 146 -43.23 -8.82 10.71
N GLY D 147 -44.03 -8.45 9.70
CA GLY D 147 -45.39 -8.98 9.47
C GLY D 147 -45.34 -10.24 8.61
N PRO D 148 -46.50 -10.82 8.23
CA PRO D 148 -46.53 -11.94 7.28
C PRO D 148 -46.14 -11.47 5.88
N ALA D 149 -45.46 -12.33 5.10
CA ALA D 149 -45.00 -12.04 3.72
C ALA D 149 -46.15 -11.45 2.91
N PRO D 150 -45.91 -10.47 2.02
CA PRO D 150 -44.56 -9.98 1.72
C PRO D 150 -44.00 -8.93 2.71
N TYR D 151 -44.66 -8.75 3.86
CA TYR D 151 -44.33 -7.72 4.88
C TYR D 151 -43.41 -8.30 5.97
N ASP D 152 -42.67 -9.37 5.64
CA ASP D 152 -41.53 -9.89 6.46
C ASP D 152 -40.29 -9.04 6.11
N TYR D 153 -40.22 -7.84 6.67
CA TYR D 153 -39.40 -6.70 6.18
C TYR D 153 -37.92 -7.07 6.12
N GLN D 154 -37.31 -7.49 7.23
CA GLN D 154 -35.85 -7.77 7.31
C GLN D 154 -35.47 -8.89 6.33
N ALA D 155 -36.37 -9.85 6.09
CA ALA D 155 -36.16 -11.01 5.19
C ALA D 155 -36.12 -10.54 3.73
N GLN D 156 -37.07 -9.67 3.36
CA GLN D 156 -37.15 -9.03 2.02
C GLN D 156 -35.86 -8.24 1.76
N ALA D 157 -35.39 -7.49 2.75
CA ALA D 157 -34.14 -6.68 2.70
C ALA D 157 -32.94 -7.60 2.39
N ARG D 158 -32.77 -8.67 3.18
CA ARG D 158 -31.60 -9.60 3.06
C ARG D 158 -31.60 -10.24 1.66
N LYS D 159 -32.78 -10.56 1.13
CA LYS D 159 -32.93 -11.19 -0.22
C LYS D 159 -32.42 -10.24 -1.30
N ILE D 160 -32.73 -8.95 -1.16
CA ILE D 160 -32.32 -7.87 -2.12
C ILE D 160 -30.80 -7.70 -2.08
N LEU D 161 -30.21 -7.60 -0.89
CA LEU D 161 -28.76 -7.33 -0.71
C LEU D 161 -27.93 -8.57 -1.08
N HIS D 162 -28.53 -9.77 -1.03
CA HIS D 162 -27.93 -11.04 -1.51
C HIS D 162 -27.74 -10.94 -3.04
N ALA D 163 -28.82 -10.63 -3.77
CA ALA D 163 -28.82 -10.37 -5.22
C ALA D 163 -27.74 -9.35 -5.56
N CYS D 164 -27.74 -8.20 -4.87
CA CYS D 164 -26.82 -7.05 -5.08
C CYS D 164 -25.36 -7.51 -5.17
N LEU D 165 -24.94 -8.46 -4.31
CA LEU D 165 -23.54 -8.92 -4.22
C LEU D 165 -23.28 -10.20 -5.00
N HIS D 166 -24.31 -11.04 -5.22
CA HIS D 166 -24.18 -12.44 -5.72
C HIS D 166 -24.92 -12.68 -7.05
N GLN D 167 -25.43 -11.64 -7.72
CA GLN D 167 -26.22 -11.81 -8.97
C GLN D 167 -25.28 -12.32 -10.08
N GLY D 168 -25.61 -13.46 -10.69
CA GLY D 168 -24.80 -14.06 -11.78
C GLY D 168 -23.94 -15.21 -11.30
N GLU D 169 -23.87 -15.49 -9.99
CA GLU D 169 -23.43 -16.83 -9.45
C GLU D 169 -24.47 -17.90 -9.83
N GLN D 170 -25.69 -17.46 -10.17
CA GLN D 170 -26.90 -18.27 -10.49
C GLN D 170 -27.01 -18.55 -12.00
N GLY D 171 -25.88 -18.55 -12.72
CA GLY D 171 -25.87 -18.60 -14.20
C GLY D 171 -25.47 -17.27 -14.81
N GLU D 172 -26.41 -16.35 -15.00
CA GLU D 172 -26.18 -15.05 -15.68
C GLU D 172 -26.83 -13.90 -14.88
N GLY D 173 -26.35 -12.69 -15.14
CA GLY D 173 -26.61 -11.47 -14.35
C GLY D 173 -25.31 -10.87 -13.87
N ASP D 174 -25.34 -9.65 -13.33
CA ASP D 174 -24.12 -8.96 -12.81
C ASP D 174 -24.45 -8.38 -11.43
N PRO D 175 -23.46 -8.31 -10.50
CA PRO D 175 -23.71 -7.74 -9.18
C PRO D 175 -23.70 -6.21 -9.24
N MET D 176 -24.40 -5.56 -8.30
CA MET D 176 -24.50 -4.08 -8.24
C MET D 176 -23.26 -3.50 -7.55
N TRP D 177 -22.48 -4.35 -6.86
CA TRP D 177 -21.15 -3.98 -6.30
C TRP D 177 -20.06 -4.72 -7.07
N GLU D 178 -19.05 -3.98 -7.54
CA GLU D 178 -17.84 -4.55 -8.20
C GLU D 178 -16.99 -5.22 -7.13
N PRO D 179 -16.85 -6.57 -7.15
CA PRO D 179 -16.10 -7.28 -6.12
C PRO D 179 -14.70 -6.73 -5.80
N SER D 180 -13.96 -6.30 -6.82
CA SER D 180 -12.53 -5.90 -6.74
C SER D 180 -12.35 -4.66 -5.85
N ASN D 181 -13.25 -3.66 -5.95
CA ASN D 181 -13.08 -2.33 -5.31
C ASN D 181 -14.17 -2.07 -4.25
N ARG D 182 -15.22 -2.91 -4.17
CA ARG D 182 -16.31 -2.84 -3.15
C ARG D 182 -17.13 -1.57 -3.36
N LEU D 183 -17.23 -1.08 -4.60
CA LEU D 183 -17.96 0.17 -4.96
C LEU D 183 -19.28 -0.22 -5.64
N ILE D 184 -20.40 0.38 -5.21
CA ILE D 184 -21.71 0.28 -5.94
C ILE D 184 -21.45 0.74 -7.38
N LYS D 185 -22.21 0.19 -8.33
CA LYS D 185 -22.07 0.45 -9.79
C LYS D 185 -23.22 1.36 -10.26
N PHE D 186 -23.06 2.03 -11.41
CA PHE D 186 -24.14 2.81 -12.05
C PHE D 186 -25.29 1.86 -12.41
N ILE D 187 -24.97 0.79 -13.15
CA ILE D 187 -25.88 -0.37 -13.43
C ILE D 187 -25.03 -1.63 -13.40
N PRO D 188 -25.64 -2.83 -13.29
CA PRO D 188 -24.87 -4.07 -13.18
C PRO D 188 -23.80 -4.26 -14.28
N GLU D 189 -24.10 -3.83 -15.51
CA GLU D 189 -23.31 -4.17 -16.72
C GLU D 189 -22.06 -3.29 -16.84
N LEU D 190 -22.16 -1.99 -16.54
CA LEU D 190 -21.11 -0.99 -16.89
C LEU D 190 -20.10 -0.87 -15.75
N PRO D 191 -18.78 -0.83 -16.05
CA PRO D 191 -17.75 -0.74 -15.01
C PRO D 191 -17.40 0.69 -14.56
N PHE D 192 -18.42 1.51 -14.31
CA PHE D 192 -18.30 2.85 -13.68
C PHE D 192 -19.46 3.04 -12.70
N SER D 193 -19.48 4.18 -12.00
CA SER D 193 -20.37 4.44 -10.84
C SER D 193 -21.03 5.81 -10.92
N ASP D 194 -21.75 6.16 -9.84
CA ASP D 194 -22.49 7.43 -9.64
C ASP D 194 -22.21 7.89 -8.20
N PRO D 195 -21.47 9.00 -7.99
CA PRO D 195 -21.16 9.46 -6.64
C PRO D 195 -22.36 9.49 -5.69
N SER D 196 -23.52 9.96 -6.20
CA SER D 196 -24.79 10.14 -5.45
C SER D 196 -25.33 8.80 -4.95
N TYR D 197 -24.88 7.67 -5.51
CA TYR D 197 -25.37 6.31 -5.14
C TYR D 197 -24.65 5.82 -3.87
N HIS D 198 -23.54 6.44 -3.48
CA HIS D 198 -22.71 5.95 -2.35
C HIS D 198 -23.27 6.40 -1.01
N LEU D 199 -23.80 5.43 -0.26
CA LEU D 199 -24.39 5.60 1.09
C LEU D 199 -23.58 4.77 2.09
N PRO D 200 -22.35 5.20 2.45
CA PRO D 200 -21.51 4.41 3.36
C PRO D 200 -22.21 4.18 4.72
N HIS D 201 -22.98 5.17 5.17
CA HIS D 201 -23.83 5.13 6.39
C HIS D 201 -24.81 3.95 6.32
N PHE D 202 -25.51 3.77 5.18
CA PHE D 202 -26.46 2.65 4.95
C PHE D 202 -25.72 1.30 5.01
N TYR D 203 -24.45 1.24 4.56
CA TYR D 203 -23.65 0.00 4.43
C TYR D 203 -23.17 -0.46 5.80
N GLU D 204 -22.91 0.48 6.71
CA GLU D 204 -22.63 0.22 8.16
C GLU D 204 -23.77 -0.61 8.75
N LEU D 205 -25.01 -0.27 8.40
CA LEU D 205 -26.25 -0.87 8.97
C LEU D 205 -26.58 -2.18 8.24
N PHE D 206 -26.22 -2.29 6.96
CA PHE D 206 -26.26 -3.56 6.20
C PHE D 206 -25.30 -4.56 6.86
N ALA D 207 -24.13 -4.08 7.30
CA ALA D 207 -23.11 -4.90 7.98
C ALA D 207 -23.66 -5.48 9.28
N GLN D 208 -24.79 -4.95 9.75
CA GLN D 208 -25.45 -5.39 11.00
C GLN D 208 -26.60 -6.33 10.67
N TYR D 209 -27.32 -6.10 9.57
CA TYR D 209 -28.63 -6.76 9.32
C TYR D 209 -28.60 -7.66 8.08
N ALA D 210 -27.55 -7.63 7.27
CA ALA D 210 -27.44 -8.43 6.03
C ALA D 210 -27.18 -9.90 6.42
N ASN D 211 -27.39 -10.82 5.47
CA ASN D 211 -26.95 -12.23 5.58
C ASN D 211 -25.52 -12.26 6.13
N GLU D 212 -25.22 -13.21 7.01
CA GLU D 212 -23.96 -13.26 7.80
C GLU D 212 -22.73 -13.27 6.89
N GLN D 213 -22.79 -14.04 5.79
CA GLN D 213 -21.65 -14.22 4.84
C GLN D 213 -21.23 -12.87 4.24
N ASP D 214 -22.14 -11.89 4.14
CA ASP D 214 -21.93 -10.61 3.40
C ASP D 214 -21.48 -9.47 4.32
N ARG D 215 -21.50 -9.64 5.64
CA ARG D 215 -21.36 -8.53 6.62
C ARG D 215 -19.97 -7.91 6.50
N THR D 216 -18.92 -8.71 6.31
CA THR D 216 -17.53 -8.26 6.08
C THR D 216 -17.52 -7.32 4.87
N PHE D 217 -18.11 -7.75 3.76
CA PHE D 217 -18.16 -6.97 2.49
C PHE D 217 -18.73 -5.57 2.78
N TRP D 218 -19.90 -5.51 3.42
CA TRP D 218 -20.64 -4.24 3.67
C TRP D 218 -19.79 -3.26 4.49
N LYS D 219 -19.07 -3.76 5.49
CA LYS D 219 -18.18 -2.98 6.39
C LYS D 219 -17.02 -2.40 5.58
N GLU D 220 -16.41 -3.23 4.72
CA GLU D 220 -15.33 -2.83 3.79
C GLU D 220 -15.87 -1.79 2.80
N ALA D 221 -17.09 -2.00 2.29
CA ALA D 221 -17.78 -1.15 1.30
C ALA D 221 -18.08 0.24 1.91
N ALA D 222 -18.43 0.29 3.20
CA ALA D 222 -18.63 1.55 3.96
C ALA D 222 -17.36 2.40 3.85
N GLU D 223 -16.19 1.82 4.10
CA GLU D 223 -14.88 2.53 4.07
C GLU D 223 -14.45 2.81 2.63
N ALA D 224 -14.77 1.92 1.69
CA ALA D 224 -14.46 2.04 0.24
C ALA D 224 -15.20 3.27 -0.33
N SER D 225 -16.49 3.41 0.00
CA SER D 225 -17.37 4.49 -0.50
C SER D 225 -16.95 5.85 0.08
N ARG D 226 -16.58 5.91 1.37
CA ARG D 226 -16.03 7.13 2.02
C ARG D 226 -14.78 7.57 1.25
N ALA D 227 -13.91 6.61 0.91
CA ALA D 227 -12.64 6.84 0.15
C ALA D 227 -12.95 7.35 -1.25
N TYR D 228 -13.95 6.73 -1.91
CA TYR D 228 -14.37 7.05 -3.30
C TYR D 228 -14.89 8.49 -3.39
N LEU D 229 -15.69 8.92 -2.40
CA LEU D 229 -16.35 10.25 -2.38
C LEU D 229 -15.31 11.36 -2.18
N ARG D 230 -14.16 11.04 -1.57
CA ARG D 230 -13.02 11.99 -1.43
C ARG D 230 -12.37 12.20 -2.80
N THR D 231 -12.44 11.19 -3.68
CA THR D 231 -11.85 11.21 -5.05
C THR D 231 -12.86 11.77 -6.05
N ALA D 232 -14.16 11.75 -5.73
CA ALA D 232 -15.26 12.15 -6.64
C ALA D 232 -15.51 13.66 -6.55
N CYS D 233 -15.41 14.23 -5.34
CA CYS D 233 -15.66 15.67 -5.07
C CYS D 233 -14.41 16.52 -5.37
N HIS D 234 -14.56 17.56 -6.19
CA HIS D 234 -13.49 18.55 -6.50
C HIS D 234 -12.95 19.12 -5.20
N PRO D 235 -11.61 19.18 -5.00
CA PRO D 235 -11.04 19.59 -3.71
C PRO D 235 -11.14 21.09 -3.38
N VAL D 236 -11.61 21.92 -4.30
CA VAL D 236 -11.82 23.39 -4.09
C VAL D 236 -13.31 23.66 -3.88
N THR D 237 -14.14 23.33 -4.88
CA THR D 237 -15.58 23.70 -4.96
C THR D 237 -16.43 22.71 -4.15
N GLY D 238 -15.99 21.45 -4.04
CA GLY D 238 -16.78 20.36 -3.42
C GLY D 238 -17.95 19.94 -4.30
N LEU D 239 -17.86 20.24 -5.60
CA LEU D 239 -18.82 19.75 -6.63
C LEU D 239 -18.35 18.38 -7.11
N SER D 240 -19.26 17.58 -7.67
CA SER D 240 -19.01 16.20 -8.14
C SER D 240 -19.78 15.94 -9.43
N PRO D 241 -19.29 15.03 -10.30
CA PRO D 241 -19.99 14.71 -11.54
C PRO D 241 -21.21 13.82 -11.24
N GLU D 242 -22.12 13.71 -12.20
CA GLU D 242 -23.33 12.83 -12.11
C GLU D 242 -22.88 11.37 -12.25
N TYR D 243 -22.11 11.05 -13.29
CA TYR D 243 -21.46 9.72 -13.48
C TYR D 243 -19.94 9.86 -13.34
N ALA D 244 -19.31 8.93 -12.62
CA ALA D 244 -17.85 8.92 -12.36
C ALA D 244 -17.28 7.51 -12.60
N ASN D 245 -16.04 7.45 -13.09
CA ASN D 245 -15.22 6.21 -13.16
C ASN D 245 -14.81 5.84 -11.73
N TYR D 246 -14.34 4.61 -11.50
CA TYR D 246 -14.00 4.08 -10.16
C TYR D 246 -12.90 4.93 -9.51
N ASP D 247 -12.08 5.63 -10.31
CA ASP D 247 -10.98 6.51 -9.85
C ASP D 247 -11.54 7.88 -9.40
N GLY D 248 -12.86 8.08 -9.52
CA GLY D 248 -13.57 9.29 -9.04
C GLY D 248 -13.73 10.33 -10.13
N THR D 249 -12.98 10.22 -11.22
CA THR D 249 -12.98 11.19 -12.35
C THR D 249 -14.32 11.08 -13.08
N PRO D 250 -14.84 12.19 -13.66
CA PRO D 250 -16.04 12.14 -14.48
C PRO D 250 -15.91 11.05 -15.57
N ALA D 251 -16.96 10.25 -15.75
CA ALA D 251 -17.03 9.16 -16.75
C ALA D 251 -17.06 9.78 -18.16
N PRO D 252 -16.75 9.01 -19.22
CA PRO D 252 -16.98 9.49 -20.59
C PRO D 252 -18.47 9.77 -20.84
N VAL D 253 -18.76 10.67 -21.77
CA VAL D 253 -20.15 10.99 -22.21
C VAL D 253 -20.82 9.68 -22.64
N GLN D 254 -22.06 9.44 -22.19
CA GLN D 254 -22.86 8.24 -22.52
C GLN D 254 -23.72 8.56 -23.75
N LEU D 255 -24.49 7.58 -24.24
CA LEU D 255 -25.33 7.70 -25.46
C LEU D 255 -26.66 8.38 -25.12
N HIS D 256 -27.03 8.41 -23.83
CA HIS D 256 -28.32 8.96 -23.34
C HIS D 256 -28.11 10.34 -22.68
N GLY D 257 -26.87 10.83 -22.64
CA GLY D 257 -26.56 12.21 -22.18
C GLY D 257 -25.12 12.38 -21.73
N ASP D 258 -24.76 13.62 -21.35
CA ASP D 258 -23.45 14.04 -20.82
C ASP D 258 -23.59 14.24 -19.30
N PHE D 259 -22.91 13.41 -18.51
CA PHE D 259 -23.11 13.28 -17.03
C PHE D 259 -21.83 13.63 -16.27
N ARG D 260 -20.88 14.31 -16.92
CA ARG D 260 -19.56 14.68 -16.32
C ARG D 260 -19.72 15.87 -15.36
N HIS D 261 -20.88 16.55 -15.38
CA HIS D 261 -21.07 17.89 -14.77
C HIS D 261 -21.89 17.77 -13.48
N PHE D 262 -21.88 18.84 -12.65
CA PHE D 262 -22.70 18.96 -11.42
C PHE D 262 -24.12 19.35 -11.81
N TYR D 263 -25.01 18.36 -11.87
CA TYR D 263 -26.45 18.46 -12.24
C TYR D 263 -27.24 17.58 -11.25
N SER D 264 -28.48 17.21 -11.58
CA SER D 264 -29.53 16.67 -10.68
C SER D 264 -28.99 15.59 -9.73
N ASP D 265 -28.37 14.53 -10.27
CA ASP D 265 -27.92 13.34 -9.49
C ASP D 265 -26.93 13.78 -8.40
N ALA D 266 -25.94 14.60 -8.78
CA ALA D 266 -24.79 15.04 -7.96
C ALA D 266 -25.24 15.77 -6.69
N TYR D 267 -26.43 16.37 -6.68
CA TYR D 267 -26.94 17.23 -5.57
C TYR D 267 -26.95 16.42 -4.27
N ARG D 268 -27.28 15.12 -4.35
CA ARG D 268 -27.53 14.23 -3.18
C ARG D 268 -26.21 13.88 -2.48
N VAL D 269 -25.06 14.04 -3.13
CA VAL D 269 -23.71 13.71 -2.56
C VAL D 269 -23.52 14.48 -1.25
N ALA D 270 -23.76 15.81 -1.26
CA ALA D 270 -23.54 16.70 -0.10
C ALA D 270 -24.48 16.34 1.07
N ALA D 271 -25.68 15.85 0.77
CA ALA D 271 -26.69 15.39 1.76
C ALA D 271 -26.27 14.03 2.33
N ASN D 272 -25.88 13.11 1.44
CA ASN D 272 -25.40 11.73 1.78
C ASN D 272 -24.19 11.83 2.72
N VAL D 273 -23.15 12.58 2.31
CA VAL D 273 -21.91 12.90 3.07
C VAL D 273 -22.28 13.41 4.48
N ALA D 274 -23.25 14.32 4.56
CA ALA D 274 -23.66 15.00 5.81
C ALA D 274 -24.38 14.02 6.74
N LEU D 275 -25.22 13.14 6.19
CA LEU D 275 -25.99 12.17 7.01
C LEU D 275 -25.03 11.15 7.61
N ASP D 276 -24.04 10.68 6.83
CA ASP D 276 -22.97 9.75 7.28
C ASP D 276 -22.25 10.35 8.48
N TRP D 277 -21.84 11.62 8.38
CA TRP D 277 -21.16 12.37 9.47
C TRP D 277 -22.03 12.38 10.73
N GLU D 278 -23.30 12.76 10.60
CA GLU D 278 -24.28 12.82 11.73
C GLU D 278 -24.38 11.43 12.39
N TRP D 279 -24.55 10.37 11.60
CA TRP D 279 -24.79 8.99 12.10
C TRP D 279 -23.51 8.40 12.70
N PHE D 280 -22.34 8.58 12.07
CA PHE D 280 -21.13 7.76 12.34
C PHE D 280 -19.88 8.61 12.70
N ARG D 281 -19.77 9.86 12.22
CA ARG D 281 -18.66 10.79 12.60
C ARG D 281 -17.29 10.17 12.30
N LYS D 282 -17.15 9.42 11.21
CA LYS D 282 -15.92 8.62 10.94
C LYS D 282 -14.90 9.46 10.18
N ASP D 283 -15.33 10.22 9.16
CA ASP D 283 -14.43 10.91 8.20
C ASP D 283 -14.46 12.42 8.42
N PRO D 284 -13.42 13.02 9.05
CA PRO D 284 -13.37 14.47 9.26
C PRO D 284 -13.36 15.31 7.97
N TRP D 285 -13.02 14.69 6.83
CA TRP D 285 -13.06 15.31 5.47
C TRP D 285 -14.48 15.76 5.12
N GLN D 286 -15.49 15.04 5.62
CA GLN D 286 -16.93 15.29 5.36
C GLN D 286 -17.33 16.71 5.81
N VAL D 287 -16.79 17.16 6.94
CA VAL D 287 -16.95 18.55 7.48
C VAL D 287 -16.40 19.53 6.45
N GLN D 288 -15.21 19.27 5.91
CA GLN D 288 -14.52 20.18 4.94
C GLN D 288 -15.30 20.21 3.64
N GLN D 289 -15.81 19.06 3.19
CA GLN D 289 -16.60 18.93 1.95
C GLN D 289 -17.87 19.78 2.06
N SER D 290 -18.55 19.70 3.21
CA SER D 290 -19.78 20.46 3.53
C SER D 290 -19.47 21.97 3.51
N ASN D 291 -18.34 22.38 4.08
CA ASN D 291 -17.85 23.79 4.11
C ASN D 291 -17.65 24.31 2.68
N ARG D 292 -17.03 23.48 1.82
CA ARG D 292 -16.59 23.87 0.45
C ARG D 292 -17.80 24.11 -0.44
N ILE D 293 -18.75 23.16 -0.51
CA ILE D 293 -19.94 23.26 -1.42
C ILE D 293 -20.82 24.43 -0.97
N GLN D 294 -21.00 24.60 0.35
CA GLN D 294 -21.79 25.71 0.94
C GLN D 294 -21.16 27.04 0.53
N ALA D 295 -19.82 27.12 0.56
CA ALA D 295 -19.02 28.33 0.24
C ALA D 295 -19.10 28.64 -1.27
N PHE D 296 -19.23 27.63 -2.12
CA PHE D 296 -19.41 27.79 -3.59
C PHE D 296 -20.77 28.42 -3.88
N PHE D 297 -21.78 28.14 -3.05
CA PHE D 297 -23.19 28.56 -3.27
C PHE D 297 -23.62 29.65 -2.27
N SER D 298 -22.72 30.07 -1.38
CA SER D 298 -23.05 31.05 -0.30
C SER D 298 -23.63 32.34 -0.92
N ASP D 299 -23.10 32.74 -2.07
CA ASP D 299 -23.29 34.03 -2.77
C ASP D 299 -24.35 33.93 -3.88
N ILE D 300 -24.88 32.73 -4.17
CA ILE D 300 -25.71 32.44 -5.37
C ILE D 300 -27.18 32.28 -4.94
N ASP D 301 -28.09 32.99 -5.61
CA ASP D 301 -29.56 32.84 -5.40
C ASP D 301 -30.04 31.57 -6.10
N VAL D 302 -31.08 30.94 -5.53
CA VAL D 302 -31.72 29.69 -6.06
C VAL D 302 -32.17 29.91 -7.51
N SER D 303 -32.63 31.12 -7.85
CA SER D 303 -33.11 31.48 -9.21
C SER D 303 -31.92 31.57 -10.17
N ASP D 304 -30.69 31.73 -9.65
CA ASP D 304 -29.44 31.87 -10.43
C ASP D 304 -28.67 30.55 -10.52
N TYR D 305 -29.20 29.48 -9.91
CA TYR D 305 -28.58 28.12 -9.95
C TYR D 305 -28.50 27.66 -11.41
N ARG D 306 -27.33 27.14 -11.81
CA ARG D 306 -27.00 26.67 -13.17
C ARG D 306 -26.65 25.18 -13.15
N ARG D 307 -26.29 24.63 -14.33
CA ARG D 307 -25.37 23.48 -14.45
C ARG D 307 -23.95 24.05 -14.32
N TYR D 308 -23.09 23.40 -13.54
CA TYR D 308 -21.66 23.78 -13.36
C TYR D 308 -20.77 22.58 -13.68
N THR D 309 -19.63 22.83 -14.33
CA THR D 309 -18.50 21.87 -14.38
C THR D 309 -17.98 21.74 -12.94
N ILE D 310 -17.45 20.57 -12.57
CA ILE D 310 -17.00 20.28 -11.17
C ILE D 310 -15.95 21.32 -10.75
N GLU D 311 -15.23 21.90 -11.72
CA GLU D 311 -14.21 22.98 -11.53
C GLU D 311 -14.90 24.29 -11.11
N GLY D 312 -16.21 24.41 -11.36
CA GLY D 312 -17.05 25.54 -10.91
C GLY D 312 -17.41 26.50 -12.04
N GLU D 313 -17.23 26.08 -13.29
CA GLU D 313 -17.53 26.91 -14.50
C GLU D 313 -19.03 26.84 -14.78
N PRO D 314 -19.78 27.96 -14.67
CA PRO D 314 -21.22 27.94 -14.91
C PRO D 314 -21.61 27.92 -16.40
N PHE D 315 -22.42 26.93 -16.78
CA PHE D 315 -23.16 26.89 -18.07
C PHE D 315 -24.23 27.99 -18.04
N ASN D 316 -24.66 28.46 -19.22
CA ASN D 316 -25.81 29.39 -19.36
C ASN D 316 -27.07 28.68 -18.86
N GLU D 317 -27.19 27.39 -19.18
CA GLU D 317 -28.32 26.48 -18.81
C GLU D 317 -28.60 26.61 -17.31
N PRO D 318 -29.88 26.72 -16.89
CA PRO D 318 -30.24 26.69 -15.47
C PRO D 318 -30.29 25.25 -14.95
N ALA D 319 -30.12 25.07 -13.63
CA ALA D 319 -30.47 23.84 -12.90
C ALA D 319 -31.94 23.51 -13.17
N LEU D 320 -32.27 22.25 -13.43
CA LEU D 320 -33.67 21.77 -13.59
C LEU D 320 -34.35 21.72 -12.22
N HIS D 321 -33.59 21.51 -11.14
CA HIS D 321 -34.11 21.27 -9.76
C HIS D 321 -33.41 22.16 -8.75
N PRO D 322 -33.58 23.50 -8.83
CA PRO D 322 -32.87 24.41 -7.95
C PRO D 322 -33.31 24.32 -6.46
N VAL D 323 -34.59 24.02 -6.20
CA VAL D 323 -35.12 23.81 -4.81
C VAL D 323 -34.47 22.54 -4.24
N GLY D 324 -34.44 21.46 -5.02
CA GLY D 324 -33.67 20.23 -4.73
C GLY D 324 -32.25 20.56 -4.33
N LEU D 325 -31.57 21.39 -5.13
CA LEU D 325 -30.13 21.76 -4.94
C LEU D 325 -30.00 22.51 -3.61
N LEU D 326 -30.89 23.49 -3.36
CA LEU D 326 -30.90 24.27 -2.09
C LEU D 326 -31.05 23.32 -0.90
N ALA D 327 -32.00 22.38 -0.98
CA ALA D 327 -32.33 21.38 0.08
C ALA D 327 -31.07 20.58 0.45
N THR D 328 -30.33 20.07 -0.55
CA THR D 328 -29.09 19.25 -0.32
C THR D 328 -27.98 20.15 0.25
N ASN D 329 -27.81 21.36 -0.32
CA ASN D 329 -26.84 22.37 0.18
C ASN D 329 -27.16 22.68 1.65
N ALA D 330 -28.45 22.73 2.01
CA ALA D 330 -28.97 22.99 3.38
C ALA D 330 -28.69 21.77 4.28
N MET D 331 -28.82 20.57 3.73
CA MET D 331 -28.68 19.29 4.47
C MET D 331 -27.22 19.14 4.93
N ALA D 332 -26.29 19.74 4.18
CA ALA D 332 -24.83 19.79 4.46
C ALA D 332 -24.54 20.47 5.79
N SER D 333 -25.46 21.29 6.31
CA SER D 333 -25.35 22.00 7.62
C SER D 333 -25.29 21.00 8.79
N LEU D 334 -25.74 19.74 8.58
CA LEU D 334 -25.57 18.63 9.56
C LEU D 334 -24.07 18.48 9.90
N ALA D 335 -23.18 18.79 8.96
CA ALA D 335 -21.73 18.53 9.01
C ALA D 335 -20.91 19.83 8.92
N ALA D 336 -21.38 20.82 8.14
CA ALA D 336 -20.71 22.12 7.95
C ALA D 336 -20.64 22.84 9.29
N ASP D 337 -19.45 23.34 9.65
CA ASP D 337 -19.23 24.25 10.81
C ASP D 337 -18.87 25.65 10.30
N GLY D 338 -18.84 25.85 8.97
CA GLY D 338 -18.42 27.08 8.29
C GLY D 338 -19.37 28.25 8.52
N PRO D 339 -19.05 29.45 8.00
CA PRO D 339 -19.88 30.64 8.21
C PRO D 339 -21.17 30.71 7.37
N ASP D 340 -21.43 29.68 6.55
CA ASP D 340 -22.57 29.59 5.61
C ASP D 340 -23.65 28.64 6.14
N ALA D 341 -23.36 27.86 7.19
CA ALA D 341 -24.25 26.79 7.70
C ALA D 341 -25.58 27.37 8.16
N ASP D 342 -25.55 28.38 9.03
CA ASP D 342 -26.76 29.04 9.60
C ASP D 342 -27.59 29.63 8.47
N SER D 343 -26.94 30.34 7.55
CA SER D 343 -27.51 31.00 6.34
C SER D 343 -28.36 29.99 5.57
N PHE D 344 -27.82 28.81 5.27
CA PHE D 344 -28.47 27.77 4.42
C PHE D 344 -29.71 27.22 5.13
N VAL D 345 -29.68 27.06 6.46
CA VAL D 345 -30.80 26.46 7.25
C VAL D 345 -32.01 27.40 7.16
N LYS D 346 -31.80 28.69 7.43
CA LYS D 346 -32.85 29.75 7.34
C LYS D 346 -33.37 29.85 5.90
N ARG D 347 -32.47 29.86 4.91
CA ARG D 347 -32.82 29.93 3.47
C ARG D 347 -33.81 28.81 3.13
N PHE D 348 -33.55 27.58 3.60
CA PHE D 348 -34.41 26.39 3.36
C PHE D 348 -35.75 26.56 4.08
N TRP D 349 -35.74 26.96 5.36
CA TRP D 349 -36.96 27.17 6.19
C TRP D 349 -37.92 28.12 5.45
N ASN D 350 -37.38 29.19 4.87
CA ASN D 350 -38.15 30.24 4.16
C ASN D 350 -38.42 29.84 2.70
N THR D 351 -38.02 28.64 2.29
CA THR D 351 -38.34 28.07 0.95
C THR D 351 -39.50 27.08 1.08
N PRO D 352 -40.65 27.31 0.41
CA PRO D 352 -41.73 26.33 0.40
C PRO D 352 -41.46 25.20 -0.61
N LEU D 353 -42.27 24.14 -0.57
CA LEU D 353 -42.22 23.01 -1.53
C LEU D 353 -42.40 23.55 -2.96
N ARG D 354 -41.82 22.86 -3.94
CA ARG D 354 -41.94 23.24 -5.37
C ARG D 354 -43.35 22.90 -5.85
N GLN D 355 -43.85 23.61 -6.86
CA GLN D 355 -45.11 23.29 -7.56
C GLN D 355 -44.84 23.21 -9.06
N GLY D 356 -45.80 22.67 -9.82
CA GLY D 356 -45.66 22.44 -11.27
C GLY D 356 -45.17 21.03 -11.57
N LYS D 357 -45.04 20.71 -12.86
CA LYS D 357 -44.81 19.34 -13.39
C LYS D 357 -43.44 18.80 -12.99
N ARG D 358 -42.47 19.67 -12.64
CA ARG D 358 -41.05 19.29 -12.39
C ARG D 358 -40.77 19.13 -10.89
N ARG D 359 -41.80 19.15 -10.04
CA ARG D 359 -41.69 19.33 -8.56
C ARG D 359 -41.10 18.09 -7.86
N TYR D 360 -41.28 16.90 -8.44
CA TYR D 360 -41.05 15.58 -7.77
C TYR D 360 -39.66 15.55 -7.12
N TYR D 361 -38.58 15.67 -7.89
CA TYR D 361 -37.18 15.49 -7.40
C TYR D 361 -36.85 16.56 -6.36
N ASP D 362 -37.29 17.80 -6.60
CA ASP D 362 -37.11 18.94 -5.65
C ASP D 362 -37.71 18.56 -4.29
N ASN D 363 -38.96 18.12 -4.29
CA ASN D 363 -39.74 17.86 -3.05
C ASN D 363 -39.19 16.64 -2.30
N CYS D 364 -38.64 15.64 -3.01
CA CYS D 364 -38.01 14.43 -2.39
C CYS D 364 -36.79 14.86 -1.56
N LEU D 365 -35.94 15.71 -2.14
CA LEU D 365 -34.71 16.26 -1.50
C LEU D 365 -35.15 17.22 -0.37
N TYR D 366 -36.18 18.03 -0.62
CA TYR D 366 -36.83 18.96 0.35
C TYR D 366 -37.19 18.20 1.63
N PHE D 367 -37.94 17.10 1.50
CA PHE D 367 -38.51 16.35 2.66
C PHE D 367 -37.40 15.70 3.49
N PHE D 368 -36.39 15.11 2.83
CA PHE D 368 -35.22 14.49 3.51
C PHE D 368 -34.47 15.55 4.34
N THR D 369 -34.33 16.77 3.79
CA THR D 369 -33.68 17.93 4.45
C THR D 369 -34.51 18.38 5.66
N MET D 370 -35.85 18.46 5.51
CA MET D 370 -36.80 18.80 6.60
C MET D 370 -36.67 17.78 7.75
N LEU D 371 -36.62 16.48 7.41
CA LEU D 371 -36.40 15.38 8.38
C LEU D 371 -35.06 15.56 9.10
N ALA D 372 -33.98 15.67 8.34
CA ALA D 372 -32.57 15.75 8.80
C ALA D 372 -32.36 16.98 9.69
N LEU D 373 -32.77 18.16 9.23
CA LEU D 373 -32.48 19.44 9.92
C LEU D 373 -33.37 19.61 11.16
N SER D 374 -34.49 18.88 11.27
CA SER D 374 -35.37 18.87 12.48
C SER D 374 -34.86 17.82 13.48
N GLY D 375 -33.91 16.97 13.07
CA GLY D 375 -33.32 15.91 13.91
C GLY D 375 -34.18 14.65 13.94
N ASN D 376 -34.84 14.35 12.82
CA ASN D 376 -35.86 13.27 12.71
C ASN D 376 -35.48 12.26 11.62
N TYR D 377 -34.27 12.33 11.06
CA TYR D 377 -33.71 11.33 10.12
C TYR D 377 -32.77 10.43 10.93
N ARG D 378 -33.31 9.33 11.43
CA ARG D 378 -32.73 8.58 12.57
C ARG D 378 -32.51 7.12 12.17
N VAL D 379 -31.62 6.46 12.90
CA VAL D 379 -31.33 5.00 12.81
C VAL D 379 -32.32 4.29 13.76
N TYR D 380 -33.00 3.25 13.27
CA TYR D 380 -33.92 2.41 14.08
C TYR D 380 -33.27 1.02 14.20
N GLN D 381 -32.74 0.77 15.41
CA GLN D 381 -31.91 -0.42 15.75
C GLN D 381 -32.81 -1.50 16.36
N GLN D 382 -32.26 -2.70 16.58
CA GLN D 382 -32.92 -3.83 17.27
C GLN D 382 -33.09 -3.49 18.74
N ALA D 383 -34.19 -2.81 19.08
CA ALA D 383 -34.45 -2.24 20.43
C ALA D 383 -35.06 -3.30 21.34
N ALA D 384 -35.17 -2.96 22.63
CA ALA D 384 -35.76 -3.79 23.70
C ALA D 384 -36.90 -3.02 24.36
N ALA D 385 -38.15 -3.32 24.01
CA ALA D 385 -39.39 -2.76 24.61
C ALA D 385 -39.82 -1.51 23.84
O1 XYP E . 52.95 34.60 -18.01
C1 XYP E . 51.95 33.54 -17.91
C2 XYP E . 51.75 32.93 -19.26
C3 XYP E . 50.78 31.76 -19.12
C4 XYP E . 51.28 30.79 -18.07
C5 XYP E . 51.24 31.54 -16.80
O2 XYP E . 51.17 33.91 -20.14
O3 XYP E . 50.70 31.12 -20.34
O4 XYP E . 50.43 29.64 -18.08
O5 XYP E . 52.33 32.49 -16.97
C1 XYP E . 51.15 28.37 -18.31
C2 XYP E . 50.18 27.26 -18.23
C3 XYP E . 50.83 25.90 -18.51
C4 XYP E . 52.18 25.92 -19.31
C5 XYP E . 52.81 27.29 -19.50
O2 XYP E . 49.51 27.25 -16.91
O3 XYP E . 49.87 25.16 -19.28
O4 XYP E . 53.14 25.09 -18.67
O5 XYP E . 51.77 28.30 -19.61
C1 XYP E . 53.99 24.42 -19.72
C2 XYP E . 55.52 24.58 -19.59
C3 XYP E . 56.27 23.70 -20.66
C4 XYP E . 55.77 22.23 -20.46
C5 XYP E . 54.25 22.20 -20.53
O2 XYP E . 55.90 25.96 -19.71
O3 XYP E . 57.77 23.85 -20.50
O4 XYP E . 56.13 21.26 -21.48
O5 XYP E . 53.69 23.04 -19.52
O5 AHR E . 59.40 28.40 -22.12
C5 AHR E . 59.92 27.35 -22.94
C4 AHR E . 59.01 26.18 -22.74
O4 AHR E . 59.30 25.55 -21.47
C3 AHR E . 59.31 25.08 -23.76
O3 AHR E . 58.65 25.31 -25.06
C2 AHR E . 58.69 23.91 -23.10
O2 AHR E . 59.40 22.75 -23.63
C1 AHR E . 58.89 24.16 -21.56
C1 XYP E . 57.36 20.86 -21.73
C2 XYP E . 57.68 20.38 -23.11
C3 XYP E . 58.53 19.19 -22.77
C4 XYP E . 59.53 19.51 -21.63
C5 XYP E . 59.00 20.46 -20.56
O2 XYP E . 56.58 19.90 -23.84
O3 XYP E . 59.35 18.93 -23.85
O4 XYP E . 59.97 18.30 -21.00
O5 XYP E . 58.46 21.49 -21.21
O1 XYP F . -0.15 -14.47 -11.93
C1 XYP F . 0.86 -13.43 -12.01
C2 XYP F . 0.33 -12.28 -12.81
C3 XYP F . 1.38 -11.18 -12.80
C4 XYP F . 1.73 -10.81 -11.38
C5 XYP F . 2.39 -11.98 -10.80
O2 XYP F . 0.11 -12.70 -14.16
O3 XYP F . 0.87 -10.06 -13.44
O4 XYP F . 2.61 -9.64 -11.41
O5 XYP F . 1.29 -12.93 -10.69
C1 XYP F . 2.10 -8.51 -10.64
C2 XYP F . 3.12 -7.41 -10.70
C3 XYP F . 2.63 -6.16 -9.92
C4 XYP F . 1.09 -6.02 -9.70
C5 XYP F . 0.25 -7.28 -10.02
O2 XYP F . 4.39 -7.88 -10.14
O3 XYP F . 3.08 -5.04 -10.71
O4 XYP F . 0.80 -5.68 -8.34
O5 XYP F . 0.86 -7.97 -11.13
C1 XYP F . -0.35 -4.72 -8.31
C2 XYP F . -1.54 -5.12 -7.39
C3 XYP F . -2.63 -4.00 -7.33
C4 XYP F . -1.87 -2.70 -6.88
C5 XYP F . -0.68 -2.44 -7.82
O2 XYP F . -2.11 -6.35 -7.83
O3 XYP F . -3.74 -4.38 -6.41
O4 XYP F . -2.60 -1.44 -6.98
O5 XYP F . 0.22 -3.54 -7.80
O5 AHR F . -6.69 -8.01 -8.45
C5 AHR F . -7.42 -6.78 -8.25
C4 AHR F . -6.39 -5.69 -8.17
O4 AHR F . -5.78 -5.71 -6.86
C3 AHR F . -7.03 -4.32 -8.26
O3 AHR F . -7.30 -3.92 -9.64
C2 AHR F . -5.97 -3.47 -7.67
O2 AHR F . -6.67 -2.30 -7.10
C1 AHR F . -5.29 -4.38 -6.58
C1 XYP F . -3.68 -1.14 -6.26
C2 XYP F . -4.66 -0.18 -6.83
C3 XYP F . -4.97 0.64 -5.60
C4 XYP F . -5.15 -0.26 -4.34
C5 XYP F . -4.24 -1.48 -4.29
O2 XYP F . -4.14 0.73 -7.77
O3 XYP F . -6.19 1.23 -5.77
O4 XYP F . -4.95 0.53 -3.17
O5 XYP F . -4.32 -2.07 -5.51
O1 XYP G . -23.35 -34.51 38.80
C1 XYP G . -23.60 -33.46 37.84
C2 XYP G . -24.91 -32.83 38.10
C3 XYP G . -25.12 -31.67 37.17
C4 XYP G . -23.95 -30.71 37.25
C5 XYP G . -22.78 -31.44 36.79
O2 XYP G . -25.95 -33.79 37.87
O3 XYP G . -26.29 -31.01 37.50
O4 XYP G . -24.24 -29.55 36.43
O5 XYP G . -22.56 -32.42 37.84
C1 XYP G . -24.16 -28.27 37.18
C2 XYP G . -24.43 -27.16 36.24
C3 XYP G . -24.43 -25.80 36.95
C4 XYP G . -24.70 -25.82 38.48
C5 XYP G . -24.66 -27.17 39.15
O2 XYP G . -23.41 -27.17 35.16
O3 XYP G . -25.47 -25.05 36.33
O4 XYP G . -23.75 -24.99 39.19
O5 XYP G . -25.15 -28.19 38.22
C1 XYP G . -24.44 -24.31 40.34
C2 XYP G . -23.78 -24.49 41.72
C3 XYP G . -24.50 -23.58 42.81
C4 XYP G . -24.47 -22.13 42.27
C5 XYP G . -25.05 -22.08 40.86
O2 XYP G . -23.80 -25.87 42.10
O3 XYP G . -23.81 -23.73 44.16
O4 XYP G . -25.29 -21.12 42.95
O5 XYP G . -24.31 -22.93 39.98
O5 AHR G . -24.82 -28.28 46.27
C5 AHR G . -25.42 -27.20 47.02
C4 AHR G . -25.50 -26.04 46.11
O4 AHR G . -24.20 -25.43 45.95
C3 AHR G . -26.35 -24.92 46.73
O3 AHR G . -27.79 -25.15 46.58
C2 AHR G . -25.93 -23.78 45.92
O2 AHR G . -26.11 -22.59 46.76
C1 AHR G . -24.40 -24.05 45.58
C1 XYP G . -25.07 -20.72 44.19
C2 XYP G . -26.22 -20.25 44.99
C3 XYP G . -25.60 -19.07 45.67
C4 XYP G . -24.19 -19.39 46.18
C5 XYP G . -23.39 -20.33 45.30
O2 XYP G . -27.32 -19.76 44.21
O3 XYP G . -26.33 -18.75 46.81
O4 XYP G . -23.45 -18.18 46.38
O5 XYP G . -24.19 -21.38 45.02
O1 XYP H . -34.67 14.98 -12.96
C1 XYP H . -34.42 13.92 -12.01
C2 XYP H . -35.37 12.77 -12.26
C3 XYP H . -35.03 11.65 -11.29
C4 XYP H . -33.59 11.28 -11.42
C5 XYP H . -32.82 12.43 -10.96
O2 XYP H . -36.70 13.21 -12.01
O3 XYP H . -35.83 10.55 -11.59
O4 XYP H . -33.33 10.11 -10.60
O5 XYP H . -33.05 13.43 -12.03
C1 XYP H . -32.76 8.98 -11.34
C2 XYP H . -32.52 7.88 -10.38
C3 XYP H . -31.97 6.62 -11.09
C4 XYP H . -32.26 6.50 -12.62
C5 XYP H . -32.82 7.76 -13.30
O2 XYP H . -31.57 8.31 -9.33
O3 XYP H . -32.58 5.49 -10.44
O4 XYP H . -31.05 6.14 -13.34
O5 XYP H . -33.64 8.48 -12.37
C1 XYP H . -31.39 5.22 -14.46
C2 XYP H . -30.90 5.63 -15.88
C3 XYP H . -31.21 4.51 -16.95
C4 XYP H . -30.57 3.19 -16.40
C5 XYP H . -31.06 2.94 -14.98
O2 XYP H . -31.48 6.86 -16.30
O3 XYP H . -30.70 4.92 -18.30
O4 XYP H . -30.89 1.94 -17.05
O5 XYP H . -30.73 4.02 -14.11
O5 AHR H . -33.54 8.56 -20.41
C5 AHR H . -33.66 7.36 -21.15
C4 AHR H . -33.25 6.25 -20.23
O4 AHR H . -31.79 6.26 -20.06
C3 AHR H . -33.54 4.91 -20.80
O3 AHR H . -34.95 4.48 -20.63
C2 AHR H . -32.64 4.03 -20.00
O2 AHR H . -32.36 2.89 -20.87
C1 AHR H . -31.37 4.94 -19.70
C1 XYP H . -30.57 1.63 -18.31
C2 XYP H . -31.43 0.71 -19.06
C3 XYP H . -30.39 -0.12 -19.77
C4 XYP H . -29.24 0.76 -20.32
C5 XYP H . -28.89 1.98 -19.48
O2 XYP H . -32.19 -0.20 -18.26
O3 XYP H . -30.94 -0.66 -20.89
O4 XYP H . -28.07 -0.02 -20.51
O5 XYP H . -30.07 2.59 -19.18
#